data_7NNQ
#
_entry.id   7NNQ
#
_cell.length_a   69.050
_cell.length_b   133.830
_cell.length_c   83.050
_cell.angle_alpha   90.000
_cell.angle_beta   109.390
_cell.angle_gamma   90.000
#
_symmetry.space_group_name_H-M   'P 1 21 1'
#
loop_
_entity.id
_entity.type
_entity.pdbx_description
1 polymer 'N-acetyl-gamma-glutamyl-phosphate reductase'
2 non-polymer 'NADP NICOTINAMIDE-ADENINE-DINUCLEOTIDE PHOSPHATE'
3 non-polymer 2-[BIS-(2-HYDROXY-ETHYL)-AMINO]-2-HYDROXYMETHYL-PROPANE-1,3-DIOL
4 water water
#
_entity_poly.entity_id   1
_entity_poly.type   'polypeptide(L)'
_entity_poly.pdbx_seq_one_letter_code
;ATKVAVAGASGYAGGEILRLLLGHPAYADGRLRIGALTAATSAGSTLGEHHPHLTPLAHRVVEPTEAAVLGGHDAVFLAL
PHGHSAVLAQQLSPETLIIDCGADFRLTDAAVWERFYGSSHAGSWPYGLPELPGARDQLRGTRRIAVPGCYPTAALLALF
PALAADLIEPAVTVVAVSGTSGAGRAATTDLLGAEVIGSARAYNIAGVHRHTPEIAQGLRAVTDRDVSVSFTPVLIPASR
GILATCTARTRSPLSQLRAAYEKAYHAEPFIYLMPEGQLPRTGAVIGSNAAHIAVAVDEDAQTFVAIAAIDNLVKGTAGA
AVQSMNLALGWPETDGLSVVGVAP
;
_entity_poly.pdbx_strand_id   A,B,C,D
#
loop_
_chem_comp.id
_chem_comp.type
_chem_comp.name
_chem_comp.formula
BTB non-polymer 2-[BIS-(2-HYDROXY-ETHYL)-AMINO]-2-HYDROXYMETHYL-PROPANE-1,3-DIOL 'C8 H19 N O5'
NAP non-polymer 'NADP NICOTINAMIDE-ADENINE-DINUCLEOTIDE PHOSPHATE' 'C21 H28 N7 O17 P3'
#
# COMPACT_ATOMS: atom_id res chain seq x y z
N ALA A 1 -40.58 15.48 8.76
CA ALA A 1 -39.30 14.77 8.73
C ALA A 1 -39.15 13.93 7.46
N THR A 2 -37.99 14.09 6.81
CA THR A 2 -37.68 13.36 5.59
C THR A 2 -37.15 11.98 5.97
N LYS A 3 -37.90 10.93 5.64
CA LYS A 3 -37.48 9.56 5.93
C LYS A 3 -36.75 9.01 4.72
N VAL A 4 -35.55 8.46 4.95
CA VAL A 4 -34.63 8.07 3.88
C VAL A 4 -34.42 6.57 3.90
N ALA A 5 -34.55 5.95 2.74
CA ALA A 5 -34.18 4.55 2.58
C ALA A 5 -32.94 4.47 1.70
N VAL A 6 -32.12 3.45 1.95
CA VAL A 6 -30.93 3.21 1.12
C VAL A 6 -30.99 1.77 0.62
N ALA A 7 -31.21 1.61 -0.69
CA ALA A 7 -31.13 0.30 -1.33
C ALA A 7 -29.71 0.07 -1.80
N GLY A 8 -29.21 -1.14 -1.59
CA GLY A 8 -27.79 -1.37 -1.76
C GLY A 8 -26.98 -0.89 -0.57
N ALA A 9 -27.57 -0.95 0.63
CA ALA A 9 -26.92 -0.43 1.83
C ALA A 9 -25.65 -1.18 2.21
N SER A 10 -25.52 -2.45 1.81
CA SER A 10 -24.35 -3.25 2.16
C SER A 10 -23.15 -3.02 1.26
N GLY A 11 -23.31 -2.28 0.16
CA GLY A 11 -22.21 -2.01 -0.76
C GLY A 11 -21.40 -0.79 -0.35
N TYR A 12 -20.37 -0.51 -1.16
CA TYR A 12 -19.48 0.62 -0.86
C TYR A 12 -20.20 1.95 -1.01
N ALA A 13 -20.95 2.15 -2.11
CA ALA A 13 -21.62 3.44 -2.27
C ALA A 13 -22.69 3.62 -1.23
N GLY A 14 -23.46 2.56 -0.95
CA GLY A 14 -24.47 2.64 0.09
C GLY A 14 -23.87 2.93 1.45
N GLY A 15 -22.76 2.26 1.78
CA GLY A 15 -22.10 2.53 3.05
C GLY A 15 -21.62 3.97 3.14
N GLU A 16 -21.20 4.55 2.02
CA GLU A 16 -20.69 5.90 2.09
C GLU A 16 -21.82 6.92 2.14
N ILE A 17 -22.94 6.63 1.48
CA ILE A 17 -24.12 7.47 1.68
C ILE A 17 -24.49 7.48 3.16
N LEU A 18 -24.46 6.31 3.79
CA LEU A 18 -24.84 6.23 5.21
C LEU A 18 -23.85 6.98 6.08
N ARG A 19 -22.55 6.87 5.79
CA ARG A 19 -21.56 7.65 6.56
C ARG A 19 -21.86 9.13 6.48
N LEU A 20 -22.21 9.64 5.29
CA LEU A 20 -22.49 11.06 5.11
C LEU A 20 -23.80 11.46 5.81
N LEU A 21 -24.83 10.61 5.74
CA LEU A 21 -26.08 10.95 6.40
C LEU A 21 -25.90 11.01 7.92
N LEU A 22 -25.11 10.09 8.50
CA LEU A 22 -24.87 10.13 9.94
C LEU A 22 -24.23 11.44 10.38
N GLY A 23 -23.46 12.08 9.50
CA GLY A 23 -22.82 13.34 9.84
C GLY A 23 -23.57 14.57 9.36
N HIS A 24 -24.72 14.39 8.75
CA HIS A 24 -25.48 15.45 8.13
C HIS A 24 -26.25 16.22 9.21
N PRO A 25 -26.30 17.56 9.12
CA PRO A 25 -27.00 18.32 10.16
C PRO A 25 -28.48 18.00 10.25
N ALA A 26 -29.11 17.56 9.15
CA ALA A 26 -30.53 17.22 9.21
C ALA A 26 -30.75 15.93 9.99
N TYR A 27 -29.77 15.02 9.98
CA TYR A 27 -29.84 13.88 10.88
C TYR A 27 -29.73 14.33 12.33
N ALA A 28 -28.81 15.25 12.63
CA ALA A 28 -28.59 15.66 14.02
C ALA A 28 -29.80 16.38 14.61
N ASP A 29 -30.51 17.19 13.83
CA ASP A 29 -31.66 17.90 14.37
C ASP A 29 -33.00 17.22 14.08
N GLY A 30 -32.98 15.95 13.67
CA GLY A 30 -34.21 15.20 13.48
C GLY A 30 -34.98 15.47 12.20
N ARG A 31 -34.51 16.38 11.34
CA ARG A 31 -35.17 16.63 10.06
C ARG A 31 -35.03 15.45 9.11
N LEU A 32 -34.05 14.58 9.32
CA LEU A 32 -33.81 13.44 8.45
C LEU A 32 -33.72 12.18 9.29
N ARG A 33 -34.50 11.16 8.95
CA ARG A 33 -34.39 9.87 9.61
C ARG A 33 -33.84 8.86 8.64
N ILE A 34 -32.96 7.99 9.14
CA ILE A 34 -32.40 6.91 8.35
C ILE A 34 -33.32 5.70 8.52
N GLY A 35 -34.06 5.37 7.46
CA GLY A 35 -35.06 4.32 7.53
C GLY A 35 -34.56 2.97 7.04
N ALA A 36 -35.29 2.40 6.09
CA ALA A 36 -34.99 1.03 5.66
C ALA A 36 -33.67 0.95 4.91
N LEU A 37 -32.90 -0.10 5.19
CA LEU A 37 -31.61 -0.37 4.57
C LEU A 37 -31.72 -1.73 3.87
N THR A 38 -31.69 -1.73 2.55
CA THR A 38 -32.00 -2.96 1.79
C THR A 38 -30.83 -3.44 0.92
N ALA A 39 -30.91 -4.69 0.49
CA ALA A 39 -29.90 -5.31 -0.38
C ALA A 39 -30.51 -6.54 -1.06
N ALA A 40 -29.70 -7.52 -1.41
CA ALA A 40 -30.22 -8.74 -2.06
C ALA A 40 -29.91 -9.94 -1.16
N THR A 41 -28.79 -10.60 -1.37
CA THR A 41 -28.45 -11.79 -0.55
C THR A 41 -28.05 -11.41 0.89
N SER A 42 -27.66 -10.16 1.13
CA SER A 42 -27.29 -9.80 2.51
C SER A 42 -28.50 -9.47 3.39
N ALA A 43 -29.72 -9.49 2.84
CA ALA A 43 -30.95 -9.28 3.64
C ALA A 43 -30.98 -10.30 4.77
N GLY A 44 -31.28 -9.83 5.98
CA GLY A 44 -31.33 -10.67 7.18
C GLY A 44 -30.09 -10.49 8.02
N SER A 45 -29.01 -9.99 7.44
CA SER A 45 -27.77 -9.75 8.22
C SER A 45 -27.81 -8.37 8.87
N THR A 46 -26.91 -8.10 9.80
CA THR A 46 -26.83 -6.77 10.39
C THR A 46 -25.83 -5.92 9.61
N LEU A 47 -26.02 -4.60 9.66
CA LEU A 47 -25.17 -3.72 8.86
C LEU A 47 -23.71 -3.81 9.29
N GLY A 48 -23.46 -4.09 10.57
CA GLY A 48 -22.10 -4.17 11.08
C GLY A 48 -21.27 -5.28 10.46
N GLU A 49 -21.92 -6.33 9.96
CA GLU A 49 -21.25 -7.38 9.20
C GLU A 49 -20.75 -6.93 7.85
N HIS A 50 -21.13 -5.74 7.41
CA HIS A 50 -20.69 -5.15 6.14
C HIS A 50 -19.92 -3.86 6.32
N HIS A 51 -20.32 -3.02 7.29
CA HIS A 51 -19.74 -1.69 7.49
C HIS A 51 -19.37 -1.51 8.95
N PRO A 52 -18.30 -2.15 9.41
CA PRO A 52 -17.91 -2.01 10.84
C PRO A 52 -17.48 -0.61 11.22
N HIS A 53 -17.23 0.28 10.25
CA HIS A 53 -16.94 1.66 10.58
C HIS A 53 -18.20 2.44 10.96
N LEU A 54 -19.37 1.94 10.60
CA LEU A 54 -20.63 2.65 10.88
C LEU A 54 -21.27 2.11 12.16
N THR A 55 -20.52 2.13 13.25
CA THR A 55 -21.01 1.49 14.48
C THR A 55 -22.37 2.01 14.94
N PRO A 56 -22.74 3.29 14.82
CA PRO A 56 -24.08 3.69 15.26
C PRO A 56 -25.21 2.98 14.53
N LEU A 57 -24.95 2.37 13.36
CA LEU A 57 -25.95 1.64 12.61
C LEU A 57 -25.68 0.14 12.57
N ALA A 58 -24.72 -0.34 13.37
CA ALA A 58 -24.23 -1.72 13.22
C ALA A 58 -25.33 -2.74 13.48
N HIS A 59 -26.28 -2.39 14.35
CA HIS A 59 -27.38 -3.25 14.75
C HIS A 59 -28.52 -3.30 13.73
N ARG A 60 -28.56 -2.39 12.75
CA ARG A 60 -29.66 -2.38 11.80
C ARG A 60 -29.68 -3.69 11.00
N VAL A 61 -30.88 -4.21 10.76
CA VAL A 61 -31.03 -5.44 10.00
C VAL A 61 -31.32 -5.09 8.55
N VAL A 62 -30.53 -5.67 7.64
CA VAL A 62 -30.71 -5.40 6.22
C VAL A 62 -31.95 -6.11 5.72
N GLU A 63 -32.77 -5.41 4.96
CA GLU A 63 -34.05 -5.89 4.48
C GLU A 63 -33.99 -6.20 3.00
N PRO A 64 -34.97 -6.94 2.47
CA PRO A 64 -35.03 -7.13 1.01
C PRO A 64 -35.33 -5.83 0.31
N THR A 65 -34.84 -5.73 -0.92
CA THR A 65 -35.10 -4.57 -1.78
C THR A 65 -36.43 -4.83 -2.48
N GLU A 66 -37.51 -4.45 -1.81
CA GLU A 66 -38.87 -4.68 -2.31
C GLU A 66 -39.66 -3.39 -2.16
N ALA A 67 -40.49 -3.12 -3.16
CA ALA A 67 -41.28 -1.89 -3.16
C ALA A 67 -42.06 -1.71 -1.86
N ALA A 68 -42.50 -2.80 -1.23
CA ALA A 68 -43.18 -2.65 0.05
C ALA A 68 -42.25 -2.12 1.13
N VAL A 69 -40.96 -2.45 1.05
CA VAL A 69 -40.00 -1.98 2.04
C VAL A 69 -39.56 -0.55 1.76
N LEU A 70 -39.34 -0.21 0.49
CA LEU A 70 -38.90 1.13 0.14
C LEU A 70 -40.03 2.15 0.22
N GLY A 71 -41.28 1.70 0.22
CA GLY A 71 -42.39 2.62 0.29
C GLY A 71 -42.50 3.27 1.65
N GLY A 72 -43.21 4.39 1.69
CA GLY A 72 -43.27 5.13 2.93
C GLY A 72 -42.01 5.88 3.26
N HIS A 73 -41.14 6.10 2.28
CA HIS A 73 -39.94 6.91 2.47
C HIS A 73 -40.00 8.13 1.55
N ASP A 74 -39.64 9.28 2.09
CA ASP A 74 -39.65 10.51 1.30
C ASP A 74 -38.49 10.56 0.31
N ALA A 75 -37.39 9.89 0.62
CA ALA A 75 -36.22 9.88 -0.25
C ALA A 75 -35.67 8.47 -0.25
N VAL A 76 -35.27 7.99 -1.43
CA VAL A 76 -34.72 6.65 -1.59
C VAL A 76 -33.46 6.76 -2.45
N PHE A 77 -32.32 6.38 -1.87
CA PHE A 77 -31.07 6.26 -2.61
C PHE A 77 -30.99 4.85 -3.18
N LEU A 78 -30.64 4.74 -4.45
CA LEU A 78 -30.42 3.45 -5.08
C LEU A 78 -28.92 3.32 -5.32
N ALA A 79 -28.27 2.48 -4.52
CA ALA A 79 -26.83 2.28 -4.64
C ALA A 79 -26.60 0.86 -5.16
N LEU A 80 -27.23 0.56 -6.29
CA LEU A 80 -27.25 -0.75 -6.92
C LEU A 80 -26.45 -0.74 -8.21
N PRO A 81 -25.94 -1.89 -8.64
CA PRO A 81 -25.47 -2.00 -10.03
C PRO A 81 -26.59 -1.59 -10.99
N HIS A 82 -26.20 -1.12 -12.17
CA HIS A 82 -27.20 -0.68 -13.14
C HIS A 82 -28.09 -1.85 -13.55
N GLY A 83 -29.35 -1.53 -13.87
CA GLY A 83 -30.29 -2.54 -14.33
C GLY A 83 -31.59 -2.63 -13.56
N HIS A 84 -31.66 -2.03 -12.36
CA HIS A 84 -32.82 -2.20 -11.49
C HIS A 84 -33.61 -0.93 -11.22
N SER A 85 -33.13 0.24 -11.67
CA SER A 85 -33.71 1.50 -11.23
C SER A 85 -35.06 1.77 -11.86
N ALA A 86 -35.22 1.43 -13.14
CA ALA A 86 -36.46 1.72 -13.83
C ALA A 86 -37.64 1.04 -13.13
N VAL A 87 -37.50 -0.26 -12.88
CA VAL A 87 -38.59 -1.00 -12.25
C VAL A 87 -38.87 -0.44 -10.85
N LEU A 88 -37.81 -0.28 -10.04
CA LEU A 88 -38.01 0.20 -8.68
C LEU A 88 -38.62 1.60 -8.70
N ALA A 89 -38.21 2.45 -9.63
CA ALA A 89 -38.78 3.80 -9.70
C ALA A 89 -40.22 3.79 -10.18
N GLN A 90 -40.61 2.80 -11.01
CA GLN A 90 -42.02 2.71 -11.41
C GLN A 90 -42.92 2.44 -10.22
N GLN A 91 -42.40 1.75 -9.21
CA GLN A 91 -43.20 1.31 -8.09
C GLN A 91 -43.26 2.32 -6.94
N LEU A 92 -42.48 3.40 -7.00
CA LEU A 92 -42.49 4.42 -5.96
C LEU A 92 -43.24 5.65 -6.46
N SER A 93 -43.72 6.45 -5.51
CA SER A 93 -44.54 7.60 -5.82
C SER A 93 -43.75 8.62 -6.64
N PRO A 94 -44.42 9.38 -7.49
CA PRO A 94 -43.73 10.46 -8.21
C PRO A 94 -43.21 11.55 -7.28
N GLU A 95 -43.79 11.69 -6.09
CA GLU A 95 -43.31 12.68 -5.14
C GLU A 95 -42.12 12.19 -4.33
N THR A 96 -41.85 10.89 -4.34
CA THR A 96 -40.66 10.38 -3.67
C THR A 96 -39.41 10.84 -4.40
N LEU A 97 -38.46 11.40 -3.66
CA LEU A 97 -37.16 11.72 -4.22
C LEU A 97 -36.38 10.43 -4.44
N ILE A 98 -35.99 10.17 -5.69
CA ILE A 98 -35.18 8.99 -6.02
C ILE A 98 -33.83 9.47 -6.53
N ILE A 99 -32.75 9.02 -5.89
CA ILE A 99 -31.39 9.38 -6.25
C ILE A 99 -30.67 8.09 -6.63
N ASP A 100 -30.31 7.95 -7.90
CA ASP A 100 -29.76 6.72 -8.44
C ASP A 100 -28.26 6.88 -8.63
N CYS A 101 -27.46 6.08 -7.90
CA CYS A 101 -26.02 6.10 -8.09
C CYS A 101 -25.59 5.43 -9.38
N GLY A 102 -26.43 4.55 -9.94
CA GLY A 102 -26.09 3.80 -11.13
C GLY A 102 -26.30 4.59 -12.39
N ALA A 103 -25.98 3.95 -13.52
CA ALA A 103 -25.92 4.61 -14.82
C ALA A 103 -27.27 4.70 -15.55
N ASP A 104 -28.31 3.99 -15.09
CA ASP A 104 -29.48 3.73 -15.93
C ASP A 104 -30.08 5.00 -16.53
N PHE A 105 -30.09 6.10 -15.77
CA PHE A 105 -30.74 7.33 -16.22
C PHE A 105 -29.75 8.46 -16.50
N ARG A 106 -28.47 8.14 -16.74
CA ARG A 106 -27.46 9.18 -16.98
C ARG A 106 -27.44 9.69 -18.42
N LEU A 107 -27.58 8.81 -19.40
CA LEU A 107 -27.32 9.15 -20.79
C LEU A 107 -28.59 9.65 -21.50
N THR A 108 -28.43 10.66 -22.35
CA THR A 108 -29.54 11.30 -23.04
C THR A 108 -29.70 10.86 -24.48
N ASP A 109 -28.88 9.92 -24.96
CA ASP A 109 -28.93 9.44 -26.35
C ASP A 109 -29.12 7.93 -26.31
N ALA A 110 -30.30 7.47 -26.75
CA ALA A 110 -30.63 6.05 -26.67
C ALA A 110 -29.65 5.21 -27.45
N ALA A 111 -29.20 5.69 -28.62
CA ALA A 111 -28.30 4.87 -29.43
C ALA A 111 -26.95 4.71 -28.75
N VAL A 112 -26.47 5.76 -28.08
CA VAL A 112 -25.22 5.66 -27.33
C VAL A 112 -25.38 4.66 -26.19
N TRP A 113 -26.50 4.75 -25.45
CA TRP A 113 -26.74 3.78 -24.39
C TRP A 113 -26.70 2.35 -24.95
N GLU A 114 -27.45 2.11 -26.03
CA GLU A 114 -27.51 0.75 -26.57
C GLU A 114 -26.12 0.25 -26.95
N ARG A 115 -25.32 1.10 -27.58
CA ARG A 115 -23.98 0.69 -28.02
C ARG A 115 -23.07 0.32 -26.84
N PHE A 116 -23.14 1.07 -25.74
CA PHE A 116 -22.19 0.84 -24.66
C PHE A 116 -22.70 -0.10 -23.57
N TYR A 117 -24.02 -0.21 -23.40
CA TYR A 117 -24.61 -1.01 -22.34
C TYR A 117 -25.38 -2.23 -22.86
N GLY A 118 -25.68 -2.31 -24.16
CA GLY A 118 -26.19 -3.54 -24.73
C GLY A 118 -27.62 -3.85 -24.40
N SER A 119 -28.38 -2.84 -23.98
CA SER A 119 -29.77 -3.00 -23.58
C SER A 119 -30.56 -1.77 -24.01
N SER A 120 -31.88 -1.87 -23.87
CA SER A 120 -32.74 -0.75 -24.21
C SER A 120 -32.53 0.42 -23.24
N HIS A 121 -32.65 1.63 -23.77
CA HIS A 121 -32.46 2.85 -22.98
C HIS A 121 -33.66 3.11 -22.07
N ALA A 122 -33.37 3.40 -20.79
CA ALA A 122 -34.43 3.71 -19.83
C ALA A 122 -34.92 5.15 -19.92
N GLY A 123 -34.12 6.06 -20.46
CA GLY A 123 -34.43 7.48 -20.43
C GLY A 123 -33.35 8.23 -19.67
N SER A 124 -33.63 9.45 -19.22
CA SER A 124 -32.62 10.21 -18.49
C SER A 124 -33.28 11.06 -17.44
N TRP A 125 -32.57 11.26 -16.33
CA TRP A 125 -32.95 12.10 -15.21
C TRP A 125 -31.93 13.21 -15.03
N PRO A 126 -32.31 14.30 -14.34
CA PRO A 126 -31.34 15.37 -14.06
C PRO A 126 -30.03 14.83 -13.50
N TYR A 127 -28.92 15.28 -14.10
CA TYR A 127 -27.58 14.76 -13.82
C TYR A 127 -27.02 15.40 -12.54
N GLY A 128 -26.63 14.55 -11.58
CA GLY A 128 -26.24 15.03 -10.26
C GLY A 128 -24.84 15.62 -10.13
N LEU A 129 -24.46 16.53 -11.04
CA LEU A 129 -23.16 17.21 -11.04
C LEU A 129 -23.45 18.72 -11.01
N PRO A 130 -23.73 19.28 -9.82
CA PRO A 130 -24.26 20.65 -9.78
C PRO A 130 -23.35 21.70 -10.36
N GLU A 131 -22.04 21.44 -10.43
CA GLU A 131 -21.09 22.41 -10.95
C GLU A 131 -21.15 22.56 -12.47
N LEU A 132 -21.75 21.61 -13.17
CA LEU A 132 -21.84 21.72 -14.62
C LEU A 132 -22.77 22.88 -14.98
N PRO A 133 -22.43 23.67 -16.00
CA PRO A 133 -23.34 24.76 -16.39
C PRO A 133 -24.75 24.23 -16.65
N GLY A 134 -25.73 24.84 -15.98
CA GLY A 134 -27.12 24.49 -16.14
C GLY A 134 -27.61 23.34 -15.29
N ALA A 135 -26.72 22.60 -14.64
CA ALA A 135 -27.13 21.40 -13.91
C ALA A 135 -27.82 21.75 -12.60
N ARG A 136 -27.28 22.73 -11.88
CA ARG A 136 -27.84 23.08 -10.58
C ARG A 136 -29.32 23.43 -10.68
N ASP A 137 -29.69 24.21 -11.70
CA ASP A 137 -31.09 24.63 -11.84
C ASP A 137 -32.00 23.43 -12.09
N GLN A 138 -31.51 22.39 -12.78
CA GLN A 138 -32.34 21.21 -13.01
C GLN A 138 -32.54 20.37 -11.77
N LEU A 139 -31.68 20.53 -10.75
CA LEU A 139 -31.72 19.70 -9.56
C LEU A 139 -32.56 20.29 -8.44
N ARG A 140 -32.70 21.62 -8.39
CA ARG A 140 -33.53 22.26 -7.38
C ARG A 140 -34.97 21.76 -7.47
N GLY A 141 -35.47 21.19 -6.38
CA GLY A 141 -36.83 20.69 -6.32
C GLY A 141 -37.13 19.46 -7.15
N THR A 142 -36.14 18.85 -7.80
CA THR A 142 -36.43 17.66 -8.61
C THR A 142 -36.72 16.47 -7.70
N ARG A 143 -37.41 15.47 -8.27
CA ARG A 143 -37.66 14.22 -7.54
C ARG A 143 -36.92 13.03 -8.15
N ARG A 144 -36.08 13.26 -9.15
CA ARG A 144 -35.31 12.20 -9.80
C ARG A 144 -33.92 12.73 -10.10
N ILE A 145 -32.90 11.97 -9.69
CA ILE A 145 -31.52 12.37 -9.91
C ILE A 145 -30.74 11.15 -10.38
N ALA A 146 -29.97 11.30 -11.45
CA ALA A 146 -28.99 10.32 -11.86
C ALA A 146 -27.62 10.85 -11.42
N VAL A 147 -27.00 10.20 -10.46
CA VAL A 147 -25.67 10.62 -9.99
C VAL A 147 -24.64 10.27 -11.05
N PRO A 148 -23.66 11.13 -11.33
CA PRO A 148 -22.64 10.81 -12.34
C PRO A 148 -21.75 9.65 -11.93
N GLY A 149 -21.11 9.05 -12.93
CA GLY A 149 -19.99 8.17 -12.66
C GLY A 149 -18.79 8.91 -12.10
N CYS A 150 -17.88 8.17 -11.46
CA CYS A 150 -16.77 8.85 -10.77
C CYS A 150 -15.76 9.42 -11.75
N TYR A 151 -15.35 8.64 -12.76
CA TYR A 151 -14.41 9.20 -13.74
C TYR A 151 -14.97 10.40 -14.48
N PRO A 152 -16.22 10.40 -14.96
CA PRO A 152 -16.74 11.62 -15.61
C PRO A 152 -16.74 12.84 -14.71
N THR A 153 -17.00 12.65 -13.41
CA THR A 153 -16.97 13.78 -12.50
C THR A 153 -15.62 14.46 -12.52
N ALA A 154 -14.54 13.68 -12.37
CA ALA A 154 -13.20 14.25 -12.38
C ALA A 154 -12.87 14.88 -13.74
N ALA A 155 -13.13 14.14 -14.82
CA ALA A 155 -12.77 14.63 -16.15
C ALA A 155 -13.52 15.89 -16.50
N LEU A 156 -14.83 15.93 -16.23
CA LEU A 156 -15.65 17.08 -16.61
C LEU A 156 -15.26 18.32 -15.81
N LEU A 157 -14.97 18.16 -14.51
CA LEU A 157 -14.50 19.30 -13.73
C LEU A 157 -13.15 19.80 -14.25
N ALA A 158 -12.28 18.88 -14.68
CA ALA A 158 -10.98 19.29 -15.20
C ALA A 158 -11.10 20.05 -16.52
N LEU A 159 -12.10 19.73 -17.34
CA LEU A 159 -12.09 20.15 -18.73
C LEU A 159 -13.16 21.16 -19.13
N PHE A 160 -14.34 21.17 -18.52
CA PHE A 160 -15.42 21.97 -19.10
C PHE A 160 -15.12 23.47 -19.13
N PRO A 161 -14.43 24.08 -18.14
CA PRO A 161 -14.18 25.53 -18.26
C PRO A 161 -13.35 25.90 -19.49
N ALA A 162 -12.28 25.14 -19.76
CA ALA A 162 -11.49 25.42 -20.95
C ALA A 162 -12.30 25.21 -22.22
N LEU A 163 -13.12 24.15 -22.27
CA LEU A 163 -13.87 23.87 -23.48
C LEU A 163 -15.02 24.84 -23.66
N ALA A 164 -15.68 25.22 -22.56
CA ALA A 164 -16.80 26.16 -22.67
C ALA A 164 -16.34 27.54 -23.12
N ALA A 165 -15.11 27.92 -22.78
CA ALA A 165 -14.52 29.20 -23.18
C ALA A 165 -13.90 29.15 -24.58
N ASP A 166 -14.00 28.03 -25.28
CA ASP A 166 -13.34 27.80 -26.57
C ASP A 166 -11.84 28.05 -26.51
N LEU A 167 -11.20 27.59 -25.43
CA LEU A 167 -9.76 27.79 -25.27
C LEU A 167 -8.95 26.55 -25.57
N ILE A 168 -9.60 25.41 -25.86
CA ILE A 168 -8.92 24.18 -26.24
C ILE A 168 -9.67 23.56 -27.41
N GLU A 169 -8.98 22.67 -28.13
CA GLU A 169 -9.63 21.83 -29.13
C GLU A 169 -10.59 20.84 -28.46
N PRO A 170 -11.61 20.37 -29.19
CA PRO A 170 -12.61 19.48 -28.58
C PRO A 170 -12.23 18.01 -28.58
N ALA A 171 -11.04 17.66 -29.07
CA ALA A 171 -10.50 16.30 -28.99
C ALA A 171 -9.67 16.19 -27.71
N VAL A 172 -10.23 15.56 -26.68
CA VAL A 172 -9.59 15.53 -25.36
C VAL A 172 -9.07 14.13 -25.07
N THR A 173 -8.00 14.07 -24.28
CA THR A 173 -7.43 12.84 -23.76
C THR A 173 -7.57 12.83 -22.23
N VAL A 174 -7.99 11.71 -21.67
CA VAL A 174 -8.10 11.56 -20.21
C VAL A 174 -7.43 10.25 -19.82
N VAL A 175 -6.43 10.32 -18.94
CA VAL A 175 -5.85 9.12 -18.35
C VAL A 175 -6.05 9.29 -16.86
N ALA A 176 -6.87 8.43 -16.25
CA ALA A 176 -7.27 8.63 -14.87
C ALA A 176 -6.90 7.40 -14.05
N VAL A 177 -6.17 7.62 -12.95
CA VAL A 177 -5.86 6.55 -11.99
C VAL A 177 -6.95 6.52 -10.95
N SER A 178 -7.26 5.32 -10.45
CA SER A 178 -8.36 5.15 -9.50
C SER A 178 -7.96 4.13 -8.47
N GLY A 179 -8.34 4.38 -7.22
CA GLY A 179 -8.30 3.36 -6.19
C GLY A 179 -9.32 2.26 -6.48
N THR A 180 -9.17 1.15 -5.77
CA THR A 180 -9.94 -0.03 -6.14
C THR A 180 -11.36 -0.05 -5.62
N SER A 181 -11.73 0.81 -4.65
CA SER A 181 -13.13 0.79 -4.21
C SER A 181 -14.11 1.18 -5.33
N GLY A 182 -13.63 1.80 -6.41
CA GLY A 182 -14.54 2.16 -7.49
C GLY A 182 -15.17 0.96 -8.17
N ALA A 183 -14.60 -0.22 -8.00
CA ALA A 183 -15.15 -1.42 -8.65
C ALA A 183 -16.24 -2.06 -7.80
N GLY A 184 -16.48 -1.57 -6.59
CA GLY A 184 -17.49 -2.22 -5.76
C GLY A 184 -16.91 -3.34 -4.91
N ARG A 185 -17.71 -3.88 -4.00
CA ARG A 185 -17.18 -4.89 -3.07
C ARG A 185 -17.47 -6.33 -3.51
N ALA A 186 -18.11 -6.52 -4.65
CA ALA A 186 -18.35 -7.90 -5.16
C ALA A 186 -17.00 -8.56 -5.35
N ALA A 187 -16.83 -9.78 -4.85
CA ALA A 187 -15.54 -10.44 -4.81
C ALA A 187 -15.21 -11.05 -6.17
N THR A 188 -14.15 -10.54 -6.81
CA THR A 188 -13.56 -11.14 -8.00
C THR A 188 -12.09 -11.37 -7.75
N THR A 189 -11.50 -12.30 -8.49
CA THR A 189 -10.08 -12.58 -8.31
C THR A 189 -9.22 -11.37 -8.65
N ASP A 190 -9.65 -10.57 -9.63
CA ASP A 190 -8.84 -9.42 -10.04
C ASP A 190 -8.83 -8.30 -9.02
N LEU A 191 -9.76 -8.29 -8.08
CA LEU A 191 -9.82 -7.25 -7.07
C LEU A 191 -9.24 -7.71 -5.75
N LEU A 192 -8.70 -8.93 -5.69
CA LEU A 192 -8.10 -9.44 -4.47
C LEU A 192 -6.92 -8.56 -4.07
N GLY A 193 -6.76 -8.36 -2.76
CA GLY A 193 -5.71 -7.50 -2.27
C GLY A 193 -4.32 -7.87 -2.74
N ALA A 194 -3.99 -9.17 -2.74
CA ALA A 194 -2.63 -9.54 -3.13
C ALA A 194 -2.35 -9.18 -4.58
N GLU A 195 -3.40 -9.20 -5.43
CA GLU A 195 -3.28 -8.81 -6.83
C GLU A 195 -3.12 -7.31 -6.98
N VAL A 196 -3.93 -6.55 -6.24
CA VAL A 196 -3.99 -5.11 -6.42
C VAL A 196 -2.78 -4.43 -5.78
N ILE A 197 -2.41 -4.87 -4.57
CA ILE A 197 -1.28 -4.26 -3.88
C ILE A 197 -0.02 -4.41 -4.72
N GLY A 198 0.75 -3.32 -4.80
CA GLY A 198 2.03 -3.33 -5.48
C GLY A 198 1.94 -3.37 -6.99
N SER A 199 0.78 -3.12 -7.58
CA SER A 199 0.65 -3.23 -9.04
C SER A 199 -0.29 -2.18 -9.59
N ALA A 200 -0.05 -1.80 -10.85
CA ALA A 200 -0.93 -0.89 -11.58
C ALA A 200 -1.23 -1.47 -12.94
N ARG A 201 -2.45 -1.22 -13.43
CA ARG A 201 -2.81 -1.71 -14.75
C ARG A 201 -3.93 -0.84 -15.34
N ALA A 202 -3.80 -0.54 -16.63
CA ALA A 202 -4.90 0.04 -17.39
C ALA A 202 -5.90 -1.06 -17.76
N TYR A 203 -7.15 -0.66 -17.91
CA TYR A 203 -8.20 -1.63 -18.23
C TYR A 203 -9.26 -0.94 -19.06
N ASN A 204 -10.07 -1.74 -19.76
CA ASN A 204 -11.14 -1.24 -20.63
C ASN A 204 -10.65 -0.05 -21.47
N ILE A 205 -9.55 -0.26 -22.20
CA ILE A 205 -8.87 0.83 -22.89
C ILE A 205 -9.45 1.06 -24.29
N ALA A 206 -9.04 2.16 -24.92
CA ALA A 206 -9.31 2.42 -26.35
C ALA A 206 -10.81 2.56 -26.63
N GLY A 207 -11.55 3.13 -25.70
CA GLY A 207 -12.92 3.51 -25.93
C GLY A 207 -13.96 2.54 -25.47
N VAL A 208 -13.57 1.39 -24.90
CA VAL A 208 -14.59 0.44 -24.50
C VAL A 208 -15.16 0.76 -23.12
N HIS A 209 -14.49 1.61 -22.33
CA HIS A 209 -15.04 1.91 -21.01
C HIS A 209 -16.33 2.73 -21.14
N ARG A 210 -17.35 2.30 -20.40
CA ARG A 210 -18.67 2.90 -20.50
C ARG A 210 -18.72 4.35 -20.04
N HIS A 211 -17.71 4.82 -19.32
CA HIS A 211 -17.72 6.24 -18.93
C HIS A 211 -17.27 7.16 -20.06
N THR A 212 -16.69 6.60 -21.13
CA THR A 212 -16.28 7.41 -22.27
C THR A 212 -17.43 8.23 -22.82
N PRO A 213 -18.58 7.65 -23.20
CA PRO A 213 -19.68 8.50 -23.71
C PRO A 213 -20.25 9.42 -22.66
N GLU A 214 -20.08 9.13 -21.36
CA GLU A 214 -20.56 10.03 -20.35
C GLU A 214 -19.71 11.30 -20.28
N ILE A 215 -18.39 11.14 -20.37
CA ILE A 215 -17.51 12.29 -20.52
C ILE A 215 -17.88 13.07 -21.77
N ALA A 216 -18.10 12.38 -22.89
CA ALA A 216 -18.42 13.09 -24.14
C ALA A 216 -19.73 13.85 -24.03
N GLN A 217 -20.74 13.25 -23.38
CA GLN A 217 -22.02 13.91 -23.22
C GLN A 217 -21.92 15.19 -22.41
N GLY A 218 -21.17 15.15 -21.30
CA GLY A 218 -20.99 16.35 -20.50
C GLY A 218 -20.24 17.46 -21.23
N LEU A 219 -19.27 17.10 -22.07
CA LEU A 219 -18.54 18.11 -22.81
C LEU A 219 -19.39 18.71 -23.93
N ARG A 220 -20.22 17.88 -24.58
CA ARG A 220 -21.09 18.39 -25.63
C ARG A 220 -22.13 19.36 -25.07
N ALA A 221 -22.34 19.35 -23.77
CA ALA A 221 -23.26 20.30 -23.14
C ALA A 221 -22.67 21.71 -23.02
N VAL A 222 -21.38 21.89 -23.33
CA VAL A 222 -20.76 23.21 -23.24
C VAL A 222 -20.14 23.65 -24.55
N THR A 223 -20.28 22.89 -25.63
CA THR A 223 -19.79 23.33 -26.93
C THR A 223 -20.62 22.67 -28.02
N ASP A 224 -20.73 23.35 -29.15
CA ASP A 224 -21.30 22.81 -30.38
C ASP A 224 -20.27 22.07 -31.22
N ARG A 225 -19.02 22.07 -30.80
CA ARG A 225 -17.95 21.51 -31.60
C ARG A 225 -17.95 19.98 -31.53
N ASP A 226 -17.11 19.37 -32.35
CA ASP A 226 -17.13 17.92 -32.56
C ASP A 226 -16.22 17.26 -31.53
N VAL A 227 -16.80 16.88 -30.40
CA VAL A 227 -16.05 16.34 -29.27
C VAL A 227 -15.63 14.90 -29.56
N SER A 228 -14.39 14.56 -29.22
CA SER A 228 -13.97 13.18 -29.13
C SER A 228 -13.23 12.98 -27.80
N VAL A 229 -13.27 11.76 -27.28
CA VAL A 229 -12.73 11.48 -25.96
C VAL A 229 -11.89 10.22 -26.05
N SER A 230 -10.60 10.34 -25.75
CA SER A 230 -9.73 9.17 -25.55
C SER A 230 -9.60 9.01 -24.03
N PHE A 231 -10.18 7.94 -23.49
CA PHE A 231 -10.26 7.76 -22.04
C PHE A 231 -9.61 6.44 -21.65
N THR A 232 -8.60 6.50 -20.78
CA THR A 232 -7.88 5.32 -20.28
C THR A 232 -7.95 5.31 -18.76
N PRO A 233 -8.64 4.36 -18.14
CA PRO A 233 -8.58 4.23 -16.69
C PRO A 233 -7.48 3.29 -16.26
N VAL A 234 -6.87 3.59 -15.10
CA VAL A 234 -5.74 2.84 -14.59
C VAL A 234 -5.98 2.54 -13.11
N LEU A 235 -5.99 1.26 -12.75
CA LEU A 235 -6.18 0.86 -11.37
C LEU A 235 -4.85 0.92 -10.60
N ILE A 236 -4.87 1.52 -9.41
CA ILE A 236 -3.63 1.66 -8.64
C ILE A 236 -3.88 1.15 -7.23
N PRO A 237 -2.81 0.89 -6.45
CA PRO A 237 -2.95 0.24 -5.12
C PRO A 237 -3.33 1.21 -4.00
N ALA A 238 -4.47 1.85 -4.15
CA ALA A 238 -5.07 2.69 -3.14
C ALA A 238 -6.50 2.24 -2.98
N SER A 239 -7.10 2.48 -1.83
CA SER A 239 -8.50 2.10 -1.73
C SER A 239 -9.42 3.15 -2.32
N ARG A 240 -9.09 4.42 -2.15
CA ARG A 240 -9.91 5.50 -2.67
C ARG A 240 -9.05 6.48 -3.49
N GLY A 241 -9.75 7.23 -4.35
CA GLY A 241 -9.17 8.39 -5.01
C GLY A 241 -9.16 8.28 -6.52
N ILE A 242 -9.47 9.38 -7.21
CA ILE A 242 -9.31 9.48 -8.67
C ILE A 242 -8.43 10.69 -8.97
N LEU A 243 -7.33 10.47 -9.71
CA LEU A 243 -6.52 11.57 -10.26
C LEU A 243 -6.64 11.53 -11.77
N ALA A 244 -7.34 12.50 -12.35
CA ALA A 244 -7.57 12.54 -13.78
C ALA A 244 -6.57 13.52 -14.38
N THR A 245 -5.76 13.04 -15.31
CA THR A 245 -4.85 13.86 -16.09
C THR A 245 -5.52 14.07 -17.45
N CYS A 246 -5.82 15.31 -17.78
CA CYS A 246 -6.70 15.65 -18.90
C CYS A 246 -5.94 16.58 -19.84
N THR A 247 -5.94 16.25 -21.13
CA THR A 247 -5.16 17.06 -22.06
C THR A 247 -5.95 17.35 -23.32
N ALA A 248 -5.57 18.43 -23.98
CA ALA A 248 -6.16 18.83 -25.25
C ALA A 248 -5.22 19.82 -25.91
N ARG A 249 -5.22 19.85 -27.23
CA ARG A 249 -4.35 20.79 -27.92
C ARG A 249 -4.86 22.21 -27.70
N THR A 250 -3.92 23.15 -27.57
CA THR A 250 -4.29 24.55 -27.41
C THR A 250 -3.18 25.43 -27.96
N ARG A 251 -3.60 26.60 -28.43
CA ARG A 251 -2.71 27.72 -28.70
C ARG A 251 -3.09 28.95 -27.90
N SER A 252 -4.04 28.81 -26.97
CA SER A 252 -4.40 29.90 -26.09
C SER A 252 -3.35 30.09 -24.99
N PRO A 253 -3.16 31.31 -24.51
CA PRO A 253 -2.18 31.53 -23.44
C PRO A 253 -2.71 31.08 -22.08
N LEU A 254 -1.77 30.67 -21.24
CA LEU A 254 -2.08 30.20 -19.89
C LEU A 254 -2.92 31.20 -19.12
N SER A 255 -2.59 32.49 -19.24
CA SER A 255 -3.31 33.53 -18.51
C SER A 255 -4.79 33.47 -18.81
N GLN A 256 -5.16 33.28 -20.07
CA GLN A 256 -6.58 33.23 -20.42
C GLN A 256 -7.25 31.95 -19.90
N LEU A 257 -6.50 30.84 -19.89
CA LEU A 257 -7.03 29.58 -19.36
C LEU A 257 -7.24 29.66 -17.85
N ARG A 258 -6.23 30.14 -17.11
CA ARG A 258 -6.39 30.29 -15.66
C ARG A 258 -7.57 31.20 -15.33
N ALA A 259 -7.75 32.29 -16.08
CA ALA A 259 -8.87 33.19 -15.82
C ALA A 259 -10.22 32.50 -16.06
N ALA A 260 -10.29 31.64 -17.08
CA ALA A 260 -11.52 30.88 -17.32
C ALA A 260 -11.85 29.99 -16.13
N TYR A 261 -10.83 29.35 -15.53
CA TYR A 261 -11.10 28.44 -14.43
C TYR A 261 -11.46 29.22 -13.18
N GLU A 262 -10.77 30.34 -12.94
CA GLU A 262 -11.09 31.15 -11.78
C GLU A 262 -12.50 31.73 -11.88
N LYS A 263 -12.91 32.14 -13.07
CA LYS A 263 -14.27 32.63 -13.27
C LYS A 263 -15.31 31.54 -13.05
N ALA A 264 -15.07 30.35 -13.61
CA ALA A 264 -16.02 29.26 -13.49
C ALA A 264 -16.16 28.77 -12.06
N TYR A 265 -15.06 28.74 -11.30
CA TYR A 265 -15.06 28.05 -10.02
C TYR A 265 -14.97 28.97 -8.81
N HIS A 266 -14.88 30.29 -9.02
CA HIS A 266 -14.72 31.21 -7.90
C HIS A 266 -15.78 31.01 -6.81
N ALA A 267 -17.05 30.85 -7.19
CA ALA A 267 -18.13 30.71 -6.22
C ALA A 267 -18.55 29.26 -5.99
N GLU A 268 -17.77 28.29 -6.47
CA GLU A 268 -18.14 26.89 -6.29
C GLU A 268 -17.48 26.38 -5.01
N PRO A 269 -18.25 26.07 -3.96
CA PRO A 269 -17.63 25.76 -2.67
C PRO A 269 -16.84 24.45 -2.66
N PHE A 270 -17.15 23.49 -3.52
CA PHE A 270 -16.44 22.22 -3.47
C PHE A 270 -15.23 22.17 -4.38
N ILE A 271 -15.03 23.17 -5.22
CA ILE A 271 -13.93 23.16 -6.17
C ILE A 271 -12.83 24.06 -5.64
N TYR A 272 -11.62 23.52 -5.58
CA TYR A 272 -10.48 24.26 -5.07
C TYR A 272 -9.42 24.30 -6.16
N LEU A 273 -9.06 25.50 -6.60
CA LEU A 273 -8.00 25.68 -7.58
C LEU A 273 -6.66 25.81 -6.85
N MET A 274 -5.69 25.00 -7.27
CA MET A 274 -4.43 24.96 -6.55
C MET A 274 -3.72 26.30 -6.64
N PRO A 275 -3.11 26.78 -5.56
CA PRO A 275 -2.23 27.95 -5.66
C PRO A 275 -1.10 27.68 -6.62
N GLU A 276 -0.54 28.76 -7.17
CA GLU A 276 0.60 28.64 -8.07
C GLU A 276 1.71 27.85 -7.41
N GLY A 277 2.26 26.89 -8.15
CA GLY A 277 3.32 26.04 -7.60
C GLY A 277 2.84 24.76 -6.94
N GLN A 278 1.52 24.54 -6.84
CA GLN A 278 0.98 23.35 -6.20
C GLN A 278 0.11 22.58 -7.20
N LEU A 279 0.03 21.27 -6.99
CA LEU A 279 -0.73 20.37 -7.85
C LEU A 279 -1.61 19.49 -6.98
N PRO A 280 -2.71 18.97 -7.54
CA PRO A 280 -3.62 18.15 -6.74
C PRO A 280 -2.98 16.81 -6.36
N ARG A 281 -3.51 16.23 -5.28
CA ARG A 281 -3.15 14.87 -4.90
C ARG A 281 -4.40 14.21 -4.33
N THR A 282 -4.62 12.93 -4.68
CA THR A 282 -5.84 12.30 -4.18
C THR A 282 -5.87 12.25 -2.66
N GLY A 283 -4.70 12.14 -2.02
CA GLY A 283 -4.68 12.04 -0.57
C GLY A 283 -5.28 13.25 0.12
N ALA A 284 -5.21 14.41 -0.52
CA ALA A 284 -5.71 15.66 0.08
C ALA A 284 -7.24 15.74 0.07
N VAL A 285 -7.92 14.96 -0.76
CA VAL A 285 -9.39 15.06 -0.85
C VAL A 285 -10.10 13.85 -0.25
N ILE A 286 -9.37 12.86 0.26
CA ILE A 286 -10.02 11.65 0.76
C ILE A 286 -10.96 11.98 1.90
N GLY A 287 -12.17 11.44 1.84
CA GLY A 287 -13.17 11.66 2.87
C GLY A 287 -13.83 13.01 2.80
N SER A 288 -13.56 13.80 1.77
CA SER A 288 -14.16 15.11 1.54
C SER A 288 -14.94 15.08 0.23
N ASN A 289 -15.84 16.05 0.06
CA ASN A 289 -16.56 16.24 -1.19
C ASN A 289 -15.86 17.25 -2.12
N ALA A 290 -14.57 17.50 -1.91
CA ALA A 290 -13.84 18.48 -2.70
C ALA A 290 -13.30 17.87 -3.99
N ALA A 291 -13.12 18.73 -4.99
CA ALA A 291 -12.24 18.46 -6.10
C ALA A 291 -11.12 19.49 -6.09
N HIS A 292 -9.89 19.02 -6.26
CA HIS A 292 -8.72 19.90 -6.37
C HIS A 292 -8.23 19.89 -7.80
N ILE A 293 -8.05 21.08 -8.38
CA ILE A 293 -7.81 21.25 -9.81
C ILE A 293 -6.63 22.18 -10.02
N ALA A 294 -5.75 21.82 -10.96
CA ALA A 294 -4.75 22.75 -11.45
C ALA A 294 -4.69 22.64 -12.97
N VAL A 295 -4.32 23.76 -13.63
CA VAL A 295 -4.17 23.78 -15.07
C VAL A 295 -2.79 24.30 -15.45
N ALA A 296 -2.37 23.97 -16.67
CA ALA A 296 -1.07 24.38 -17.17
C ALA A 296 -1.10 24.31 -18.69
N VAL A 297 -0.08 24.88 -19.31
CA VAL A 297 0.09 24.83 -20.76
C VAL A 297 1.48 24.33 -21.09
N ASP A 298 1.55 23.28 -21.89
CA ASP A 298 2.80 22.73 -22.39
C ASP A 298 3.06 23.43 -23.72
N GLU A 299 3.86 24.51 -23.69
CA GLU A 299 4.04 25.31 -24.91
C GLU A 299 4.69 24.51 -26.03
N ASP A 300 5.73 23.73 -25.72
CA ASP A 300 6.43 22.96 -26.75
C ASP A 300 5.51 21.95 -27.42
N ALA A 301 4.59 21.37 -26.68
CA ALA A 301 3.66 20.40 -27.24
C ALA A 301 2.33 21.02 -27.63
N GLN A 302 2.17 22.34 -27.45
CA GLN A 302 0.92 23.07 -27.66
C GLN A 302 -0.26 22.31 -27.08
N THR A 303 -0.14 21.94 -25.80
CA THR A 303 -1.07 21.05 -25.13
C THR A 303 -1.49 21.65 -23.78
N PHE A 304 -2.79 21.79 -23.57
CA PHE A 304 -3.35 22.17 -22.28
C PHE A 304 -3.42 20.95 -21.38
N VAL A 305 -3.08 21.12 -20.11
CA VAL A 305 -3.08 20.01 -19.15
C VAL A 305 -3.91 20.45 -17.95
N ALA A 306 -4.91 19.63 -17.59
CA ALA A 306 -5.67 19.90 -16.38
C ALA A 306 -5.65 18.65 -15.52
N ILE A 307 -5.35 18.82 -14.24
CA ILE A 307 -5.31 17.73 -13.26
C ILE A 307 -6.47 17.93 -12.28
N ALA A 308 -7.25 16.86 -12.04
CA ALA A 308 -8.31 16.92 -11.04
C ALA A 308 -8.22 15.71 -10.13
N ALA A 309 -8.32 15.95 -8.82
CA ALA A 309 -8.35 14.87 -7.83
C ALA A 309 -9.66 14.95 -7.06
N ILE A 310 -10.33 13.79 -6.89
CA ILE A 310 -11.54 13.66 -6.08
C ILE A 310 -11.42 12.34 -5.32
N ASP A 311 -12.24 12.21 -4.28
CA ASP A 311 -12.48 10.90 -3.69
C ASP A 311 -13.58 10.23 -4.50
N ASN A 312 -13.29 9.06 -5.09
CA ASN A 312 -14.29 8.41 -5.94
C ASN A 312 -15.56 8.10 -5.18
N LEU A 313 -15.48 7.84 -3.87
CA LEU A 313 -16.68 7.50 -3.12
C LEU A 313 -17.44 8.72 -2.63
N VAL A 314 -16.81 9.89 -2.56
CA VAL A 314 -17.53 11.07 -2.09
C VAL A 314 -17.96 11.94 -3.27
N LYS A 315 -17.11 12.87 -3.74
CA LYS A 315 -17.54 13.68 -4.88
C LYS A 315 -17.82 12.81 -6.10
N GLY A 316 -17.17 11.64 -6.18
CA GLY A 316 -17.41 10.73 -7.29
C GLY A 316 -18.71 9.94 -7.21
N THR A 317 -19.34 9.85 -6.03
CA THR A 317 -20.66 9.24 -5.99
C THR A 317 -21.52 9.62 -4.78
N ALA A 318 -21.17 9.21 -3.55
CA ALA A 318 -22.10 9.37 -2.43
C ALA A 318 -22.21 10.84 -2.01
N GLY A 319 -21.11 11.60 -2.10
CA GLY A 319 -21.19 13.01 -1.80
C GLY A 319 -21.95 13.78 -2.86
N ALA A 320 -21.72 13.47 -4.13
CA ALA A 320 -22.56 14.02 -5.19
C ALA A 320 -24.03 13.69 -4.97
N ALA A 321 -24.32 12.49 -4.50
CA ALA A 321 -25.70 12.10 -4.26
C ALA A 321 -26.32 12.93 -3.15
N VAL A 322 -25.59 13.12 -2.04
CA VAL A 322 -26.11 13.92 -0.95
C VAL A 322 -26.16 15.40 -1.30
N GLN A 323 -25.16 15.88 -2.06
CA GLN A 323 -25.18 17.24 -2.58
C GLN A 323 -26.41 17.52 -3.42
N SER A 324 -26.75 16.57 -4.30
CA SER A 324 -27.95 16.68 -5.12
C SER A 324 -29.21 16.54 -4.27
N MET A 325 -29.17 15.68 -3.27
CA MET A 325 -30.30 15.57 -2.34
C MET A 325 -30.59 16.89 -1.65
N ASN A 326 -29.54 17.56 -1.15
CA ASN A 326 -29.68 18.89 -0.56
C ASN A 326 -30.40 19.85 -1.50
N LEU A 327 -29.92 19.95 -2.74
CA LEU A 327 -30.57 20.81 -3.73
C LEU A 327 -32.02 20.40 -3.98
N ALA A 328 -32.29 19.10 -4.03
CA ALA A 328 -33.64 18.66 -4.35
C ALA A 328 -34.62 19.01 -3.24
N LEU A 329 -34.16 19.00 -2.00
CA LEU A 329 -34.99 19.24 -0.82
C LEU A 329 -35.00 20.71 -0.40
N GLY A 330 -34.26 21.57 -1.08
CA GLY A 330 -34.21 22.96 -0.72
C GLY A 330 -33.34 23.27 0.48
N TRP A 331 -32.43 22.36 0.87
CA TRP A 331 -31.51 22.51 1.97
C TRP A 331 -30.19 23.13 1.49
N PRO A 332 -29.45 23.79 2.37
CA PRO A 332 -28.14 24.33 1.98
C PRO A 332 -27.29 23.28 1.30
N GLU A 333 -26.74 23.64 0.14
CA GLU A 333 -26.11 22.65 -0.73
C GLU A 333 -24.92 21.97 -0.05
N THR A 334 -24.23 22.68 0.84
CA THR A 334 -23.06 22.12 1.51
C THR A 334 -23.38 21.33 2.76
N ASP A 335 -24.66 21.20 3.13
CA ASP A 335 -24.99 20.52 4.38
C ASP A 335 -24.41 19.10 4.41
N GLY A 336 -23.64 18.81 5.46
CA GLY A 336 -23.10 17.46 5.65
C GLY A 336 -21.91 17.12 4.76
N LEU A 337 -21.39 18.08 4.01
CA LEU A 337 -20.37 17.84 2.99
C LEU A 337 -19.16 18.75 3.24
N SER A 338 -18.16 18.20 3.93
CA SER A 338 -16.93 18.92 4.22
C SER A 338 -16.02 18.98 2.99
N VAL A 339 -15.24 20.06 2.90
CA VAL A 339 -14.18 20.15 1.90
C VAL A 339 -12.83 19.75 2.45
N VAL A 340 -12.75 19.30 3.72
CA VAL A 340 -11.50 19.03 4.41
C VAL A 340 -11.18 17.54 4.28
N GLY A 341 -10.02 17.21 3.67
CA GLY A 341 -9.67 15.82 3.49
C GLY A 341 -9.08 15.18 4.74
N VAL A 342 -9.10 13.85 4.76
CA VAL A 342 -8.56 13.07 5.88
C VAL A 342 -7.20 12.54 5.41
N ALA A 343 -6.15 13.28 5.70
CA ALA A 343 -4.78 13.01 5.32
C ALA A 343 -3.89 13.19 6.54
N PRO A 344 -2.73 12.50 6.60
CA PRO A 344 -2.18 11.56 5.61
C PRO A 344 -2.89 10.23 5.66
N ALA B 1 39.45 -12.38 -15.00
CA ALA B 1 38.13 -12.12 -14.40
C ALA B 1 37.82 -10.62 -14.45
N THR B 2 36.62 -10.25 -14.89
CA THR B 2 36.17 -8.84 -15.00
C THR B 2 35.89 -8.28 -13.61
N LYS B 3 36.69 -7.29 -13.19
CA LYS B 3 36.56 -6.65 -11.86
C LYS B 3 35.60 -5.45 -11.99
N VAL B 4 34.55 -5.46 -11.19
CA VAL B 4 33.49 -4.42 -11.32
C VAL B 4 33.41 -3.56 -10.07
N ALA B 5 33.42 -2.25 -10.27
CA ALA B 5 33.16 -1.30 -9.19
C ALA B 5 31.79 -0.67 -9.40
N VAL B 6 31.14 -0.29 -8.30
CA VAL B 6 29.86 0.41 -8.36
C VAL B 6 30.00 1.70 -7.54
N ALA B 7 29.92 2.84 -8.21
CA ALA B 7 29.90 4.15 -7.54
C ALA B 7 28.44 4.54 -7.30
N GLY B 8 28.12 4.94 -6.09
CA GLY B 8 26.73 5.11 -5.73
C GLY B 8 26.09 3.81 -5.29
N ALA B 9 26.87 2.95 -4.62
CA ALA B 9 26.42 1.62 -4.24
C ALA B 9 25.35 1.66 -3.16
N SER B 10 25.31 2.73 -2.36
CA SER B 10 24.33 2.85 -1.31
C SER B 10 22.94 3.28 -1.80
N GLY B 11 22.81 3.70 -3.07
CA GLY B 11 21.52 4.14 -3.60
C GLY B 11 20.66 3.02 -4.20
N TYR B 12 19.46 3.39 -4.65
CA TYR B 12 18.54 2.38 -5.18
C TYR B 12 19.09 1.75 -6.46
N ALA B 13 19.57 2.57 -7.40
CA ALA B 13 20.07 1.99 -8.64
C ALA B 13 21.32 1.17 -8.39
N GLY B 14 22.21 1.66 -7.53
CA GLY B 14 23.40 0.90 -7.18
C GLY B 14 23.07 -0.42 -6.50
N GLY B 15 22.08 -0.41 -5.59
CA GLY B 15 21.69 -1.66 -4.95
C GLY B 15 21.14 -2.66 -5.94
N GLU B 16 20.39 -2.18 -6.94
CA GLU B 16 19.79 -3.11 -7.89
C GLU B 16 20.82 -3.62 -8.88
N ILE B 17 21.82 -2.81 -9.23
CA ILE B 17 22.93 -3.37 -10.01
C ILE B 17 23.56 -4.53 -9.24
N LEU B 18 23.82 -4.31 -7.95
CA LEU B 18 24.48 -5.35 -7.15
C LEU B 18 23.60 -6.59 -7.03
N ARG B 19 22.28 -6.41 -6.84
CA ARG B 19 21.40 -7.58 -6.80
C ARG B 19 21.55 -8.41 -8.07
N LEU B 20 21.57 -7.74 -9.23
CA LEU B 20 21.66 -8.45 -10.50
C LEU B 20 23.03 -9.08 -10.70
N LEU B 21 24.10 -8.39 -10.28
CA LEU B 21 25.43 -8.98 -10.39
C LEU B 21 25.55 -10.23 -9.54
N LEU B 22 25.01 -10.19 -8.31
CA LEU B 22 25.07 -11.36 -7.45
C LEU B 22 24.42 -12.59 -8.09
N GLY B 23 23.42 -12.40 -8.95
CA GLY B 23 22.75 -13.49 -9.63
C GLY B 23 23.21 -13.74 -11.04
N HIS B 24 24.19 -13.01 -11.50
CA HIS B 24 24.71 -13.14 -12.85
C HIS B 24 25.57 -14.41 -12.95
N PRO B 25 25.45 -15.17 -14.05
CA PRO B 25 26.24 -16.41 -14.17
C PRO B 25 27.73 -16.18 -14.17
N ALA B 26 28.19 -15.03 -14.66
CA ALA B 26 29.62 -14.71 -14.57
C ALA B 26 30.06 -14.61 -13.11
N TYR B 27 29.19 -14.08 -12.24
CA TYR B 27 29.56 -14.03 -10.83
C TYR B 27 29.68 -15.43 -10.25
N ALA B 28 28.80 -16.34 -10.69
CA ALA B 28 28.81 -17.70 -10.17
C ALA B 28 30.04 -18.49 -10.62
N ASP B 29 30.54 -18.26 -11.83
CA ASP B 29 31.66 -19.03 -12.35
C ASP B 29 32.99 -18.30 -12.25
N GLY B 30 33.01 -17.12 -11.64
CA GLY B 30 34.23 -16.41 -11.37
C GLY B 30 34.70 -15.47 -12.45
N ARG B 31 34.03 -15.43 -13.60
CA ARG B 31 34.40 -14.51 -14.66
C ARG B 31 34.20 -13.06 -14.24
N LEU B 32 33.33 -12.81 -13.27
CA LEU B 32 33.02 -11.46 -12.82
C LEU B 32 33.22 -11.38 -11.31
N ARG B 33 33.87 -10.33 -10.85
CA ARG B 33 34.09 -10.08 -9.44
C ARG B 33 33.57 -8.69 -9.09
N ILE B 34 32.97 -8.56 -7.91
CA ILE B 34 32.43 -7.30 -7.38
C ILE B 34 33.51 -6.70 -6.49
N GLY B 35 34.11 -5.61 -6.96
CA GLY B 35 35.19 -4.98 -6.21
C GLY B 35 34.71 -3.81 -5.38
N ALA B 36 35.22 -2.62 -5.66
CA ALA B 36 34.96 -1.46 -4.82
C ALA B 36 33.49 -1.03 -4.91
N LEU B 37 32.91 -0.73 -3.76
CA LEU B 37 31.58 -0.15 -3.64
C LEU B 37 31.73 1.20 -2.96
N THR B 38 31.35 2.27 -3.67
CA THR B 38 31.66 3.62 -3.20
C THR B 38 30.42 4.50 -3.11
N ALA B 39 30.54 5.58 -2.35
CA ALA B 39 29.46 6.55 -2.26
C ALA B 39 30.05 7.88 -1.76
N ALA B 40 29.24 8.67 -1.03
CA ALA B 40 29.68 9.98 -0.60
C ALA B 40 29.55 10.00 0.96
N THR B 41 28.49 10.60 1.49
CA THR B 41 28.29 10.62 2.93
C THR B 41 28.28 9.23 3.53
N SER B 42 27.86 8.22 2.77
CA SER B 42 27.78 6.87 3.30
C SER B 42 29.14 6.19 3.41
N ALA B 43 30.21 6.79 2.90
CA ALA B 43 31.51 6.14 3.00
C ALA B 43 31.82 5.85 4.47
N GLY B 44 32.43 4.67 4.71
CA GLY B 44 32.74 4.21 6.05
C GLY B 44 31.73 3.23 6.66
N SER B 45 30.50 3.20 6.17
CA SER B 45 29.50 2.26 6.68
C SER B 45 29.58 0.93 5.93
N THR B 46 28.86 -0.07 6.44
CA THR B 46 28.75 -1.34 5.73
C THR B 46 27.57 -1.32 4.78
N LEU B 47 27.65 -2.11 3.70
CA LEU B 47 26.59 -2.09 2.71
C LEU B 47 25.26 -2.54 3.30
N GLY B 48 25.30 -3.45 4.27
CA GLY B 48 24.08 -3.94 4.90
C GLY B 48 23.29 -2.86 5.61
N GLU B 49 23.96 -1.78 6.04
CA GLU B 49 23.23 -0.66 6.60
C GLU B 49 22.39 0.08 5.57
N HIS B 50 22.57 -0.19 4.30
CA HIS B 50 21.79 0.45 3.24
C HIS B 50 20.94 -0.53 2.47
N HIS B 51 21.42 -1.76 2.30
CA HIS B 51 20.78 -2.77 1.45
C HIS B 51 20.73 -4.06 2.23
N PRO B 52 19.86 -4.16 3.23
CA PRO B 52 19.79 -5.40 4.02
C PRO B 52 19.35 -6.61 3.20
N HIS B 53 18.80 -6.42 2.00
CA HIS B 53 18.46 -7.55 1.14
C HIS B 53 19.69 -8.17 0.47
N LEU B 54 20.80 -7.47 0.43
CA LEU B 54 22.01 -7.96 -0.23
C LEU B 54 22.95 -8.61 0.80
N THR B 55 22.43 -9.61 1.52
CA THR B 55 23.22 -10.18 2.61
C THR B 55 24.58 -10.74 2.20
N PRO B 56 24.80 -11.30 1.00
CA PRO B 56 26.15 -11.76 0.66
C PRO B 56 27.17 -10.65 0.63
N LEU B 57 26.74 -9.39 0.54
CA LEU B 57 27.64 -8.25 0.51
C LEU B 57 27.48 -7.36 1.73
N ALA B 58 26.71 -7.78 2.73
CA ALA B 58 26.36 -6.87 3.82
C ALA B 58 27.59 -6.36 4.56
N HIS B 59 28.62 -7.19 4.69
CA HIS B 59 29.85 -6.85 5.41
C HIS B 59 30.74 -5.87 4.65
N ARG B 60 30.51 -5.65 3.35
CA ARG B 60 31.41 -4.78 2.58
C ARG B 60 31.37 -3.36 3.12
N VAL B 61 32.55 -2.75 3.27
CA VAL B 61 32.64 -1.36 3.73
C VAL B 61 32.57 -0.44 2.51
N VAL B 62 31.65 0.52 2.57
CA VAL B 62 31.50 1.50 1.51
C VAL B 62 32.69 2.46 1.56
N GLU B 63 33.24 2.76 0.40
CA GLU B 63 34.46 3.55 0.28
C GLU B 63 34.16 4.90 -0.35
N PRO B 64 35.05 5.89 -0.23
CA PRO B 64 34.83 7.16 -0.89
C PRO B 64 34.87 7.00 -2.40
N THR B 65 34.13 7.86 -3.08
CA THR B 65 34.08 7.86 -4.54
C THR B 65 35.26 8.68 -5.06
N GLU B 66 36.37 7.98 -5.29
CA GLU B 66 37.63 8.58 -5.70
C GLU B 66 38.24 7.77 -6.83
N ALA B 67 39.01 8.46 -7.69
CA ALA B 67 39.62 7.79 -8.84
C ALA B 67 40.54 6.66 -8.40
N ALA B 68 41.29 6.88 -7.32
CA ALA B 68 42.20 5.84 -6.84
C ALA B 68 41.44 4.58 -6.46
N VAL B 69 40.33 4.74 -5.72
CA VAL B 69 39.54 3.59 -5.30
C VAL B 69 38.90 2.91 -6.51
N LEU B 70 38.41 3.70 -7.47
CA LEU B 70 37.74 3.15 -8.64
C LEU B 70 38.71 2.58 -9.67
N GLY B 71 39.97 3.03 -9.67
CA GLY B 71 40.93 2.51 -10.61
C GLY B 71 41.19 1.04 -10.39
N GLY B 72 41.76 0.40 -11.42
CA GLY B 72 42.01 -1.02 -11.33
C GLY B 72 40.78 -1.89 -11.49
N HIS B 73 39.69 -1.33 -12.01
CA HIS B 73 38.48 -2.09 -12.31
C HIS B 73 38.22 -2.06 -13.80
N ASP B 74 37.87 -3.22 -14.37
CA ASP B 74 37.60 -3.31 -15.80
C ASP B 74 36.28 -2.65 -16.19
N ALA B 75 35.33 -2.60 -15.26
CA ALA B 75 34.05 -1.98 -15.50
C ALA B 75 33.67 -1.17 -14.26
N VAL B 76 33.06 -0.01 -14.47
CA VAL B 76 32.62 0.87 -13.39
C VAL B 76 31.20 1.34 -13.70
N PHE B 77 30.25 0.98 -12.83
CA PHE B 77 28.89 1.51 -12.90
C PHE B 77 28.85 2.82 -12.12
N LEU B 78 28.27 3.85 -12.72
CA LEU B 78 28.02 5.11 -12.02
C LEU B 78 26.54 5.17 -11.72
N ALA B 79 26.20 5.14 -10.43
CA ALA B 79 24.79 5.24 -10.04
C ALA B 79 24.60 6.47 -9.16
N LEU B 80 24.96 7.63 -9.69
CA LEU B 80 24.96 8.91 -9.02
C LEU B 80 23.91 9.84 -9.60
N PRO B 81 23.45 10.85 -8.84
CA PRO B 81 22.61 11.89 -9.43
C PRO B 81 23.32 12.53 -10.60
N HIS B 82 22.55 13.14 -11.50
CA HIS B 82 23.15 13.77 -12.66
C HIS B 82 24.11 14.87 -12.22
N GLY B 83 25.16 15.07 -13.03
CA GLY B 83 26.12 16.13 -12.80
C GLY B 83 27.45 15.72 -12.23
N HIS B 84 27.72 14.42 -12.09
CA HIS B 84 28.98 13.93 -11.55
C HIS B 84 29.74 12.98 -12.47
N SER B 85 29.11 12.51 -13.55
CA SER B 85 29.74 11.49 -14.37
C SER B 85 30.89 12.06 -15.19
N ALA B 86 30.72 13.24 -15.77
CA ALA B 86 31.79 13.82 -16.57
C ALA B 86 33.07 13.92 -15.75
N VAL B 87 32.98 14.54 -14.57
CA VAL B 87 34.19 14.77 -13.77
C VAL B 87 34.79 13.44 -13.32
N LEU B 88 33.94 12.45 -13.02
CA LEU B 88 34.45 11.16 -12.58
C LEU B 88 34.97 10.31 -13.73
N ALA B 89 34.27 10.32 -14.87
CA ALA B 89 34.69 9.51 -16.01
C ALA B 89 36.06 9.92 -16.52
N GLN B 90 36.32 11.24 -16.56
CA GLN B 90 37.57 11.76 -17.10
C GLN B 90 38.79 11.31 -16.29
N GLN B 91 38.60 10.78 -15.08
CA GLN B 91 39.70 10.31 -14.24
C GLN B 91 39.92 8.82 -14.33
N LEU B 92 39.12 8.10 -15.10
CA LEU B 92 39.31 6.68 -15.31
C LEU B 92 40.00 6.44 -16.64
N SER B 93 40.55 5.24 -16.81
CA SER B 93 41.19 4.90 -18.08
C SER B 93 40.16 4.83 -19.20
N PRO B 94 40.50 5.29 -20.40
CA PRO B 94 39.57 5.16 -21.53
C PRO B 94 39.21 3.73 -21.86
N GLU B 95 40.05 2.74 -21.52
CA GLU B 95 39.72 1.35 -21.78
C GLU B 95 38.77 0.77 -20.75
N THR B 96 38.59 1.44 -19.61
CA THR B 96 37.61 1.00 -18.63
C THR B 96 36.22 1.08 -19.23
N LEU B 97 35.43 0.02 -19.05
CA LEU B 97 34.02 0.07 -19.41
C LEU B 97 33.28 0.93 -18.38
N ILE B 98 32.71 2.05 -18.81
CA ILE B 98 31.97 2.93 -17.93
C ILE B 98 30.49 2.87 -18.29
N ILE B 99 29.65 2.54 -17.31
CA ILE B 99 28.22 2.41 -17.52
C ILE B 99 27.51 3.41 -16.60
N ASP B 100 26.92 4.45 -17.18
CA ASP B 100 26.38 5.56 -16.42
C ASP B 100 24.86 5.46 -16.35
N CYS B 101 24.33 5.30 -15.13
CA CYS B 101 22.88 5.29 -14.94
C CYS B 101 22.26 6.68 -15.03
N GLY B 102 23.04 7.73 -14.79
CA GLY B 102 22.55 9.09 -14.84
C GLY B 102 22.38 9.62 -16.25
N ALA B 103 21.92 10.87 -16.32
CA ALA B 103 21.54 11.47 -17.59
C ALA B 103 22.72 12.13 -18.32
N ASP B 104 23.88 12.26 -17.66
CA ASP B 104 24.93 13.17 -18.15
C ASP B 104 25.27 12.95 -19.63
N PHE B 105 25.28 11.70 -20.08
CA PHE B 105 25.68 11.40 -21.45
C PHE B 105 24.56 10.87 -22.32
N ARG B 106 23.29 11.13 -21.95
CA ARG B 106 22.17 10.61 -22.71
C ARG B 106 21.78 11.48 -23.90
N LEU B 107 21.86 12.81 -23.77
CA LEU B 107 21.28 13.71 -24.75
C LEU B 107 22.30 14.12 -25.82
N THR B 108 21.83 14.20 -27.06
CA THR B 108 22.65 14.53 -28.22
C THR B 108 22.51 15.98 -28.66
N ASP B 109 21.78 16.82 -27.92
CA ASP B 109 21.60 18.23 -28.27
C ASP B 109 22.02 19.07 -27.07
N ALA B 110 23.14 19.81 -27.21
CA ALA B 110 23.67 20.58 -26.10
C ALA B 110 22.69 21.65 -25.62
N ALA B 111 21.96 22.28 -26.55
CA ALA B 111 21.03 23.33 -26.15
C ALA B 111 19.87 22.76 -25.34
N VAL B 112 19.38 21.58 -25.72
CA VAL B 112 18.31 20.94 -24.96
C VAL B 112 18.80 20.57 -23.57
N TRP B 113 20.01 20.01 -23.46
CA TRP B 113 20.56 19.67 -22.15
C TRP B 113 20.61 20.90 -21.24
N GLU B 114 21.13 22.01 -21.76
CA GLU B 114 21.28 23.20 -20.93
C GLU B 114 19.92 23.72 -20.48
N ARG B 115 18.94 23.69 -21.37
CA ARG B 115 17.61 24.15 -20.99
C ARG B 115 17.05 23.34 -19.83
N PHE B 116 17.16 22.02 -19.90
CA PHE B 116 16.49 21.16 -18.94
C PHE B 116 17.35 20.79 -17.73
N TYR B 117 18.67 20.87 -17.84
CA TYR B 117 19.53 20.54 -16.71
C TYR B 117 20.35 21.71 -16.18
N GLY B 118 20.37 22.84 -16.89
CA GLY B 118 20.98 24.05 -16.35
C GLY B 118 22.47 24.00 -16.16
N SER B 119 23.17 23.12 -16.86
CA SER B 119 24.63 23.02 -16.79
C SER B 119 25.15 22.82 -18.20
N SER B 120 26.47 22.77 -18.32
CA SER B 120 27.11 22.60 -19.63
C SER B 120 27.04 21.14 -20.07
N HIS B 121 26.74 20.95 -21.36
CA HIS B 121 26.57 19.61 -21.92
C HIS B 121 27.89 18.86 -21.93
N ALA B 122 27.90 17.63 -21.39
CA ALA B 122 29.10 16.81 -21.34
C ALA B 122 29.35 16.02 -22.62
N GLY B 123 28.36 15.88 -23.48
CA GLY B 123 28.46 15.00 -24.63
C GLY B 123 27.45 13.87 -24.53
N SER B 124 27.72 12.80 -25.30
CA SER B 124 26.78 11.69 -25.33
C SER B 124 27.53 10.40 -25.62
N TRP B 125 27.03 9.32 -25.02
CA TRP B 125 27.57 7.98 -25.13
C TRP B 125 26.50 7.06 -25.71
N PRO B 126 26.88 5.89 -26.20
CA PRO B 126 25.89 4.91 -26.69
C PRO B 126 24.76 4.71 -25.67
N TYR B 127 23.53 4.84 -26.15
CA TYR B 127 22.33 4.77 -25.32
C TYR B 127 22.00 3.32 -24.99
N GLY B 128 21.82 3.02 -23.70
CA GLY B 128 21.69 1.66 -23.24
C GLY B 128 20.31 1.07 -23.40
N LEU B 129 19.70 1.22 -24.57
CA LEU B 129 18.38 0.66 -24.87
C LEU B 129 18.52 -0.26 -26.08
N PRO B 130 18.95 -1.50 -25.89
CA PRO B 130 19.32 -2.34 -27.06
C PRO B 130 18.19 -2.58 -28.03
N GLU B 131 16.93 -2.56 -27.59
CA GLU B 131 15.81 -2.83 -28.46
C GLU B 131 15.53 -1.70 -29.45
N LEU B 132 16.06 -0.50 -29.21
CA LEU B 132 15.85 0.60 -30.14
C LEU B 132 16.57 0.29 -31.46
N PRO B 133 15.98 0.68 -32.60
CA PRO B 133 16.66 0.44 -33.88
C PRO B 133 18.04 1.08 -33.89
N GLY B 134 19.05 0.29 -34.26
CA GLY B 134 20.42 0.75 -34.33
C GLY B 134 21.17 0.77 -33.02
N ALA B 135 20.48 0.65 -31.88
CA ALA B 135 21.16 0.84 -30.60
C ALA B 135 22.06 -0.34 -30.26
N ARG B 136 21.60 -1.56 -30.54
CA ARG B 136 22.34 -2.73 -30.14
C ARG B 136 23.72 -2.80 -30.80
N ASP B 137 23.82 -2.33 -32.04
CA ASP B 137 25.10 -2.38 -32.73
C ASP B 137 26.10 -1.41 -32.14
N GLN B 138 25.65 -0.24 -31.68
CA GLN B 138 26.54 0.71 -31.01
C GLN B 138 27.00 0.23 -29.64
N LEU B 139 26.29 -0.73 -29.04
CA LEU B 139 26.68 -1.21 -27.71
C LEU B 139 27.70 -2.35 -27.77
N ARG B 140 27.73 -3.12 -28.85
CA ARG B 140 28.66 -4.25 -28.94
C ARG B 140 30.09 -3.76 -28.87
N GLY B 141 30.83 -4.21 -27.85
CA GLY B 141 32.21 -3.82 -27.66
C GLY B 141 32.43 -2.42 -27.17
N THR B 142 31.38 -1.67 -26.85
CA THR B 142 31.56 -0.30 -26.41
C THR B 142 32.25 -0.28 -25.05
N ARG B 143 32.90 0.85 -24.74
CA ARG B 143 33.40 1.09 -23.39
C ARG B 143 32.69 2.26 -22.71
N ARG B 144 31.66 2.83 -23.34
CA ARG B 144 30.88 3.93 -22.79
C ARG B 144 29.41 3.63 -23.02
N ILE B 145 28.60 3.68 -21.95
CA ILE B 145 27.17 3.44 -22.06
C ILE B 145 26.45 4.50 -21.24
N ALA B 146 25.47 5.18 -21.85
CA ALA B 146 24.53 6.03 -21.12
C ALA B 146 23.23 5.24 -20.98
N VAL B 147 22.93 4.78 -19.77
CA VAL B 147 21.69 4.02 -19.52
C VAL B 147 20.49 4.95 -19.61
N PRO B 148 19.37 4.53 -20.21
CA PRO B 148 18.23 5.44 -20.37
C PRO B 148 17.52 5.71 -19.05
N GLY B 149 16.74 6.81 -19.06
CA GLY B 149 15.86 7.07 -17.95
C GLY B 149 14.71 6.06 -17.92
N CYS B 150 14.06 5.93 -16.77
CA CYS B 150 13.06 4.86 -16.67
C CYS B 150 11.80 5.19 -17.45
N TYR B 151 11.26 6.40 -17.32
CA TYR B 151 10.07 6.73 -18.13
C TYR B 151 10.34 6.65 -19.63
N PRO B 152 11.45 7.19 -20.16
CA PRO B 152 11.71 7.04 -21.60
C PRO B 152 11.81 5.61 -22.06
N THR B 153 12.35 4.71 -21.24
CA THR B 153 12.38 3.30 -21.63
C THR B 153 10.97 2.80 -21.90
N ALA B 154 10.03 3.04 -20.97
CA ALA B 154 8.67 2.56 -21.16
C ALA B 154 8.01 3.22 -22.36
N ALA B 155 8.15 4.55 -22.48
CA ALA B 155 7.44 5.29 -23.52
C ALA B 155 7.97 4.92 -24.91
N LEU B 156 9.29 4.76 -25.02
CA LEU B 156 9.89 4.44 -26.32
C LEU B 156 9.52 3.03 -26.78
N LEU B 157 9.57 2.05 -25.86
CA LEU B 157 9.14 0.70 -26.22
C LEU B 157 7.67 0.68 -26.59
N ALA B 158 6.86 1.52 -25.94
CA ALA B 158 5.44 1.59 -26.26
C ALA B 158 5.20 2.17 -27.64
N LEU B 159 6.03 3.11 -28.09
CA LEU B 159 5.67 3.94 -29.22
C LEU B 159 6.53 3.75 -30.47
N PHE B 160 7.80 3.31 -30.34
CA PHE B 160 8.67 3.44 -31.51
C PHE B 160 8.22 2.56 -32.67
N PRO B 161 7.67 1.35 -32.46
CA PRO B 161 7.28 0.56 -33.63
C PRO B 161 6.21 1.24 -34.47
N ALA B 162 5.18 1.83 -33.84
CA ALA B 162 4.15 2.52 -34.61
C ALA B 162 4.71 3.73 -35.34
N LEU B 163 5.59 4.49 -34.68
CA LEU B 163 6.08 5.72 -35.29
C LEU B 163 7.07 5.41 -36.41
N ALA B 164 7.92 4.40 -36.21
CA ALA B 164 8.91 4.03 -37.22
C ALA B 164 8.23 3.55 -38.50
N ALA B 165 7.06 2.95 -38.39
CA ALA B 165 6.30 2.43 -39.52
C ALA B 165 5.37 3.49 -40.12
N ASP B 166 5.43 4.73 -39.62
CA ASP B 166 4.58 5.83 -40.08
C ASP B 166 3.11 5.49 -39.94
N LEU B 167 2.75 4.85 -38.83
CA LEU B 167 1.38 4.41 -38.58
C LEU B 167 0.66 5.27 -37.55
N ILE B 168 1.33 6.27 -36.96
CA ILE B 168 0.73 7.22 -36.04
C ILE B 168 1.31 8.59 -36.32
N GLU B 169 0.58 9.62 -35.89
CA GLU B 169 1.08 10.98 -35.96
C GLU B 169 2.22 11.17 -34.97
N PRO B 170 3.12 12.12 -35.22
CA PRO B 170 4.30 12.30 -34.35
C PRO B 170 4.10 13.20 -33.15
N ALA B 171 2.86 13.63 -32.87
CA ALA B 171 2.51 14.33 -31.63
C ALA B 171 1.96 13.26 -30.69
N VAL B 172 2.75 12.88 -29.70
CA VAL B 172 2.39 11.77 -28.83
C VAL B 172 2.09 12.32 -27.44
N THR B 173 1.26 11.57 -26.72
CA THR B 173 0.88 11.88 -25.35
C THR B 173 1.24 10.68 -24.50
N VAL B 174 1.91 10.92 -23.37
CA VAL B 174 2.33 9.86 -22.46
C VAL B 174 1.88 10.28 -21.07
N VAL B 175 1.10 9.42 -20.40
CA VAL B 175 0.77 9.59 -18.99
C VAL B 175 1.26 8.31 -18.32
N ALA B 176 2.29 8.42 -17.48
CA ALA B 176 2.93 7.24 -16.92
C ALA B 176 2.85 7.27 -15.41
N VAL B 177 2.38 6.17 -14.80
CA VAL B 177 2.42 6.06 -13.34
C VAL B 177 3.70 5.33 -12.93
N SER B 178 4.23 5.69 -11.77
CA SER B 178 5.49 5.15 -11.30
C SER B 178 5.42 4.92 -9.80
N GLY B 179 6.01 3.82 -9.37
CA GLY B 179 6.26 3.63 -7.96
C GLY B 179 7.32 4.60 -7.47
N THR B 180 7.40 4.74 -6.16
CA THR B 180 8.21 5.82 -5.53
C THR B 180 9.71 5.57 -5.53
N SER B 181 10.18 4.37 -5.88
CA SER B 181 11.64 4.10 -5.91
C SER B 181 12.34 4.84 -7.05
N GLY B 182 11.61 5.29 -8.08
CA GLY B 182 12.16 6.09 -9.19
C GLY B 182 12.70 7.43 -8.76
N ALA B 183 12.22 7.98 -7.64
CA ALA B 183 12.65 9.28 -7.11
C ALA B 183 13.96 9.15 -6.32
N GLY B 184 14.47 7.95 -6.09
CA GLY B 184 15.72 7.82 -5.33
C GLY B 184 15.49 7.74 -3.83
N ARG B 185 16.56 7.47 -3.10
CA ARG B 185 16.41 7.28 -1.65
C ARG B 185 16.83 8.50 -0.82
N ALA B 186 17.22 9.60 -1.44
CA ALA B 186 17.53 10.81 -0.67
C ALA B 186 16.24 11.21 0.05
N ALA B 187 16.31 11.50 1.34
CA ALA B 187 15.11 11.73 2.16
C ALA B 187 14.48 13.10 1.97
N THR B 188 13.26 13.15 1.45
CA THR B 188 12.50 14.39 1.36
C THR B 188 11.13 14.13 1.96
N THR B 189 10.49 15.20 2.48
CA THR B 189 9.20 15.00 3.12
C THR B 189 8.17 14.48 2.13
N ASP B 190 8.25 14.93 0.87
CA ASP B 190 7.30 14.52 -0.15
C ASP B 190 7.41 13.05 -0.51
N LEU B 191 8.50 12.37 -0.15
CA LEU B 191 8.66 10.95 -0.46
C LEU B 191 8.40 10.07 0.76
N LEU B 192 7.99 10.65 1.89
CA LEU B 192 7.75 9.88 3.10
C LEU B 192 6.56 8.93 2.92
N GLY B 193 6.66 7.75 3.52
CA GLY B 193 5.61 6.74 3.38
C GLY B 193 4.22 7.25 3.69
N ALA B 194 4.05 7.99 4.78
CA ALA B 194 2.70 8.42 5.14
C ALA B 194 2.09 9.32 4.08
N GLU B 195 2.94 10.10 3.41
CA GLU B 195 2.49 10.97 2.32
C GLU B 195 2.17 10.17 1.06
N VAL B 196 3.04 9.23 0.68
CA VAL B 196 2.84 8.57 -0.61
C VAL B 196 1.79 7.46 -0.51
N ILE B 197 1.67 6.79 0.63
CA ILE B 197 0.69 5.72 0.79
C ILE B 197 -0.72 6.29 0.74
N GLY B 198 -1.59 5.64 -0.03
CA GLY B 198 -2.96 6.09 -0.14
C GLY B 198 -3.17 7.31 -0.99
N SER B 199 -2.17 7.70 -1.79
CA SER B 199 -2.29 8.94 -2.53
C SER B 199 -1.62 8.82 -3.89
N ALA B 200 -2.11 9.62 -4.83
CA ALA B 200 -1.51 9.71 -6.16
C ALA B 200 -1.42 11.18 -6.56
N ARG B 201 -0.38 11.52 -7.32
CA ARG B 201 -0.26 12.91 -7.74
C ARG B 201 0.60 12.99 -9.00
N ALA B 202 0.16 13.82 -9.94
CA ALA B 202 1.01 14.20 -11.05
C ALA B 202 2.02 15.24 -10.58
N TYR B 203 3.16 15.29 -11.26
CA TYR B 203 4.20 16.24 -10.89
C TYR B 203 4.99 16.62 -12.14
N ASN B 204 5.73 17.74 -12.07
CA ASN B 204 6.59 18.17 -13.18
C ASN B 204 5.83 18.09 -14.51
N ILE B 205 4.64 18.68 -14.54
CA ILE B 205 3.72 18.51 -15.66
C ILE B 205 3.98 19.57 -16.73
N ALA B 206 3.30 19.41 -17.87
CA ALA B 206 3.24 20.41 -18.94
C ALA B 206 4.63 20.70 -19.52
N GLY B 207 5.47 19.68 -19.59
CA GLY B 207 6.71 19.76 -20.33
C GLY B 207 7.93 20.10 -19.51
N VAL B 208 7.80 20.27 -18.19
CA VAL B 208 8.99 20.60 -17.42
C VAL B 208 9.77 19.36 -16.97
N HIS B 209 9.22 18.16 -17.08
CA HIS B 209 10.00 17.01 -16.66
C HIS B 209 11.14 16.73 -17.64
N ARG B 210 12.33 16.48 -17.09
CA ARG B 210 13.55 16.29 -17.88
C ARG B 210 13.51 15.06 -18.78
N HIS B 211 12.59 14.13 -18.56
CA HIS B 211 12.46 13.00 -19.46
C HIS B 211 11.69 13.34 -20.74
N THR B 212 10.98 14.48 -20.78
CA THR B 212 10.27 14.87 -21.99
C THR B 212 11.23 14.97 -23.18
N PRO B 213 12.33 15.72 -23.11
CA PRO B 213 13.23 15.76 -24.28
C PRO B 213 13.90 14.44 -24.57
N GLU B 214 14.06 13.58 -23.55
CA GLU B 214 14.69 12.29 -23.78
C GLU B 214 13.76 11.37 -24.56
N ILE B 215 12.46 11.42 -24.26
CA ILE B 215 11.50 10.71 -25.09
C ILE B 215 11.50 11.29 -26.50
N ALA B 216 11.47 12.62 -26.62
CA ALA B 216 11.46 13.22 -27.95
C ALA B 216 12.67 12.80 -28.76
N GLN B 217 13.85 12.73 -28.12
CA GLN B 217 15.08 12.36 -28.81
C GLN B 217 15.01 10.93 -29.35
N GLY B 218 14.58 9.98 -28.51
CA GLY B 218 14.42 8.62 -28.98
C GLY B 218 13.45 8.49 -30.14
N LEU B 219 12.33 9.23 -30.07
CA LEU B 219 11.34 9.15 -31.16
C LEU B 219 11.88 9.78 -32.44
N ARG B 220 12.57 10.93 -32.33
CA ARG B 220 13.15 11.54 -33.51
C ARG B 220 14.13 10.62 -34.23
N ALA B 221 14.67 9.61 -33.55
CA ALA B 221 15.60 8.69 -34.18
C ALA B 221 14.94 7.67 -35.09
N VAL B 222 13.60 7.59 -35.13
CA VAL B 222 12.88 6.66 -36.00
C VAL B 222 11.97 7.37 -36.99
N THR B 223 12.03 8.70 -37.05
CA THR B 223 11.17 9.41 -37.98
C THR B 223 11.81 10.76 -38.30
N ASP B 224 11.47 11.30 -39.46
CA ASP B 224 11.88 12.64 -39.81
C ASP B 224 10.75 13.65 -39.65
N ARG B 225 9.55 13.21 -39.26
CA ARG B 225 8.52 14.17 -38.91
C ARG B 225 8.95 14.94 -37.67
N ASP B 226 8.31 16.10 -37.47
CA ASP B 226 8.55 16.88 -36.27
C ASP B 226 7.82 16.22 -35.10
N VAL B 227 8.56 15.84 -34.09
CA VAL B 227 8.02 15.12 -32.94
C VAL B 227 7.64 16.13 -31.86
N SER B 228 6.53 15.88 -31.17
CA SER B 228 6.25 16.62 -29.94
C SER B 228 5.74 15.62 -28.91
N VAL B 229 6.03 15.90 -27.64
CA VAL B 229 5.76 14.96 -26.55
C VAL B 229 5.05 15.70 -25.43
N SER B 230 3.84 15.27 -25.12
CA SER B 230 3.13 15.69 -23.92
C SER B 230 3.31 14.56 -22.90
N PHE B 231 4.11 14.82 -21.87
CA PHE B 231 4.48 13.78 -20.91
C PHE B 231 4.06 14.22 -19.51
N THR B 232 3.23 13.41 -18.86
CA THR B 232 2.80 13.63 -17.49
C THR B 232 3.17 12.43 -16.63
N PRO B 233 4.05 12.56 -15.65
CA PRO B 233 4.31 11.47 -14.72
C PRO B 233 3.44 11.59 -13.48
N VAL B 234 3.11 10.42 -12.91
CA VAL B 234 2.18 10.33 -11.80
C VAL B 234 2.75 9.36 -10.77
N LEU B 235 2.99 9.84 -9.56
CA LEU B 235 3.48 9.01 -8.47
C LEU B 235 2.32 8.25 -7.84
N ILE B 236 2.47 6.93 -7.69
CA ILE B 236 1.40 6.10 -7.11
C ILE B 236 1.99 5.30 -5.94
N PRO B 237 1.12 4.74 -5.05
CA PRO B 237 1.66 4.13 -3.82
C PRO B 237 2.12 2.69 -4.01
N ALA B 238 3.14 2.52 -4.84
CA ALA B 238 3.87 1.28 -4.98
C ALA B 238 5.35 1.59 -4.89
N SER B 239 6.15 0.60 -4.56
CA SER B 239 7.58 0.90 -4.48
C SER B 239 8.25 0.83 -5.85
N ARG B 240 7.84 -0.11 -6.70
CA ARG B 240 8.42 -0.26 -8.03
C ARG B 240 7.33 -0.29 -9.08
N GLY B 241 7.74 -0.03 -10.33
CA GLY B 241 6.87 -0.23 -11.47
C GLY B 241 6.54 1.03 -12.23
N ILE B 242 6.56 0.95 -13.56
CA ILE B 242 6.07 2.02 -14.42
C ILE B 242 5.04 1.45 -15.36
N LEU B 243 3.86 2.08 -15.42
CA LEU B 243 2.85 1.77 -16.42
C LEU B 243 2.64 3.03 -17.26
N ALA B 244 3.13 2.99 -18.50
CA ALA B 244 3.01 4.11 -19.42
C ALA B 244 1.81 3.90 -20.34
N THR B 245 0.89 4.86 -20.35
CA THR B 245 -0.22 4.90 -21.30
C THR B 245 0.16 5.92 -22.36
N CYS B 246 0.33 5.46 -23.60
CA CYS B 246 0.87 6.31 -24.66
C CYS B 246 -0.15 6.41 -25.79
N THR B 247 -0.43 7.62 -26.25
CA THR B 247 -1.44 7.77 -27.30
C THR B 247 -0.91 8.65 -28.42
N ALA B 248 -1.51 8.47 -29.60
CA ALA B 248 -1.24 9.31 -30.76
C ALA B 248 -2.39 9.16 -31.74
N ARG B 249 -2.70 10.23 -32.47
CA ARG B 249 -3.73 10.11 -33.48
C ARG B 249 -3.25 9.16 -34.59
N THR B 250 -4.21 8.47 -35.22
CA THR B 250 -3.89 7.50 -36.23
C THR B 250 -5.03 7.39 -37.23
N ARG B 251 -4.67 7.01 -38.46
CA ARG B 251 -5.62 6.64 -39.49
C ARG B 251 -5.32 5.25 -40.03
N SER B 252 -4.45 4.50 -39.38
CA SER B 252 -4.08 3.16 -39.78
C SER B 252 -4.95 2.12 -39.07
N PRO B 253 -5.27 1.01 -39.73
CA PRO B 253 -6.07 -0.02 -39.07
C PRO B 253 -5.28 -0.79 -38.02
N LEU B 254 -6.02 -1.31 -37.03
CA LEU B 254 -5.42 -2.06 -35.94
C LEU B 254 -4.54 -3.20 -36.44
N SER B 255 -4.98 -3.92 -37.48
CA SER B 255 -4.21 -5.07 -37.96
C SER B 255 -2.81 -4.64 -38.39
N GLN B 256 -2.70 -3.47 -39.00
CA GLN B 256 -1.38 -2.98 -39.42
C GLN B 256 -0.51 -2.61 -38.23
N LEU B 257 -1.11 -1.95 -37.23
CA LEU B 257 -0.34 -1.60 -36.04
C LEU B 257 0.09 -2.85 -35.29
N ARG B 258 -0.82 -3.81 -35.09
CA ARG B 258 -0.45 -5.07 -34.47
C ARG B 258 0.70 -5.73 -35.21
N ALA B 259 0.64 -5.77 -36.54
CA ALA B 259 1.69 -6.42 -37.32
C ALA B 259 3.04 -5.74 -37.12
N ALA B 260 3.05 -4.41 -37.01
CA ALA B 260 4.31 -3.70 -36.81
C ALA B 260 4.93 -4.02 -35.47
N TYR B 261 4.11 -4.23 -34.42
CA TYR B 261 4.69 -4.57 -33.12
C TYR B 261 5.20 -6.01 -33.12
N GLU B 262 4.45 -6.92 -33.74
CA GLU B 262 4.94 -8.29 -33.85
C GLU B 262 6.26 -8.33 -34.60
N LYS B 263 6.38 -7.55 -35.66
CA LYS B 263 7.61 -7.56 -36.45
C LYS B 263 8.78 -7.02 -35.64
N ALA B 264 8.56 -5.87 -34.96
CA ALA B 264 9.66 -5.27 -34.21
C ALA B 264 10.12 -6.12 -33.03
N TYR B 265 9.20 -6.88 -32.42
CA TYR B 265 9.49 -7.49 -31.12
C TYR B 265 9.52 -9.00 -31.11
N HIS B 266 9.17 -9.68 -32.20
CA HIS B 266 9.08 -11.15 -32.14
C HIS B 266 10.39 -11.81 -31.73
N ALA B 267 11.52 -11.23 -32.11
CA ALA B 267 12.83 -11.78 -31.75
C ALA B 267 13.48 -11.06 -30.55
N GLU B 268 12.72 -10.25 -29.80
CA GLU B 268 13.31 -9.50 -28.71
C GLU B 268 13.00 -10.22 -27.40
N PRO B 269 14.00 -10.81 -26.74
CA PRO B 269 13.71 -11.72 -25.61
C PRO B 269 13.09 -11.02 -24.40
N PHE B 270 13.28 -9.71 -24.24
CA PHE B 270 12.76 -9.05 -23.05
C PHE B 270 11.39 -8.43 -23.28
N ILE B 271 10.91 -8.39 -24.52
CA ILE B 271 9.66 -7.72 -24.83
C ILE B 271 8.59 -8.79 -25.02
N TYR B 272 7.49 -8.64 -24.29
CA TYR B 272 6.39 -9.60 -24.34
C TYR B 272 5.15 -8.88 -24.81
N LEU B 273 4.60 -9.29 -25.94
CA LEU B 273 3.34 -8.76 -26.42
C LEU B 273 2.20 -9.54 -25.77
N MET B 274 1.25 -8.82 -25.17
CA MET B 274 0.17 -9.48 -24.43
C MET B 274 -0.67 -10.32 -25.40
N PRO B 275 -1.10 -11.51 -24.99
CA PRO B 275 -2.10 -12.24 -25.78
C PRO B 275 -3.39 -11.45 -25.91
N GLU B 276 -4.13 -11.74 -26.99
CA GLU B 276 -5.44 -11.13 -27.22
C GLU B 276 -6.29 -11.19 -25.97
N GLY B 277 -6.88 -10.06 -25.61
CA GLY B 277 -7.71 -9.98 -24.43
C GLY B 277 -6.98 -9.78 -23.11
N GLN B 278 -5.66 -9.55 -23.13
CA GLN B 278 -4.89 -9.29 -21.92
C GLN B 278 -4.19 -7.95 -22.03
N LEU B 279 -3.84 -7.36 -20.88
CA LEU B 279 -3.19 -6.06 -20.83
C LEU B 279 -2.06 -6.12 -19.83
N PRO B 280 -1.07 -5.22 -19.95
CA PRO B 280 0.06 -5.25 -19.02
C PRO B 280 -0.34 -4.87 -17.61
N ARG B 281 0.44 -5.35 -16.65
CA ARG B 281 0.35 -4.90 -15.28
C ARG B 281 1.75 -4.83 -14.69
N THR B 282 2.03 -3.78 -13.91
CA THR B 282 3.38 -3.64 -13.40
C THR B 282 3.76 -4.79 -12.48
N GLY B 283 2.78 -5.33 -11.74
CA GLY B 283 3.08 -6.44 -10.83
C GLY B 283 3.64 -7.68 -11.53
N ALA B 284 3.30 -7.85 -12.82
CA ALA B 284 3.78 -9.02 -13.55
C ALA B 284 5.24 -8.92 -13.97
N VAL B 285 5.85 -7.73 -13.94
CA VAL B 285 7.22 -7.55 -14.41
C VAL B 285 8.18 -7.16 -13.30
N ILE B 286 7.68 -6.94 -12.07
CA ILE B 286 8.55 -6.58 -10.95
C ILE B 286 9.65 -7.61 -10.78
N GLY B 287 10.88 -7.11 -10.65
CA GLY B 287 12.02 -7.98 -10.43
C GLY B 287 12.51 -8.70 -11.66
N SER B 288 11.90 -8.46 -12.81
CA SER B 288 12.34 -9.01 -14.08
C SER B 288 12.85 -7.89 -14.97
N ASN B 289 13.56 -8.26 -16.03
CA ASN B 289 13.98 -7.28 -17.02
C ASN B 289 13.01 -7.17 -18.19
N ALA B 290 11.76 -7.60 -18.01
CA ALA B 290 10.83 -7.64 -19.12
C ALA B 290 10.06 -6.32 -19.26
N ALA B 291 9.57 -6.10 -20.48
CA ALA B 291 8.54 -5.11 -20.77
C ALA B 291 7.34 -5.85 -21.31
N HIS B 292 6.16 -5.54 -20.77
CA HIS B 292 4.91 -6.13 -21.25
C HIS B 292 4.13 -5.05 -21.96
N ILE B 293 3.71 -5.33 -23.20
CA ILE B 293 3.17 -4.30 -24.09
C ILE B 293 1.88 -4.81 -24.74
N ALA B 294 0.88 -3.93 -24.83
CA ALA B 294 -0.30 -4.18 -25.65
C ALA B 294 -0.67 -2.91 -26.41
N VAL B 295 -1.31 -3.07 -27.57
CA VAL B 295 -1.70 -1.93 -28.38
C VAL B 295 -3.17 -2.08 -28.79
N ALA B 296 -3.79 -0.95 -29.10
CA ALA B 296 -5.19 -0.93 -29.46
C ALA B 296 -5.49 0.35 -30.23
N VAL B 297 -6.65 0.37 -30.88
CA VAL B 297 -7.11 1.55 -31.60
C VAL B 297 -8.47 1.95 -31.07
N ASP B 298 -8.58 3.19 -30.60
CA ASP B 298 -9.84 3.82 -30.25
C ASP B 298 -10.45 4.39 -31.52
N GLU B 299 -11.32 3.60 -32.17
CA GLU B 299 -11.84 4.01 -33.47
C GLU B 299 -12.60 5.32 -33.39
N ASP B 300 -13.46 5.48 -32.38
CA ASP B 300 -14.27 6.68 -32.25
C ASP B 300 -13.40 7.94 -32.09
N ALA B 301 -12.27 7.82 -31.44
CA ALA B 301 -11.41 8.97 -31.19
C ALA B 301 -10.23 9.01 -32.15
N GLN B 302 -10.21 8.11 -33.14
CA GLN B 302 -9.14 8.03 -34.13
C GLN B 302 -7.76 8.06 -33.46
N THR B 303 -7.61 7.29 -32.38
CA THR B 303 -6.45 7.38 -31.51
C THR B 303 -5.83 6.01 -31.30
N PHE B 304 -4.53 5.91 -31.47
CA PHE B 304 -3.77 4.71 -31.13
C PHE B 304 -3.43 4.73 -29.64
N VAL B 305 -3.51 3.56 -28.99
CA VAL B 305 -3.17 3.42 -27.58
C VAL B 305 -2.15 2.31 -27.42
N ALA B 306 -1.02 2.62 -26.77
CA ALA B 306 -0.03 1.62 -26.41
C ALA B 306 0.23 1.64 -24.90
N ILE B 307 0.16 0.47 -24.27
CA ILE B 307 0.41 0.32 -22.84
C ILE B 307 1.71 -0.45 -22.65
N ALA B 308 2.62 0.08 -21.83
CA ALA B 308 3.86 -0.62 -21.50
C ALA B 308 4.07 -0.67 -20.00
N ALA B 309 4.42 -1.85 -19.49
CA ALA B 309 4.77 -2.03 -18.09
C ALA B 309 6.21 -2.49 -17.98
N ILE B 310 7.00 -1.82 -17.13
CA ILE B 310 8.34 -2.27 -16.77
C ILE B 310 8.52 -2.11 -15.27
N ASP B 311 9.55 -2.77 -14.76
CA ASP B 311 10.09 -2.45 -13.44
C ASP B 311 11.06 -1.29 -13.61
N ASN B 312 10.79 -0.17 -12.95
CA ASN B 312 11.65 1.00 -13.12
C ASN B 312 13.09 0.75 -12.67
N LEU B 313 13.31 -0.13 -11.68
CA LEU B 313 14.67 -0.41 -11.24
C LEU B 313 15.37 -1.49 -12.09
N VAL B 314 14.64 -2.28 -12.87
CA VAL B 314 15.30 -3.32 -13.66
C VAL B 314 15.39 -2.84 -15.11
N LYS B 315 14.39 -3.12 -15.95
CA LYS B 315 14.50 -2.65 -17.33
C LYS B 315 14.58 -1.13 -17.40
N GLY B 316 14.07 -0.42 -16.40
CA GLY B 316 14.20 1.03 -16.40
C GLY B 316 15.55 1.57 -15.95
N THR B 317 16.39 0.75 -15.29
CA THR B 317 17.72 1.16 -14.85
C THR B 317 18.75 0.05 -14.86
N ALA B 318 18.80 -0.69 -13.75
CA ALA B 318 19.93 -1.59 -13.50
C ALA B 318 19.92 -2.79 -14.44
N GLY B 319 18.72 -3.25 -14.83
CA GLY B 319 18.65 -4.32 -15.82
C GLY B 319 19.13 -3.85 -17.17
N ALA B 320 18.73 -2.65 -17.58
CA ALA B 320 19.26 -2.08 -18.81
C ALA B 320 20.78 -1.93 -18.73
N ALA B 321 21.29 -1.57 -17.55
CA ALA B 321 22.74 -1.40 -17.39
C ALA B 321 23.47 -2.72 -17.52
N VAL B 322 22.94 -3.78 -16.92
CA VAL B 322 23.56 -5.09 -17.01
C VAL B 322 23.37 -5.68 -18.41
N GLN B 323 22.21 -5.43 -19.02
CA GLN B 323 21.96 -5.86 -20.39
C GLN B 323 22.99 -5.27 -21.35
N SER B 324 23.24 -3.97 -21.20
CA SER B 324 24.22 -3.29 -22.03
C SER B 324 25.65 -3.74 -21.70
N MET B 325 25.91 -3.98 -20.41
CA MET B 325 27.19 -4.52 -20.00
C MET B 325 27.48 -5.85 -20.70
N ASN B 326 26.49 -6.74 -20.72
CA ASN B 326 26.64 -8.00 -21.46
C ASN B 326 27.05 -7.74 -22.89
N LEU B 327 26.37 -6.80 -23.55
CA LEU B 327 26.69 -6.50 -24.94
C LEU B 327 28.08 -5.91 -25.08
N ALA B 328 28.45 -5.02 -24.16
CA ALA B 328 29.76 -4.38 -24.23
C ALA B 328 30.89 -5.40 -24.10
N LEU B 329 30.70 -6.41 -23.23
CA LEU B 329 31.73 -7.40 -22.94
C LEU B 329 31.66 -8.62 -23.86
N GLY B 330 30.70 -8.69 -24.77
CA GLY B 330 30.58 -9.86 -25.62
C GLY B 330 29.98 -11.07 -24.97
N TRP B 331 29.21 -10.88 -23.87
CA TRP B 331 28.55 -11.99 -23.18
C TRP B 331 27.12 -12.11 -23.69
N PRO B 332 26.51 -13.28 -23.59
CA PRO B 332 25.11 -13.41 -24.01
C PRO B 332 24.25 -12.33 -23.37
N GLU B 333 23.43 -11.67 -24.19
CA GLU B 333 22.74 -10.45 -23.77
C GLU B 333 21.79 -10.70 -22.60
N THR B 334 21.23 -11.91 -22.49
CA THR B 334 20.28 -12.21 -21.44
C THR B 334 20.91 -12.68 -20.15
N ASP B 335 22.24 -12.82 -20.09
CA ASP B 335 22.88 -13.37 -18.90
C ASP B 335 22.49 -12.57 -17.66
N GLY B 336 21.98 -13.28 -16.65
CA GLY B 336 21.60 -12.67 -15.39
C GLY B 336 20.34 -11.85 -15.42
N LEU B 337 19.57 -11.89 -16.50
CA LEU B 337 18.37 -11.06 -16.68
C LEU B 337 17.16 -11.96 -16.96
N SER B 338 16.41 -12.30 -15.92
CA SER B 338 15.22 -13.11 -16.10
C SER B 338 14.06 -12.27 -16.67
N VAL B 339 13.18 -12.92 -17.42
CA VAL B 339 11.93 -12.31 -17.87
C VAL B 339 10.75 -12.65 -16.96
N VAL B 340 10.99 -13.39 -15.89
CA VAL B 340 9.93 -13.87 -15.01
C VAL B 340 9.75 -12.90 -13.85
N GLY B 341 8.54 -12.39 -13.67
CA GLY B 341 8.29 -11.45 -12.60
C GLY B 341 8.06 -12.12 -11.26
N VAL B 342 8.18 -11.31 -10.21
CA VAL B 342 7.95 -11.77 -8.85
C VAL B 342 6.60 -11.22 -8.39
N ALA B 343 5.55 -12.00 -8.57
CA ALA B 343 4.17 -11.67 -8.26
C ALA B 343 3.59 -12.82 -7.45
N PRO B 344 2.59 -12.56 -6.60
CA PRO B 344 1.95 -11.27 -6.34
C PRO B 344 2.77 -10.38 -5.41
N ALA C 1 15.90 -37.56 -16.96
CA ALA C 1 15.33 -36.26 -16.59
C ALA C 1 14.19 -36.42 -15.60
N THR C 2 14.08 -35.47 -14.68
CA THR C 2 13.04 -35.48 -13.67
C THR C 2 11.84 -34.71 -14.18
N LYS C 3 10.73 -35.41 -14.42
CA LYS C 3 9.50 -34.80 -14.90
C LYS C 3 8.65 -34.40 -13.71
N VAL C 4 8.26 -33.13 -13.66
CA VAL C 4 7.59 -32.55 -12.49
C VAL C 4 6.18 -32.11 -12.88
N ALA C 5 5.20 -32.49 -12.06
CA ALA C 5 3.83 -32.00 -12.16
C ALA C 5 3.51 -31.11 -10.97
N VAL C 6 2.61 -30.14 -11.19
CA VAL C 6 2.14 -29.27 -10.12
C VAL C 6 0.61 -29.30 -10.10
N ALA C 7 0.04 -29.83 -9.03
CA ALA C 7 -1.40 -29.80 -8.81
C ALA C 7 -1.76 -28.53 -8.04
N GLY C 8 -2.77 -27.81 -8.52
CA GLY C 8 -3.07 -26.51 -7.97
C GLY C 8 -2.18 -25.45 -8.57
N ALA C 9 -1.88 -25.56 -9.87
CA ALA C 9 -0.92 -24.68 -10.51
C ALA C 9 -1.42 -23.24 -10.65
N SER C 10 -2.75 -23.06 -10.63
CA SER C 10 -3.35 -21.74 -10.79
C SER C 10 -3.36 -20.91 -9.51
N GLY C 11 -3.03 -21.51 -8.36
CA GLY C 11 -3.01 -20.78 -7.11
C GLY C 11 -1.67 -20.11 -6.83
N TYR C 12 -1.61 -19.40 -5.69
CA TYR C 12 -0.42 -18.65 -5.32
C TYR C 12 0.77 -19.57 -5.02
N ALA C 13 0.56 -20.62 -4.22
CA ALA C 13 1.68 -21.52 -3.91
C ALA C 13 2.15 -22.24 -5.16
N GLY C 14 1.21 -22.73 -5.98
CA GLY C 14 1.58 -23.40 -7.22
C GLY C 14 2.31 -22.48 -8.19
N GLY C 15 1.85 -21.23 -8.31
CA GLY C 15 2.53 -20.29 -9.17
C GLY C 15 3.94 -19.98 -8.69
N GLU C 16 4.14 -19.95 -7.38
CA GLU C 16 5.48 -19.65 -6.87
C GLU C 16 6.40 -20.87 -7.01
N ILE C 17 5.87 -22.08 -6.91
CA ILE C 17 6.67 -23.26 -7.24
C ILE C 17 7.15 -23.16 -8.68
N LEU C 18 6.24 -22.81 -9.61
CA LEU C 18 6.60 -22.70 -11.01
C LEU C 18 7.61 -21.58 -11.25
N ARG C 19 7.47 -20.45 -10.56
CA ARG C 19 8.49 -19.40 -10.68
C ARG C 19 9.87 -19.94 -10.31
N LEU C 20 9.96 -20.66 -9.19
CA LEU C 20 11.26 -21.16 -8.75
C LEU C 20 11.79 -22.24 -9.67
N LEU C 21 10.92 -23.12 -10.16
CA LEU C 21 11.37 -24.15 -11.08
C LEU C 21 11.92 -23.53 -12.37
N LEU C 22 11.30 -22.44 -12.85
CA LEU C 22 11.77 -21.80 -14.08
C LEU C 22 13.18 -21.25 -13.94
N GLY C 23 13.56 -20.85 -12.73
CA GLY C 23 14.89 -20.35 -12.46
C GLY C 23 15.86 -21.40 -11.92
N HIS C 24 15.41 -22.63 -11.76
CA HIS C 24 16.24 -23.70 -11.20
C HIS C 24 17.30 -24.13 -12.22
N PRO C 25 18.53 -24.39 -11.78
CA PRO C 25 19.57 -24.83 -12.74
C PRO C 25 19.22 -26.13 -13.45
N ALA C 26 18.48 -27.04 -12.81
CA ALA C 26 18.09 -28.28 -13.48
C ALA C 26 17.13 -28.01 -14.63
N TYR C 27 16.30 -26.98 -14.53
CA TYR C 27 15.48 -26.60 -15.67
C TYR C 27 16.33 -26.04 -16.80
N ALA C 28 17.38 -25.27 -16.46
CA ALA C 28 18.23 -24.70 -17.50
C ALA C 28 18.99 -25.77 -18.28
N ASP C 29 19.51 -26.78 -17.58
CA ASP C 29 20.32 -27.82 -18.23
C ASP C 29 19.52 -29.06 -18.62
N GLY C 30 18.18 -29.01 -18.52
CA GLY C 30 17.34 -30.08 -19.01
C GLY C 30 17.10 -31.23 -18.07
N ARG C 31 17.76 -31.26 -16.90
CA ARG C 31 17.55 -32.37 -15.97
C ARG C 31 16.18 -32.32 -15.31
N LEU C 32 15.48 -31.19 -15.36
CA LEU C 32 14.14 -31.06 -14.82
C LEU C 32 13.20 -30.56 -15.91
N ARG C 33 12.07 -31.23 -16.08
CA ARG C 33 11.04 -30.80 -17.03
C ARG C 33 9.75 -30.50 -16.29
N ILE C 34 9.07 -29.45 -16.72
CA ILE C 34 7.79 -29.05 -16.16
C ILE C 34 6.70 -29.71 -17.00
N GLY C 35 5.99 -30.67 -16.39
CA GLY C 35 4.95 -31.41 -17.07
C GLY C 35 3.56 -30.87 -16.81
N ALA C 36 2.68 -31.72 -16.27
CA ALA C 36 1.26 -31.37 -16.15
C ALA C 36 1.02 -30.32 -15.08
N LEU C 37 0.23 -29.31 -15.43
CA LEU C 37 -0.21 -28.27 -14.50
C LEU C 37 -1.72 -28.39 -14.35
N THR C 38 -2.15 -28.71 -13.14
CA THR C 38 -3.59 -29.01 -12.91
C THR C 38 -4.24 -28.10 -11.87
N ALA C 39 -5.58 -28.06 -11.94
CA ALA C 39 -6.40 -27.28 -11.00
C ALA C 39 -7.82 -27.88 -10.98
N ALA C 40 -8.77 -27.11 -10.47
CA ALA C 40 -10.18 -27.55 -10.40
C ALA C 40 -10.97 -26.84 -11.50
N THR C 41 -11.68 -25.77 -11.16
CA THR C 41 -12.51 -25.05 -12.15
C THR C 41 -11.69 -24.31 -13.21
N SER C 42 -10.41 -24.05 -13.00
CA SER C 42 -9.62 -23.33 -14.03
C SER C 42 -9.09 -24.27 -15.13
N ALA C 43 -9.40 -25.57 -15.08
CA ALA C 43 -8.96 -26.50 -16.14
C ALA C 43 -9.50 -26.04 -17.50
N GLY C 44 -8.68 -26.13 -18.55
CA GLY C 44 -9.08 -25.66 -19.90
C GLY C 44 -8.46 -24.30 -20.23
N SER C 45 -8.24 -23.47 -19.22
CA SER C 45 -7.66 -22.14 -19.44
C SER C 45 -6.14 -22.24 -19.60
N THR C 46 -5.53 -21.13 -20.05
CA THR C 46 -4.08 -21.05 -20.15
C THR C 46 -3.50 -20.47 -18.86
N LEU C 47 -2.25 -20.86 -18.57
CA LEU C 47 -1.65 -20.46 -17.30
C LEU C 47 -1.48 -18.94 -17.21
N GLY C 48 -1.24 -18.29 -18.34
CA GLY C 48 -1.10 -16.83 -18.36
C GLY C 48 -2.32 -16.10 -17.86
N GLU C 49 -3.50 -16.72 -17.93
CA GLU C 49 -4.70 -16.13 -17.38
C GLU C 49 -4.71 -16.14 -15.85
N HIS C 50 -3.80 -16.88 -15.24
CA HIS C 50 -3.67 -16.90 -13.79
C HIS C 50 -2.37 -16.31 -13.30
N HIS C 51 -1.29 -16.48 -14.06
CA HIS C 51 0.05 -16.07 -13.64
C HIS C 51 0.74 -15.32 -14.77
N PRO C 52 0.34 -14.07 -15.02
CA PRO C 52 0.95 -13.33 -16.14
C PRO C 52 2.41 -13.00 -15.94
N HIS C 53 2.95 -13.20 -14.73
CA HIS C 53 4.38 -13.03 -14.51
C HIS C 53 5.19 -14.22 -15.00
N LEU C 54 4.55 -15.36 -15.25
CA LEU C 54 5.25 -16.56 -15.70
C LEU C 54 5.15 -16.69 -17.22
N THR C 55 5.63 -15.67 -17.93
CA THR C 55 5.41 -15.65 -19.37
C THR C 55 5.96 -16.86 -20.11
N PRO C 56 7.09 -17.49 -19.73
CA PRO C 56 7.53 -18.70 -20.46
C PRO C 56 6.53 -19.84 -20.42
N LEU C 57 5.63 -19.87 -19.43
CA LEU C 57 4.60 -20.92 -19.34
C LEU C 57 3.21 -20.40 -19.68
N ALA C 58 3.09 -19.17 -20.19
CA ALA C 58 1.77 -18.55 -20.28
C ALA C 58 0.84 -19.37 -21.18
N HIS C 59 1.41 -20.03 -22.19
CA HIS C 59 0.64 -20.77 -23.18
C HIS C 59 0.16 -22.12 -22.67
N ARG C 60 0.69 -22.61 -21.54
CA ARG C 60 0.34 -23.94 -21.06
C ARG C 60 -1.14 -24.01 -20.69
N VAL C 61 -1.79 -25.10 -21.05
CA VAL C 61 -3.20 -25.27 -20.75
C VAL C 61 -3.35 -26.08 -19.47
N VAL C 62 -4.10 -25.53 -18.52
CA VAL C 62 -4.31 -26.17 -17.23
C VAL C 62 -5.22 -27.39 -17.39
N GLU C 63 -4.88 -28.47 -16.71
CA GLU C 63 -5.60 -29.74 -16.84
C GLU C 63 -6.38 -30.06 -15.57
N PRO C 64 -7.33 -30.98 -15.64
CA PRO C 64 -8.06 -31.35 -14.42
C PRO C 64 -7.12 -32.05 -13.44
N THR C 65 -7.43 -31.90 -12.15
CA THR C 65 -6.65 -32.56 -11.10
C THR C 65 -7.21 -33.95 -10.87
N GLU C 66 -6.67 -34.92 -11.58
CA GLU C 66 -6.98 -36.34 -11.37
C GLU C 66 -5.66 -37.08 -11.21
N ALA C 67 -5.70 -38.15 -10.40
CA ALA C 67 -4.48 -38.91 -10.13
C ALA C 67 -3.85 -39.44 -11.42
N ALA C 68 -4.68 -39.84 -12.38
CA ALA C 68 -4.16 -40.34 -13.65
C ALA C 68 -3.41 -39.24 -14.40
N VAL C 69 -3.86 -37.99 -14.28
CA VAL C 69 -3.17 -36.87 -14.90
C VAL C 69 -1.78 -36.70 -14.29
N LEU C 70 -1.70 -36.79 -12.96
CA LEU C 70 -0.46 -36.57 -12.23
C LEU C 70 0.49 -37.75 -12.33
N GLY C 71 -0.01 -38.92 -12.70
CA GLY C 71 0.85 -40.06 -12.92
C GLY C 71 1.81 -39.83 -14.06
N GLY C 72 2.82 -40.68 -14.13
CA GLY C 72 3.83 -40.52 -15.14
C GLY C 72 4.79 -39.38 -14.88
N HIS C 73 4.81 -38.83 -13.67
CA HIS C 73 5.74 -37.78 -13.30
C HIS C 73 6.61 -38.24 -12.14
N ASP C 74 7.91 -37.99 -12.25
CA ASP C 74 8.84 -38.43 -11.21
C ASP C 74 8.65 -37.66 -9.92
N ALA C 75 8.16 -36.42 -9.98
CA ALA C 75 7.93 -35.61 -8.80
C ALA C 75 6.61 -34.88 -8.98
N VAL C 76 5.84 -34.79 -7.89
CA VAL C 76 4.51 -34.17 -7.92
C VAL C 76 4.40 -33.22 -6.74
N PHE C 77 4.21 -31.94 -7.04
CA PHE C 77 3.95 -30.94 -6.00
C PHE C 77 2.43 -30.79 -5.86
N LEU C 78 1.94 -30.88 -4.63
CA LEU C 78 0.50 -30.67 -4.37
C LEU C 78 0.36 -29.32 -3.69
N ALA C 79 -0.23 -28.34 -4.37
CA ALA C 79 -0.42 -26.99 -3.81
C ALA C 79 -1.93 -26.73 -3.76
N LEU C 80 -2.62 -27.58 -3.03
CA LEU C 80 -4.09 -27.57 -2.95
C LEU C 80 -4.50 -27.23 -1.53
N PRO C 81 -5.78 -26.93 -1.29
CA PRO C 81 -6.30 -26.73 0.06
C PRO C 81 -6.30 -28.09 0.77
N HIS C 82 -6.29 -28.10 2.09
CA HIS C 82 -6.29 -29.37 2.89
C HIS C 82 -7.41 -30.33 2.45
N GLY C 83 -7.12 -31.62 2.57
CA GLY C 83 -7.90 -32.69 1.93
C GLY C 83 -7.24 -32.96 0.59
N HIS C 84 -7.85 -33.67 -0.33
CA HIS C 84 -7.24 -33.90 -1.68
C HIS C 84 -5.91 -34.68 -1.66
N SER C 85 -4.81 -34.09 -1.17
CA SER C 85 -3.48 -34.71 -1.06
C SER C 85 -3.58 -36.15 -0.59
N ALA C 86 -4.22 -36.43 0.55
CA ALA C 86 -4.28 -37.83 1.02
C ALA C 86 -4.92 -38.71 -0.04
N VAL C 87 -6.09 -38.33 -0.53
CA VAL C 87 -6.80 -39.13 -1.56
C VAL C 87 -5.92 -39.23 -2.79
N LEU C 88 -5.31 -38.13 -3.22
CA LEU C 88 -4.49 -38.16 -4.45
C LEU C 88 -3.22 -38.97 -4.25
N ALA C 89 -2.52 -38.79 -3.12
CA ALA C 89 -1.23 -39.48 -2.87
C ALA C 89 -1.40 -40.98 -2.81
N GLN C 90 -2.55 -41.46 -2.32
CA GLN C 90 -2.85 -42.91 -2.24
C GLN C 90 -2.91 -43.53 -3.63
N GLN C 91 -3.29 -42.78 -4.67
CA GLN C 91 -3.42 -43.32 -6.04
C GLN C 91 -2.14 -43.14 -6.84
N LEU C 92 -1.09 -42.57 -6.26
CA LEU C 92 0.16 -42.33 -7.02
C LEU C 92 1.18 -43.42 -6.67
N SER C 93 2.14 -43.64 -7.55
CA SER C 93 3.14 -44.67 -7.32
C SER C 93 3.96 -44.34 -6.08
N PRO C 94 4.26 -45.34 -5.23
CA PRO C 94 5.15 -45.07 -4.09
C PRO C 94 6.56 -44.64 -4.49
N GLU C 95 6.97 -44.83 -5.75
CA GLU C 95 8.28 -44.36 -6.17
C GLU C 95 8.27 -42.90 -6.61
N THR C 96 7.08 -42.30 -6.70
CA THR C 96 6.97 -40.89 -7.04
C THR C 96 7.31 -40.03 -5.83
N LEU C 97 8.12 -38.99 -6.05
CA LEU C 97 8.37 -38.00 -5.02
C LEU C 97 7.15 -37.09 -4.95
N ILE C 98 6.48 -37.07 -3.80
CA ILE C 98 5.31 -36.23 -3.59
C ILE C 98 5.67 -35.18 -2.52
N ILE C 99 5.47 -33.91 -2.87
CA ILE C 99 5.79 -32.78 -2.01
C ILE C 99 4.50 -32.02 -1.80
N ASP C 100 3.94 -32.10 -0.59
CA ASP C 100 2.61 -31.58 -0.30
C ASP C 100 2.73 -30.26 0.45
N CYS C 101 2.24 -29.17 -0.15
CA CYS C 101 2.22 -27.87 0.49
C CYS C 101 1.12 -27.75 1.54
N GLY C 102 0.09 -28.60 1.48
CA GLY C 102 -1.01 -28.56 2.42
C GLY C 102 -0.68 -29.18 3.76
N ALA C 103 -1.66 -29.16 4.67
CA ALA C 103 -1.43 -29.58 6.04
C ALA C 103 -1.62 -31.08 6.28
N ASP C 104 -2.09 -31.83 5.27
CA ASP C 104 -2.61 -33.18 5.48
C ASP C 104 -1.63 -34.10 6.23
N PHE C 105 -0.35 -34.03 5.88
CA PHE C 105 0.64 -34.95 6.45
C PHE C 105 1.62 -34.24 7.41
N ARG C 106 1.26 -33.07 7.95
CA ARG C 106 2.19 -32.33 8.81
C ARG C 106 2.17 -32.83 10.24
N LEU C 107 0.98 -33.11 10.77
CA LEU C 107 0.79 -33.34 12.20
C LEU C 107 0.97 -34.81 12.55
N THR C 108 1.58 -35.05 13.71
CA THR C 108 1.93 -36.40 14.15
C THR C 108 0.98 -36.95 15.20
N ASP C 109 -0.12 -36.25 15.48
CA ASP C 109 -1.05 -36.60 16.54
C ASP C 109 -2.46 -36.55 15.95
N ALA C 110 -3.09 -37.72 15.83
CA ALA C 110 -4.38 -37.78 15.15
C ALA C 110 -5.46 -36.99 15.90
N ALA C 111 -5.44 -37.05 17.23
CA ALA C 111 -6.43 -36.33 18.02
C ALA C 111 -6.28 -34.82 17.85
N VAL C 112 -5.04 -34.33 17.78
CA VAL C 112 -4.81 -32.92 17.49
C VAL C 112 -5.40 -32.56 16.13
N TRP C 113 -5.04 -33.33 15.10
CA TRP C 113 -5.55 -33.06 13.76
C TRP C 113 -7.07 -33.01 13.73
N GLU C 114 -7.71 -34.05 14.27
CA GLU C 114 -9.16 -34.09 14.30
C GLU C 114 -9.74 -32.83 14.91
N ARG C 115 -9.13 -32.36 16.00
CA ARG C 115 -9.69 -31.23 16.75
C ARG C 115 -9.63 -29.93 15.95
N PHE C 116 -8.54 -29.72 15.20
CA PHE C 116 -8.35 -28.46 14.51
C PHE C 116 -8.79 -28.49 13.05
N TYR C 117 -8.85 -29.66 12.41
CA TYR C 117 -9.23 -29.74 11.01
C TYR C 117 -10.54 -30.47 10.78
N GLY C 118 -11.10 -31.13 11.79
CA GLY C 118 -12.41 -31.76 11.66
C GLY C 118 -12.50 -32.83 10.61
N SER C 119 -11.47 -33.68 10.50
CA SER C 119 -11.48 -34.78 9.55
C SER C 119 -10.57 -35.88 10.06
N SER C 120 -10.59 -37.01 9.35
CA SER C 120 -9.74 -38.14 9.72
C SER C 120 -8.27 -37.83 9.41
N HIS C 121 -7.40 -38.21 10.35
CA HIS C 121 -5.98 -37.97 10.22
C HIS C 121 -5.37 -38.90 9.18
N ALA C 122 -4.71 -38.34 8.18
CA ALA C 122 -4.11 -39.15 7.12
C ALA C 122 -2.77 -39.75 7.50
N GLY C 123 -2.19 -39.36 8.63
CA GLY C 123 -0.83 -39.73 8.97
C GLY C 123 0.11 -38.54 8.86
N SER C 124 1.41 -38.85 8.77
CA SER C 124 2.41 -37.78 8.74
C SER C 124 3.61 -38.21 7.92
N TRP C 125 4.17 -37.24 7.21
CA TRP C 125 5.32 -37.38 6.33
C TRP C 125 6.47 -36.54 6.87
N PRO C 126 7.71 -36.79 6.41
CA PRO C 126 8.84 -35.95 6.85
C PRO C 126 8.58 -34.46 6.62
N TYR C 127 8.76 -33.69 7.68
CA TYR C 127 8.47 -32.26 7.69
C TYR C 127 9.53 -31.49 6.90
N GLY C 128 9.08 -30.65 5.96
CA GLY C 128 9.97 -29.98 5.03
C GLY C 128 10.61 -28.71 5.55
N LEU C 129 11.17 -28.76 6.76
CA LEU C 129 11.90 -27.65 7.38
C LEU C 129 13.33 -28.11 7.62
N PRO C 130 14.19 -28.07 6.61
CA PRO C 130 15.51 -28.72 6.72
C PRO C 130 16.36 -28.19 7.86
N GLU C 131 16.15 -26.94 8.29
CA GLU C 131 16.95 -26.37 9.36
C GLU C 131 16.56 -26.89 10.74
N LEU C 132 15.43 -27.56 10.88
CA LEU C 132 15.05 -28.13 12.17
C LEU C 132 16.01 -29.27 12.52
N PRO C 133 16.43 -29.38 13.78
CA PRO C 133 17.31 -30.49 14.17
C PRO C 133 16.67 -31.81 13.81
N GLY C 134 17.44 -32.67 13.12
CA GLY C 134 16.98 -33.97 12.71
C GLY C 134 16.22 -33.99 11.40
N ALA C 135 15.72 -32.84 10.93
CA ALA C 135 14.85 -32.87 9.76
C ALA C 135 15.61 -33.23 8.49
N ARG C 136 16.80 -32.67 8.32
CA ARG C 136 17.56 -32.92 7.09
C ARG C 136 17.85 -34.40 6.91
N ASP C 137 18.09 -35.14 8.00
CA ASP C 137 18.31 -36.58 7.88
C ASP C 137 17.09 -37.26 7.25
N GLN C 138 15.89 -36.88 7.67
CA GLN C 138 14.68 -37.55 7.19
C GLN C 138 14.35 -37.21 5.75
N LEU C 139 14.85 -36.10 5.23
CA LEU C 139 14.49 -35.65 3.89
C LEU C 139 15.35 -36.26 2.79
N ARG C 140 16.57 -36.68 3.09
CA ARG C 140 17.42 -37.28 2.06
C ARG C 140 16.79 -38.56 1.54
N GLY C 141 16.63 -38.64 0.23
CA GLY C 141 16.07 -39.83 -0.38
C GLY C 141 14.64 -40.18 -0.01
N THR C 142 13.95 -39.33 0.75
CA THR C 142 12.54 -39.57 1.01
C THR C 142 11.74 -39.41 -0.29
N ARG C 143 10.61 -40.10 -0.37
CA ARG C 143 9.67 -39.91 -1.46
C ARG C 143 8.41 -39.16 -1.03
N ARG C 144 8.32 -38.75 0.23
CA ARG C 144 7.15 -38.06 0.75
C ARG C 144 7.63 -36.89 1.61
N ILE C 145 7.04 -35.71 1.39
CA ILE C 145 7.41 -34.49 2.13
C ILE C 145 6.15 -33.70 2.43
N ALA C 146 5.96 -33.36 3.70
CA ALA C 146 4.95 -32.40 4.13
C ALA C 146 5.63 -31.06 4.35
N VAL C 147 5.30 -30.08 3.52
CA VAL C 147 5.88 -28.74 3.63
C VAL C 147 5.22 -28.03 4.80
N PRO C 148 5.97 -27.30 5.63
CA PRO C 148 5.37 -26.61 6.76
C PRO C 148 4.46 -25.47 6.35
N GLY C 149 3.60 -25.07 7.28
CA GLY C 149 2.85 -23.84 7.13
C GLY C 149 3.76 -22.63 7.26
N CYS C 150 3.30 -21.49 6.73
CA CYS C 150 4.17 -20.32 6.68
C CYS C 150 4.45 -19.76 8.06
N TYR C 151 3.43 -19.56 8.89
CA TYR C 151 3.68 -19.03 10.24
C TYR C 151 4.52 -19.96 11.10
N PRO C 152 4.29 -21.28 11.13
CA PRO C 152 5.19 -22.14 11.92
C PRO C 152 6.64 -22.04 11.47
N THR C 153 6.89 -21.91 10.16
CA THR C 153 8.26 -21.76 9.70
C THR C 153 8.92 -20.57 10.38
N ALA C 154 8.25 -19.41 10.37
CA ALA C 154 8.84 -18.21 10.97
C ALA C 154 9.00 -18.37 12.47
N ALA C 155 7.98 -18.89 13.15
CA ALA C 155 8.02 -19.00 14.61
C ALA C 155 9.07 -20.01 15.05
N LEU C 156 9.18 -21.14 14.35
CA LEU C 156 10.12 -22.18 14.78
C LEU C 156 11.56 -21.73 14.57
N LEU C 157 11.82 -21.04 13.45
CA LEU C 157 13.16 -20.51 13.22
C LEU C 157 13.50 -19.46 14.26
N ALA C 158 12.51 -18.71 14.71
CA ALA C 158 12.77 -17.67 15.70
C ALA C 158 13.07 -18.26 17.07
N LEU C 159 12.44 -19.39 17.41
CA LEU C 159 12.42 -19.87 18.79
C LEU C 159 13.22 -21.15 19.04
N PHE C 160 13.42 -22.01 18.03
CA PHE C 160 13.93 -23.33 18.42
C PHE C 160 15.35 -23.30 18.99
N PRO C 161 16.27 -22.45 18.51
CA PRO C 161 17.61 -22.47 19.13
C PRO C 161 17.61 -22.08 20.61
N ALA C 162 16.76 -21.13 21.01
CA ALA C 162 16.71 -20.79 22.43
C ALA C 162 16.16 -21.96 23.24
N LEU C 163 15.06 -22.53 22.77
CA LEU C 163 14.40 -23.62 23.50
C LEU C 163 15.25 -24.88 23.52
N ALA C 164 15.96 -25.17 22.43
CA ALA C 164 16.79 -26.37 22.37
C ALA C 164 17.94 -26.29 23.36
N ALA C 165 18.44 -25.09 23.65
CA ALA C 165 19.50 -24.87 24.61
C ALA C 165 18.97 -24.64 26.02
N ASP C 166 17.67 -24.83 26.23
CA ASP C 166 17.03 -24.64 27.52
C ASP C 166 17.25 -23.24 28.07
N LEU C 167 17.40 -22.26 27.18
CA LEU C 167 17.70 -20.90 27.61
C LEU C 167 16.45 -20.06 27.85
N ILE C 168 15.28 -20.53 27.42
CA ILE C 168 14.02 -19.82 27.62
C ILE C 168 13.00 -20.80 28.16
N GLU C 169 11.90 -20.26 28.61
CA GLU C 169 10.78 -21.08 29.04
C GLU C 169 10.00 -21.63 27.86
N PRO C 170 9.26 -22.73 28.07
CA PRO C 170 8.50 -23.34 26.98
C PRO C 170 7.09 -22.79 26.79
N ALA C 171 6.69 -21.78 27.56
CA ALA C 171 5.46 -21.03 27.31
C ALA C 171 5.82 -19.83 26.46
N VAL C 172 5.45 -19.87 25.18
CA VAL C 172 5.88 -18.85 24.23
C VAL C 172 4.67 -18.08 23.72
N THR C 173 4.94 -16.87 23.24
CA THR C 173 3.94 -16.02 22.63
C THR C 173 4.44 -15.63 21.25
N VAL C 174 3.57 -15.73 20.25
CA VAL C 174 3.91 -15.38 18.90
C VAL C 174 2.84 -14.43 18.41
N VAL C 175 3.23 -13.23 17.97
CA VAL C 175 2.33 -12.36 17.22
C VAL C 175 3.01 -12.12 15.88
N ALA C 176 2.35 -12.51 14.79
CA ALA C 176 2.98 -12.47 13.48
C ALA C 176 2.09 -11.70 12.51
N VAL C 177 2.70 -10.76 11.78
CA VAL C 177 1.99 -10.08 10.69
C VAL C 177 2.27 -10.82 9.40
N SER C 178 1.29 -10.82 8.50
CA SER C 178 1.40 -11.52 7.25
C SER C 178 0.78 -10.69 6.14
N GLY C 179 1.45 -10.64 4.98
CA GLY C 179 0.81 -10.18 3.77
C GLY C 179 -0.36 -11.08 3.36
N THR C 180 -1.22 -10.56 2.50
CA THR C 180 -2.49 -11.26 2.28
C THR C 180 -2.40 -12.43 1.31
N SER C 181 -1.28 -12.62 0.59
CA SER C 181 -1.19 -13.81 -0.27
C SER C 181 -1.17 -15.09 0.55
N GLY C 182 -0.87 -15.00 1.85
CA GLY C 182 -0.94 -16.16 2.71
C GLY C 182 -2.32 -16.78 2.75
N ALA C 183 -3.35 -15.98 2.50
CA ALA C 183 -4.74 -16.47 2.55
C ALA C 183 -5.14 -17.19 1.25
N GLY C 184 -4.27 -17.21 0.25
CA GLY C 184 -4.67 -17.87 -0.99
C GLY C 184 -5.40 -16.96 -1.95
N ARG C 185 -5.67 -17.43 -3.14
CA ARG C 185 -6.25 -16.53 -4.14
C ARG C 185 -7.77 -16.69 -4.29
N ALA C 186 -8.39 -17.61 -3.55
CA ALA C 186 -9.86 -17.75 -3.63
C ALA C 186 -10.48 -16.41 -3.27
N ALA C 187 -11.37 -15.92 -4.12
CA ALA C 187 -11.94 -14.57 -3.89
C ALA C 187 -13.01 -14.55 -2.80
N THR C 188 -12.77 -13.80 -1.75
CA THR C 188 -13.74 -13.54 -0.69
C THR C 188 -13.77 -12.05 -0.45
N THR C 189 -14.87 -11.56 0.10
CA THR C 189 -14.99 -10.11 0.31
C THR C 189 -13.96 -9.62 1.32
N ASP C 190 -13.60 -10.45 2.31
CA ASP C 190 -12.65 -10.06 3.34
C ASP C 190 -11.22 -9.92 2.84
N LEU C 191 -10.92 -10.40 1.64
CA LEU C 191 -9.57 -10.34 1.09
C LEU C 191 -9.45 -9.37 -0.08
N LEU C 192 -10.50 -8.61 -0.37
CA LEU C 192 -10.44 -7.71 -1.51
C LEU C 192 -9.58 -6.50 -1.21
N GLY C 193 -9.04 -5.90 -2.27
CA GLY C 193 -8.05 -4.85 -2.11
C GLY C 193 -8.54 -3.68 -1.27
N ALA C 194 -9.74 -3.19 -1.54
CA ALA C 194 -10.16 -1.97 -0.84
C ALA C 194 -10.27 -2.22 0.66
N GLU C 195 -10.65 -3.45 1.05
CA GLU C 195 -10.72 -3.82 2.46
C GLU C 195 -9.34 -3.94 3.09
N VAL C 196 -8.43 -4.62 2.38
CA VAL C 196 -7.12 -4.93 2.96
C VAL C 196 -6.23 -3.69 3.01
N ILE C 197 -6.29 -2.87 1.95
CA ILE C 197 -5.39 -1.71 1.85
C ILE C 197 -5.73 -0.72 2.96
N GLY C 198 -4.70 -0.23 3.65
CA GLY C 198 -4.91 0.75 4.70
C GLY C 198 -5.49 0.20 5.99
N SER C 199 -5.46 -1.12 6.19
CA SER C 199 -6.06 -1.71 7.39
C SER C 199 -5.23 -2.88 7.89
N ALA C 200 -5.32 -3.13 9.20
CA ALA C 200 -4.70 -4.28 9.81
C ALA C 200 -5.71 -4.92 10.76
N ARG C 201 -5.65 -6.24 10.88
CA ARG C 201 -6.61 -6.93 11.74
C ARG C 201 -6.04 -8.26 12.18
N ALA C 202 -6.17 -8.55 13.48
CA ALA C 202 -5.91 -9.90 13.95
C ALA C 202 -7.10 -10.80 13.62
N TYR C 203 -6.82 -12.09 13.42
CA TYR C 203 -7.87 -13.02 13.07
C TYR C 203 -7.55 -14.36 13.72
N ASN C 204 -8.58 -15.19 13.87
CA ASN C 204 -8.40 -16.54 14.39
C ASN C 204 -7.58 -16.54 15.68
N ILE C 205 -8.01 -15.75 16.66
CA ILE C 205 -7.16 -15.49 17.83
C ILE C 205 -7.43 -16.50 18.94
N ALA C 206 -6.57 -16.48 19.95
CA ALA C 206 -6.78 -17.19 21.22
C ALA C 206 -6.80 -18.70 21.05
N GLY C 207 -6.02 -19.21 20.10
CA GLY C 207 -5.79 -20.64 20.00
C GLY C 207 -6.57 -21.34 18.92
N VAL C 208 -7.43 -20.63 18.19
CA VAL C 208 -8.22 -21.31 17.17
C VAL C 208 -7.48 -21.46 15.84
N HIS C 209 -6.39 -20.74 15.62
CA HIS C 209 -5.69 -20.89 14.35
C HIS C 209 -4.97 -22.24 14.30
N ARG C 210 -5.15 -22.95 13.18
CA ARG C 210 -4.63 -24.30 12.98
C ARG C 210 -3.11 -24.38 12.99
N HIS C 211 -2.41 -23.26 12.81
CA HIS C 211 -0.96 -23.27 12.95
C HIS C 211 -0.49 -23.32 14.41
N THR C 212 -1.37 -23.03 15.37
CA THR C 212 -0.99 -23.11 16.78
C THR C 212 -0.47 -24.50 17.15
N PRO C 213 -1.20 -25.60 16.91
CA PRO C 213 -0.63 -26.92 17.24
C PRO C 213 0.59 -27.28 16.41
N GLU C 214 0.73 -26.71 15.22
CA GLU C 214 1.89 -26.99 14.39
C GLU C 214 3.15 -26.35 14.98
N ILE C 215 3.03 -25.12 15.48
CA ILE C 215 4.14 -24.51 16.22
C ILE C 215 4.50 -25.36 17.44
N ALA C 216 3.48 -25.76 18.20
CA ALA C 216 3.74 -26.53 19.43
C ALA C 216 4.45 -27.84 19.12
N GLN C 217 4.04 -28.52 18.05
CA GLN C 217 4.67 -29.79 17.66
C GLN C 217 6.13 -29.60 17.29
N GLY C 218 6.45 -28.53 16.55
CA GLY C 218 7.84 -28.29 16.20
C GLY C 218 8.70 -28.00 17.42
N LEU C 219 8.16 -27.25 18.37
CA LEU C 219 8.92 -26.94 19.58
C LEU C 219 9.11 -28.19 20.44
N ARG C 220 8.11 -29.07 20.50
CA ARG C 220 8.25 -30.30 21.27
C ARG C 220 9.36 -31.18 20.72
N ALA C 221 9.74 -30.99 19.46
CA ALA C 221 10.86 -31.76 18.91
C ALA C 221 12.21 -31.33 19.46
N VAL C 222 12.32 -30.18 20.14
CA VAL C 222 13.59 -29.74 20.69
C VAL C 222 13.57 -29.64 22.21
N THR C 223 12.46 -29.93 22.86
CA THR C 223 12.44 -29.97 24.32
C THR C 223 11.46 -31.04 24.76
N ASP C 224 11.81 -31.72 25.85
CA ASP C 224 10.88 -32.65 26.48
C ASP C 224 10.03 -31.95 27.52
N ARG C 225 10.15 -30.63 27.62
CA ARG C 225 9.35 -29.81 28.49
C ARG C 225 7.96 -29.57 27.88
N ASP C 226 7.01 -29.22 28.74
CA ASP C 226 5.65 -28.98 28.28
C ASP C 226 5.57 -27.61 27.62
N VAL C 227 5.18 -27.61 26.35
CA VAL C 227 5.19 -26.40 25.53
C VAL C 227 3.77 -25.84 25.48
N SER C 228 3.65 -24.53 25.64
CA SER C 228 2.39 -23.85 25.37
C SER C 228 2.66 -22.73 24.37
N VAL C 229 1.67 -22.48 23.50
CA VAL C 229 1.83 -21.49 22.44
C VAL C 229 0.62 -20.56 22.42
N SER C 230 0.85 -19.26 22.66
CA SER C 230 -0.13 -18.23 22.37
C SER C 230 0.24 -17.63 21.02
N PHE C 231 -0.61 -17.86 20.01
CA PHE C 231 -0.30 -17.47 18.63
C PHE C 231 -1.40 -16.54 18.11
N THR C 232 -1.01 -15.35 17.68
CA THR C 232 -1.95 -14.37 17.10
C THR C 232 -1.46 -13.94 15.73
N PRO C 233 -2.20 -14.26 14.67
CA PRO C 233 -1.83 -13.74 13.34
C PRO C 233 -2.57 -12.45 13.02
N VAL C 234 -1.89 -11.57 12.28
CA VAL C 234 -2.39 -10.23 11.97
C VAL C 234 -2.21 -10.01 10.47
N LEU C 235 -3.28 -9.70 9.77
CA LEU C 235 -3.19 -9.38 8.34
C LEU C 235 -2.82 -7.90 8.15
N ILE C 236 -1.88 -7.64 7.24
CA ILE C 236 -1.41 -6.26 7.02
C ILE C 236 -1.44 -6.01 5.52
N PRO C 237 -1.41 -4.74 5.11
CA PRO C 237 -1.60 -4.43 3.68
C PRO C 237 -0.32 -4.53 2.85
N ALA C 238 0.24 -5.73 2.81
CA ALA C 238 1.33 -6.12 1.95
C ALA C 238 0.88 -7.37 1.22
N SER C 239 1.47 -7.64 0.05
CA SER C 239 1.07 -8.86 -0.64
C SER C 239 1.85 -10.07 -0.16
N ARG C 240 3.10 -9.90 0.25
CA ARG C 240 3.92 -11.00 0.76
C ARG C 240 4.60 -10.58 2.07
N GLY C 241 5.07 -11.57 2.82
CA GLY C 241 5.93 -11.35 3.97
C GLY C 241 5.29 -11.75 5.30
N ILE C 242 6.09 -12.37 6.15
CA ILE C 242 5.70 -12.67 7.53
C ILE C 242 6.77 -12.10 8.43
N LEU C 243 6.37 -11.30 9.42
CA LEU C 243 7.26 -10.85 10.48
C LEU C 243 6.71 -11.43 11.78
N ALA C 244 7.43 -12.39 12.36
CA ALA C 244 6.99 -13.05 13.58
C ALA C 244 7.71 -12.42 14.76
N THR C 245 6.95 -11.89 15.72
CA THR C 245 7.51 -11.42 16.98
C THR C 245 7.24 -12.51 18.00
N CYS C 246 8.30 -13.09 18.57
CA CYS C 246 8.18 -14.25 19.43
C CYS C 246 8.81 -13.94 20.78
N THR C 247 8.07 -14.22 21.85
CA THR C 247 8.56 -13.89 23.21
C THR C 247 8.41 -15.10 24.13
N ALA C 248 9.16 -15.06 25.23
CA ALA C 248 9.15 -16.11 26.26
C ALA C 248 9.92 -15.59 27.47
N ARG C 249 9.50 -16.01 28.66
CA ARG C 249 10.23 -15.64 29.90
C ARG C 249 11.66 -16.15 29.75
N THR C 250 12.61 -15.27 29.97
CA THR C 250 14.03 -15.61 29.78
C THR C 250 14.63 -16.06 31.10
N ARG C 251 15.57 -16.98 30.99
CA ARG C 251 16.34 -17.53 32.11
C ARG C 251 17.80 -17.34 31.73
N SER C 252 18.12 -16.33 30.92
CA SER C 252 19.51 -16.25 30.42
C SER C 252 19.87 -14.84 29.97
N PRO C 253 21.17 -14.51 29.90
CA PRO C 253 21.63 -13.20 29.46
C PRO C 253 21.71 -13.23 27.93
N LEU C 254 21.64 -12.06 27.31
CA LEU C 254 21.68 -11.95 25.85
C LEU C 254 22.91 -12.62 25.26
N SER C 255 24.07 -12.50 25.89
CA SER C 255 25.27 -13.06 25.28
C SER C 255 25.13 -14.57 25.06
N GLN C 256 24.54 -15.28 26.02
CA GLN C 256 24.35 -16.71 25.87
C GLN C 256 23.32 -17.02 24.79
N LEU C 257 22.26 -16.23 24.71
CA LEU C 257 21.25 -16.44 23.68
C LEU C 257 21.81 -16.15 22.29
N ARG C 258 22.53 -15.05 22.14
CA ARG C 258 23.13 -14.75 20.84
C ARG C 258 24.10 -15.85 20.41
N ALA C 259 24.92 -16.34 21.35
CA ALA C 259 25.85 -17.40 21.01
C ALA C 259 25.12 -18.65 20.55
N ALA C 260 23.98 -18.96 21.18
CA ALA C 260 23.23 -20.14 20.78
C ALA C 260 22.68 -19.99 19.36
N TYR C 261 22.25 -18.77 19.00
CA TYR C 261 21.72 -18.57 17.65
C TYR C 261 22.85 -18.56 16.63
N GLU C 262 24.01 -18.00 17.00
CA GLU C 262 25.15 -18.04 16.10
C GLU C 262 25.53 -19.49 15.79
N LYS C 263 25.56 -20.35 16.81
CA LYS C 263 25.96 -21.73 16.61
C LYS C 263 24.97 -22.46 15.72
N ALA C 264 23.68 -22.32 16.01
CA ALA C 264 22.65 -23.03 15.26
C ALA C 264 22.61 -22.61 13.79
N TYR C 265 22.89 -21.34 13.50
CA TYR C 265 22.60 -20.80 12.18
C TYR C 265 23.82 -20.38 11.36
N HIS C 266 25.02 -20.35 11.94
CA HIS C 266 26.17 -19.90 11.16
C HIS C 266 26.39 -20.77 9.93
N ALA C 267 26.06 -22.06 10.02
CA ALA C 267 26.19 -22.99 8.91
C ALA C 267 25.08 -22.90 7.89
N GLU C 268 23.93 -22.35 8.27
CA GLU C 268 22.72 -22.52 7.49
C GLU C 268 22.66 -21.47 6.38
N PRO C 269 22.65 -21.86 5.11
CA PRO C 269 22.76 -20.87 4.03
C PRO C 269 21.54 -19.97 3.89
N PHE C 270 20.36 -20.40 4.34
CA PHE C 270 19.17 -19.57 4.22
C PHE C 270 18.86 -18.75 5.45
N ILE C 271 19.53 -18.98 6.58
CA ILE C 271 19.21 -18.31 7.83
C ILE C 271 20.28 -17.26 8.09
N TYR C 272 19.87 -16.01 8.22
CA TYR C 272 20.79 -14.90 8.36
C TYR C 272 20.52 -14.22 9.70
N LEU C 273 21.48 -14.31 10.60
CA LEU C 273 21.39 -13.59 11.87
C LEU C 273 21.83 -12.15 11.67
N MET C 274 20.97 -11.21 12.08
CA MET C 274 21.23 -9.80 11.84
C MET C 274 22.47 -9.35 12.61
N PRO C 275 23.28 -8.47 12.01
CA PRO C 275 24.37 -7.83 12.77
C PRO C 275 23.84 -7.08 13.98
N GLU C 276 24.76 -6.79 14.91
CA GLU C 276 24.45 -6.00 16.09
C GLU C 276 23.77 -4.68 15.74
N GLY C 277 22.61 -4.44 16.34
CA GLY C 277 21.89 -3.20 16.11
C GLY C 277 21.09 -3.13 14.82
N GLN C 278 20.90 -4.25 14.14
CA GLN C 278 20.00 -4.31 12.99
C GLN C 278 18.88 -5.28 13.31
N LEU C 279 17.72 -5.06 12.71
CA LEU C 279 16.55 -5.90 12.92
C LEU C 279 15.97 -6.32 11.58
N PRO C 280 15.27 -7.45 11.53
CA PRO C 280 14.72 -7.94 10.26
C PRO C 280 13.61 -7.05 9.70
N ARG C 281 13.43 -7.14 8.39
CA ARG C 281 12.27 -6.51 7.74
C ARG C 281 11.83 -7.44 6.62
N THR C 282 10.51 -7.59 6.47
CA THR C 282 10.02 -8.52 5.47
C THR C 282 10.43 -8.07 4.08
N GLY C 283 10.57 -6.75 3.87
CA GLY C 283 10.97 -6.27 2.56
C GLY C 283 12.31 -6.80 2.11
N ALA C 284 13.21 -7.10 3.05
CA ALA C 284 14.55 -7.53 2.69
C ALA C 284 14.59 -9.00 2.22
N VAL C 285 13.57 -9.80 2.52
CA VAL C 285 13.58 -11.21 2.15
C VAL C 285 12.60 -11.54 1.04
N ILE C 286 11.79 -10.57 0.59
CA ILE C 286 10.79 -10.86 -0.43
C ILE C 286 11.45 -11.43 -1.66
N GLY C 287 10.88 -12.50 -2.20
CA GLY C 287 11.42 -13.11 -3.39
C GLY C 287 12.61 -14.01 -3.17
N SER C 288 13.06 -14.18 -1.93
CA SER C 288 14.19 -15.03 -1.58
C SER C 288 13.72 -16.16 -0.66
N ASN C 289 14.56 -17.19 -0.55
CA ASN C 289 14.30 -18.27 0.39
C ASN C 289 14.92 -18.01 1.76
N ALA C 290 15.33 -16.78 2.04
CA ALA C 290 16.02 -16.45 3.28
C ALA C 290 15.02 -16.23 4.43
N ALA C 291 15.52 -16.44 5.65
CA ALA C 291 14.89 -15.94 6.87
C ALA C 291 15.90 -15.04 7.58
N HIS C 292 15.48 -13.85 7.98
CA HIS C 292 16.34 -12.97 8.76
C HIS C 292 15.88 -12.96 10.21
N ILE C 293 16.84 -13.14 11.13
CA ILE C 293 16.55 -13.36 12.55
C ILE C 293 17.35 -12.39 13.39
N ALA C 294 16.73 -11.88 14.46
CA ALA C 294 17.42 -11.13 15.50
C ALA C 294 16.84 -11.52 16.86
N VAL C 295 17.67 -11.49 17.89
CA VAL C 295 17.23 -11.85 19.24
C VAL C 295 17.59 -10.71 20.18
N ALA C 296 16.85 -10.58 21.27
CA ALA C 296 17.18 -9.57 22.27
C ALA C 296 16.65 -10.07 23.61
N VAL C 297 17.03 -9.37 24.69
CA VAL C 297 16.49 -9.66 26.01
C VAL C 297 16.01 -8.36 26.62
N ASP C 298 14.74 -8.35 27.02
CA ASP C 298 14.12 -7.27 27.78
C ASP C 298 14.41 -7.59 29.25
N GLU C 299 15.38 -6.88 29.82
CA GLU C 299 15.81 -7.18 31.19
C GLU C 299 14.74 -6.79 32.21
N ASP C 300 14.10 -5.64 32.02
CA ASP C 300 13.09 -5.21 32.99
C ASP C 300 11.89 -6.16 33.01
N ALA C 301 11.53 -6.74 31.87
CA ALA C 301 10.43 -7.67 31.78
C ALA C 301 10.89 -9.11 31.83
N GLN C 302 12.20 -9.34 31.91
CA GLN C 302 12.81 -10.67 31.86
C GLN C 302 12.20 -11.52 30.75
N THR C 303 12.17 -10.94 29.54
CA THR C 303 11.54 -11.58 28.39
C THR C 303 12.53 -11.66 27.24
N PHE C 304 12.66 -12.86 26.68
CA PHE C 304 13.37 -13.09 25.45
C PHE C 304 12.50 -12.67 24.27
N VAL C 305 13.11 -11.98 23.30
CA VAL C 305 12.40 -11.49 22.11
C VAL C 305 13.17 -11.97 20.90
N ALA C 306 12.48 -12.64 19.97
CA ALA C 306 13.11 -13.09 18.74
C ALA C 306 12.24 -12.66 17.58
N ILE C 307 12.84 -12.02 16.59
CA ILE C 307 12.13 -11.54 15.40
C ILE C 307 12.59 -12.37 14.20
N ALA C 308 11.64 -12.86 13.41
CA ALA C 308 11.97 -13.60 12.19
C ALA C 308 11.18 -13.02 11.03
N ALA C 309 11.85 -12.78 9.92
CA ALA C 309 11.18 -12.35 8.69
C ALA C 309 11.43 -13.38 7.60
N ILE C 310 10.36 -13.77 6.89
CA ILE C 310 10.45 -14.61 5.71
C ILE C 310 9.48 -14.08 4.67
N ASP C 311 9.67 -14.53 3.42
CA ASP C 311 8.61 -14.46 2.43
C ASP C 311 7.68 -15.65 2.64
N ASN C 312 6.39 -15.37 2.87
CA ASN C 312 5.44 -16.46 3.10
C ASN C 312 5.34 -17.41 1.92
N LEU C 313 5.55 -16.92 0.70
CA LEU C 313 5.42 -17.77 -0.48
C LEU C 313 6.69 -18.52 -0.81
N VAL C 314 7.83 -18.09 -0.28
CA VAL C 314 9.09 -18.75 -0.63
C VAL C 314 9.50 -19.62 0.55
N LYS C 315 10.24 -19.07 1.53
CA LYS C 315 10.62 -19.94 2.64
C LYS C 315 9.42 -20.45 3.40
N GLY C 316 8.30 -19.72 3.37
CA GLY C 316 7.04 -20.16 3.97
C GLY C 316 6.29 -21.25 3.22
N THR C 317 6.62 -21.51 1.95
CA THR C 317 5.97 -22.57 1.15
C THR C 317 6.78 -23.11 -0.01
N ALA C 318 6.77 -22.39 -1.14
CA ALA C 318 7.31 -22.94 -2.37
C ALA C 318 8.82 -23.09 -2.31
N GLY C 319 9.50 -22.15 -1.67
CA GLY C 319 10.93 -22.29 -1.48
C GLY C 319 11.27 -23.45 -0.58
N ALA C 320 10.50 -23.64 0.51
CA ALA C 320 10.69 -24.81 1.34
C ALA C 320 10.42 -26.09 0.56
N ALA C 321 9.41 -26.06 -0.32
CA ALA C 321 9.08 -27.23 -1.12
C ALA C 321 10.21 -27.58 -2.09
N VAL C 322 10.76 -26.58 -2.77
CA VAL C 322 11.87 -26.81 -3.69
C VAL C 322 13.14 -27.18 -2.92
N GLN C 323 13.38 -26.54 -1.77
CA GLN C 323 14.52 -26.91 -0.93
C GLN C 323 14.46 -28.38 -0.53
N SER C 324 13.29 -28.83 -0.08
CA SER C 324 13.13 -30.23 0.26
C SER C 324 13.21 -31.13 -0.97
N MET C 325 12.74 -30.65 -2.11
CA MET C 325 12.88 -31.40 -3.36
C MET C 325 14.34 -31.66 -3.69
N ASN C 326 15.17 -30.61 -3.62
CA ASN C 326 16.60 -30.78 -3.86
C ASN C 326 17.19 -31.87 -2.99
N LEU C 327 16.89 -31.81 -1.68
CA LEU C 327 17.43 -32.79 -0.75
C LEU C 327 16.95 -34.20 -1.09
N ALA C 328 15.66 -34.34 -1.41
CA ALA C 328 15.12 -35.66 -1.75
C ALA C 328 15.74 -36.23 -3.02
N LEU C 329 16.06 -35.40 -4.00
CA LEU C 329 16.65 -35.84 -5.26
C LEU C 329 18.17 -35.93 -5.21
N GLY C 330 18.80 -35.62 -4.09
CA GLY C 330 20.25 -35.65 -4.05
C GLY C 330 20.92 -34.51 -4.79
N TRP C 331 20.22 -33.40 -4.97
CA TRP C 331 20.74 -32.19 -5.61
C TRP C 331 21.22 -31.21 -4.55
N PRO C 332 22.15 -30.31 -4.90
CA PRO C 332 22.53 -29.25 -3.97
C PRO C 332 21.31 -28.54 -3.40
N GLU C 333 21.28 -28.45 -2.07
CA GLU C 333 20.11 -27.92 -1.36
C GLU C 333 19.76 -26.51 -1.80
N THR C 334 20.76 -25.69 -2.13
CA THR C 334 20.52 -24.29 -2.48
C THR C 334 20.19 -24.09 -3.95
N ASP C 335 20.12 -25.15 -4.76
CA ASP C 335 19.85 -25.00 -6.19
C ASP C 335 18.52 -24.31 -6.43
N GLY C 336 18.55 -23.24 -7.23
CA GLY C 336 17.35 -22.49 -7.56
C GLY C 336 16.84 -21.58 -6.46
N LEU C 337 17.52 -21.49 -5.33
CA LEU C 337 17.03 -20.76 -4.16
C LEU C 337 18.02 -19.66 -3.75
N SER C 338 17.77 -18.44 -4.22
CA SER C 338 18.60 -17.30 -3.85
C SER C 338 18.30 -16.86 -2.42
N VAL C 339 19.32 -16.27 -1.77
CA VAL C 339 19.09 -15.66 -0.47
C VAL C 339 18.91 -14.15 -0.57
N VAL C 340 18.92 -13.62 -1.78
CA VAL C 340 18.95 -12.17 -2.01
C VAL C 340 17.53 -11.70 -2.27
N GLY C 341 17.03 -10.80 -1.41
CA GLY C 341 15.68 -10.31 -1.57
C GLY C 341 15.55 -9.29 -2.68
N VAL C 342 14.31 -9.08 -3.12
CA VAL C 342 13.98 -8.12 -4.16
C VAL C 342 13.36 -6.90 -3.46
N ALA C 343 14.21 -5.97 -3.06
CA ALA C 343 13.85 -4.75 -2.37
C ALA C 343 14.48 -3.59 -3.13
N PRO C 344 13.93 -2.37 -3.00
CA PRO C 344 12.71 -2.03 -2.25
C PRO C 344 11.43 -2.47 -2.97
N ALA D 1 -15.05 34.36 22.85
CA ALA D 1 -14.59 33.26 21.97
C ALA D 1 -13.26 32.71 22.49
N THR D 2 -13.09 31.40 22.41
CA THR D 2 -11.83 30.74 22.82
C THR D 2 -10.86 30.82 21.64
N LYS D 3 -9.79 31.61 21.76
CA LYS D 3 -8.79 31.78 20.69
C LYS D 3 -7.74 30.68 20.85
N VAL D 4 -7.49 29.92 19.80
CA VAL D 4 -6.59 28.74 19.87
C VAL D 4 -5.36 28.91 18.99
N ALA D 5 -4.19 28.66 19.54
CA ALA D 5 -2.96 28.63 18.77
C ALA D 5 -2.46 27.20 18.71
N VAL D 6 -1.79 26.85 17.62
CA VAL D 6 -1.19 25.53 17.44
C VAL D 6 0.28 25.72 17.15
N ALA D 7 1.14 25.30 18.08
CA ALA D 7 2.57 25.28 17.87
C ALA D 7 2.95 23.91 17.31
N GLY D 8 3.76 23.90 16.26
CA GLY D 8 3.97 22.66 15.53
C GLY D 8 2.85 22.41 14.53
N ALA D 9 2.27 23.47 13.96
CA ALA D 9 1.13 23.33 13.07
C ALA D 9 1.47 22.61 11.76
N SER D 10 2.74 22.58 11.36
CA SER D 10 3.16 21.99 10.09
C SER D 10 3.41 20.48 10.18
N GLY D 11 3.40 19.89 11.37
CA GLY D 11 3.59 18.46 11.53
C GLY D 11 2.28 17.69 11.47
N TYR D 12 2.39 16.36 11.65
CA TYR D 12 1.21 15.50 11.49
C TYR D 12 0.21 15.70 12.62
N ALA D 13 0.70 15.73 13.87
CA ALA D 13 -0.20 15.96 14.99
C ALA D 13 -0.84 17.34 14.89
N GLY D 14 -0.06 18.36 14.54
CA GLY D 14 -0.62 19.70 14.44
C GLY D 14 -1.64 19.80 13.31
N GLY D 15 -1.39 19.11 12.21
CA GLY D 15 -2.36 19.13 11.11
C GLY D 15 -3.66 18.47 11.49
N GLU D 16 -3.58 17.39 12.27
CA GLU D 16 -4.79 16.68 12.66
C GLU D 16 -5.57 17.43 13.72
N ILE D 17 -4.89 18.16 14.62
CA ILE D 17 -5.62 19.06 15.51
C ILE D 17 -6.41 20.06 14.69
N LEU D 18 -5.77 20.66 13.67
CA LEU D 18 -6.47 21.65 12.86
C LEU D 18 -7.65 21.02 12.12
N ARG D 19 -7.48 19.81 11.57
CA ARG D 19 -8.59 19.14 10.90
C ARG D 19 -9.78 18.99 11.84
N LEU D 20 -9.52 18.55 13.06
CA LEU D 20 -10.59 18.35 14.02
C LEU D 20 -11.20 19.68 14.46
N LEU D 21 -10.38 20.71 14.66
CA LEU D 21 -10.94 22.01 15.04
C LEU D 21 -11.78 22.58 13.92
N LEU D 22 -11.37 22.38 12.66
CA LEU D 22 -12.18 22.90 11.56
C LEU D 22 -13.58 22.29 11.56
N GLY D 23 -13.71 21.06 12.04
CA GLY D 23 -14.98 20.37 12.08
C GLY D 23 -15.72 20.46 13.40
N HIS D 24 -15.15 21.14 14.38
CA HIS D 24 -15.71 21.22 15.73
C HIS D 24 -16.91 22.18 15.74
N PRO D 25 -17.98 21.83 16.45
CA PRO D 25 -19.15 22.73 16.47
C PRO D 25 -18.85 24.13 16.99
N ALA D 26 -17.87 24.26 17.90
CA ALA D 26 -17.54 25.59 18.42
C ALA D 26 -16.89 26.46 17.35
N TYR D 27 -16.21 25.85 16.39
CA TYR D 27 -15.70 26.61 15.26
C TYR D 27 -16.83 27.05 14.35
N ALA D 28 -17.83 26.18 14.17
CA ALA D 28 -18.95 26.51 13.31
C ALA D 28 -19.71 27.74 13.80
N ASP D 29 -19.87 27.88 15.13
CA ASP D 29 -20.72 28.94 15.68
C ASP D 29 -19.93 30.08 16.31
N GLY D 30 -18.60 30.09 16.17
CA GLY D 30 -17.82 31.24 16.55
C GLY D 30 -17.26 31.23 17.96
N ARG D 31 -17.59 30.23 18.78
CA ARG D 31 -17.05 30.16 20.13
C ARG D 31 -15.60 29.72 20.15
N LEU D 32 -15.07 29.20 19.03
CA LEU D 32 -13.68 28.81 18.94
C LEU D 32 -13.09 29.44 17.69
N ARG D 33 -11.96 30.11 17.85
CA ARG D 33 -11.26 30.71 16.73
C ARG D 33 -9.88 30.08 16.60
N ILE D 34 -9.46 29.87 15.35
CA ILE D 34 -8.14 29.35 15.06
C ILE D 34 -7.20 30.53 14.82
N GLY D 35 -6.28 30.74 15.75
CA GLY D 35 -5.40 31.89 15.69
C GLY D 35 -4.04 31.54 15.13
N ALA D 36 -2.98 31.84 15.89
CA ALA D 36 -1.63 31.70 15.36
C ALA D 36 -1.29 30.23 15.13
N LEU D 37 -0.61 29.98 14.01
CA LEU D 37 -0.07 28.66 13.66
C LEU D 37 1.44 28.79 13.51
N THR D 38 2.19 28.12 14.37
CA THR D 38 3.64 28.33 14.44
C THR D 38 4.40 27.03 14.20
N ALA D 39 5.67 27.18 13.87
CA ALA D 39 6.56 26.05 13.65
C ALA D 39 8.00 26.53 13.86
N ALA D 40 8.96 25.70 13.48
CA ALA D 40 10.35 26.11 13.55
C ALA D 40 10.76 26.72 12.22
N THR D 41 11.34 25.92 11.33
CA THR D 41 11.85 26.45 10.07
C THR D 41 10.76 26.69 9.03
N SER D 42 9.55 26.19 9.22
CA SER D 42 8.49 26.42 8.25
C SER D 42 7.89 27.81 8.37
N ALA D 43 8.41 28.65 9.27
CA ALA D 43 7.87 30.00 9.44
C ALA D 43 8.03 30.80 8.14
N GLY D 44 6.96 31.49 7.74
CA GLY D 44 6.95 32.25 6.51
C GLY D 44 6.28 31.55 5.35
N SER D 45 6.18 30.24 5.39
CA SER D 45 5.41 29.49 4.42
C SER D 45 3.92 29.57 4.75
N THR D 46 3.09 29.21 3.77
CA THR D 46 1.65 29.09 4.01
C THR D 46 1.34 27.66 4.43
N LEU D 47 0.21 27.51 5.14
CA LEU D 47 -0.13 26.21 5.70
C LEU D 47 -0.43 25.19 4.61
N GLY D 48 -0.96 25.65 3.47
CA GLY D 48 -1.27 24.75 2.37
C GLY D 48 -0.07 24.02 1.81
N GLU D 49 1.14 24.60 1.98
CA GLU D 49 2.38 23.96 1.57
C GLU D 49 2.74 22.76 2.45
N HIS D 50 2.06 22.58 3.58
CA HIS D 50 2.27 21.43 4.44
C HIS D 50 1.05 20.56 4.58
N HIS D 51 -0.15 21.15 4.54
CA HIS D 51 -1.40 20.44 4.80
C HIS D 51 -2.39 20.76 3.68
N PRO D 52 -2.16 20.22 2.48
CA PRO D 52 -3.06 20.56 1.37
C PRO D 52 -4.48 20.06 1.58
N HIS D 53 -4.72 19.14 2.53
CA HIS D 53 -6.10 18.74 2.84
C HIS D 53 -6.85 19.81 3.64
N LEU D 54 -6.15 20.77 4.22
CA LEU D 54 -6.81 21.80 5.04
C LEU D 54 -7.02 23.07 4.22
N THR D 55 -7.81 22.96 3.14
CA THR D 55 -7.95 24.10 2.25
C THR D 55 -8.55 25.35 2.92
N PRO D 56 -9.44 25.27 3.91
CA PRO D 56 -9.91 26.53 4.52
C PRO D 56 -8.82 27.32 5.24
N LEU D 57 -7.68 26.69 5.57
CA LEU D 57 -6.57 27.34 6.24
C LEU D 57 -5.33 27.44 5.36
N ALA D 58 -5.45 27.11 4.07
CA ALA D 58 -4.27 26.96 3.23
C ALA D 58 -3.49 28.26 3.12
N HIS D 59 -4.19 29.40 3.13
CA HIS D 59 -3.60 30.72 3.02
C HIS D 59 -2.92 31.21 4.29
N ARG D 60 -3.12 30.53 5.43
CA ARG D 60 -2.52 31.00 6.68
C ARG D 60 -1.00 30.97 6.59
N VAL D 61 -0.37 32.04 7.05
CA VAL D 61 1.09 32.11 7.06
C VAL D 61 1.59 31.57 8.39
N VAL D 62 2.48 30.58 8.32
CA VAL D 62 3.06 29.98 9.51
C VAL D 62 4.03 30.96 10.15
N GLU D 63 3.96 31.09 11.47
CA GLU D 63 4.75 32.06 12.22
C GLU D 63 5.79 31.37 13.09
N PRO D 64 6.78 32.11 13.60
CA PRO D 64 7.74 31.50 14.52
C PRO D 64 7.09 31.10 15.82
N THR D 65 7.67 30.07 16.45
CA THR D 65 7.17 29.54 17.72
C THR D 65 7.81 30.34 18.84
N GLU D 66 7.23 31.48 19.16
CA GLU D 66 7.73 32.37 20.19
C GLU D 66 6.60 32.70 21.14
N ALA D 67 6.95 32.91 22.41
CA ALA D 67 5.93 33.19 23.42
C ALA D 67 5.07 34.38 23.02
N ALA D 68 5.67 35.39 22.39
CA ALA D 68 4.91 36.58 21.99
C ALA D 68 3.87 36.25 20.92
N VAL D 69 4.21 35.39 19.96
CA VAL D 69 3.25 35.03 18.92
C VAL D 69 2.15 34.14 19.51
N LEU D 70 2.51 33.19 20.36
CA LEU D 70 1.54 32.32 20.99
C LEU D 70 0.75 33.02 22.09
N GLY D 71 1.21 34.18 22.55
CA GLY D 71 0.47 34.92 23.53
C GLY D 71 -0.81 35.49 22.97
N GLY D 72 -1.74 35.78 23.87
CA GLY D 72 -3.03 36.29 23.48
C GLY D 72 -4.00 35.24 23.01
N HIS D 73 -3.73 33.96 23.28
CA HIS D 73 -4.62 32.87 22.94
C HIS D 73 -5.03 32.16 24.22
N ASP D 74 -6.32 31.87 24.34
CA ASP D 74 -6.84 31.21 25.52
C ASP D 74 -6.39 29.76 25.61
N ALA D 75 -6.14 29.12 24.48
CA ALA D 75 -5.72 27.72 24.48
C ALA D 75 -4.59 27.55 23.49
N VAL D 76 -3.58 26.78 23.86
CA VAL D 76 -2.39 26.57 23.03
C VAL D 76 -2.11 25.08 22.95
N PHE D 77 -2.24 24.51 21.75
CA PHE D 77 -1.78 23.15 21.51
C PHE D 77 -0.29 23.17 21.19
N LEU D 78 0.46 22.29 21.85
CA LEU D 78 1.88 22.12 21.61
C LEU D 78 2.06 20.77 20.90
N ALA D 79 2.27 20.82 19.60
CA ALA D 79 2.49 19.61 18.81
C ALA D 79 3.93 19.56 18.36
N LEU D 80 4.85 19.63 19.32
CA LEU D 80 6.28 19.66 19.07
C LEU D 80 6.93 18.37 19.56
N PRO D 81 8.17 18.09 19.14
CA PRO D 81 8.93 17.03 19.79
C PRO D 81 9.23 17.42 21.24
N HIS D 82 9.39 16.41 22.09
CA HIS D 82 9.60 16.67 23.51
C HIS D 82 10.87 17.50 23.73
N GLY D 83 10.80 18.40 24.70
CA GLY D 83 11.95 19.23 25.03
C GLY D 83 11.67 20.73 25.05
N HIS D 84 10.52 21.14 24.49
CA HIS D 84 10.19 22.56 24.37
C HIS D 84 9.01 23.00 25.20
N SER D 85 8.08 22.11 25.55
CA SER D 85 6.85 22.56 26.19
C SER D 85 7.12 23.03 27.62
N ALA D 86 8.13 22.45 28.28
CA ALA D 86 8.45 22.86 29.64
C ALA D 86 8.78 24.34 29.72
N VAL D 87 9.73 24.78 28.89
CA VAL D 87 10.06 26.21 28.87
C VAL D 87 8.94 27.02 28.24
N LEU D 88 8.35 26.50 27.16
CA LEU D 88 7.28 27.24 26.49
C LEU D 88 6.08 27.42 27.42
N ALA D 89 5.75 26.40 28.22
CA ALA D 89 4.64 26.54 29.15
C ALA D 89 4.93 27.63 30.18
N GLN D 90 6.19 27.79 30.55
CA GLN D 90 6.51 28.77 31.58
C GLN D 90 6.39 30.19 31.05
N GLN D 91 6.72 30.40 29.77
CA GLN D 91 6.65 31.74 29.21
C GLN D 91 5.22 32.21 28.97
N LEU D 92 4.27 31.29 28.85
CA LEU D 92 2.89 31.65 28.54
C LEU D 92 2.18 32.13 29.79
N SER D 93 1.15 32.94 29.58
CA SER D 93 0.25 33.33 30.65
C SER D 93 -0.27 32.07 31.34
N PRO D 94 -0.09 31.95 32.66
CA PRO D 94 -0.52 30.72 33.34
C PRO D 94 -2.01 30.44 33.26
N GLU D 95 -2.84 31.45 32.99
CA GLU D 95 -4.26 31.19 32.78
C GLU D 95 -4.54 30.45 31.48
N THR D 96 -3.55 30.34 30.60
CA THR D 96 -3.74 29.71 29.30
C THR D 96 -3.89 28.21 29.43
N LEU D 97 -4.90 27.64 28.76
CA LEU D 97 -5.01 26.20 28.64
C LEU D 97 -3.92 25.68 27.71
N ILE D 98 -3.03 24.84 28.23
CA ILE D 98 -1.89 24.33 27.49
C ILE D 98 -2.06 22.84 27.34
N ILE D 99 -2.15 22.37 26.08
CA ILE D 99 -2.38 20.96 25.78
C ILE D 99 -1.13 20.45 25.05
N ASP D 100 -0.35 19.63 25.72
CA ASP D 100 0.94 19.20 25.20
C ASP D 100 0.80 17.81 24.60
N CYS D 101 1.09 17.70 23.30
CA CYS D 101 1.07 16.42 22.60
C CYS D 101 2.30 15.58 22.91
N GLY D 102 3.40 16.21 23.29
CA GLY D 102 4.64 15.53 23.57
C GLY D 102 4.64 14.88 24.94
N ALA D 103 5.77 14.26 25.25
CA ALA D 103 5.88 13.40 26.42
C ALA D 103 6.28 14.14 27.70
N ASP D 104 6.61 15.43 27.63
CA ASP D 104 7.34 16.11 28.70
C ASP D 104 6.66 16.00 30.05
N PHE D 105 5.33 16.12 30.09
CA PHE D 105 4.59 16.10 31.33
C PHE D 105 3.75 14.85 31.50
N ARG D 106 4.13 13.76 30.83
CA ARG D 106 3.35 12.52 30.89
C ARG D 106 3.71 11.68 32.11
N LEU D 107 4.99 11.59 32.44
CA LEU D 107 5.49 10.61 33.40
C LEU D 107 5.52 11.18 34.81
N THR D 108 5.19 10.34 35.78
CA THR D 108 5.13 10.73 37.17
C THR D 108 6.38 10.36 37.97
N ASP D 109 7.25 9.54 37.41
CA ASP D 109 8.49 9.13 38.08
C ASP D 109 9.65 9.86 37.39
N ALA D 110 10.26 10.80 38.12
CA ALA D 110 11.35 11.58 37.56
C ALA D 110 12.54 10.71 37.16
N ALA D 111 12.79 9.62 37.90
CA ALA D 111 13.92 8.76 37.59
C ALA D 111 13.66 7.93 36.34
N VAL D 112 12.44 7.39 36.21
CA VAL D 112 12.05 6.70 34.98
C VAL D 112 12.24 7.61 33.78
N TRP D 113 11.76 8.86 33.89
CA TRP D 113 11.86 9.80 32.78
C TRP D 113 13.32 10.01 32.36
N GLU D 114 14.22 10.17 33.34
CA GLU D 114 15.60 10.47 32.99
C GLU D 114 16.28 9.27 32.35
N ARG D 115 15.88 8.05 32.74
CA ARG D 115 16.47 6.86 32.13
C ARG D 115 16.08 6.73 30.66
N PHE D 116 14.84 7.06 30.32
CA PHE D 116 14.34 6.83 28.97
C PHE D 116 14.49 8.02 28.04
N TYR D 117 14.48 9.25 28.57
CA TYR D 117 14.58 10.42 27.71
C TYR D 117 15.88 11.20 27.86
N GLY D 118 16.63 10.97 28.93
CA GLY D 118 17.93 11.61 29.11
C GLY D 118 17.90 13.11 29.28
N SER D 119 17.03 13.61 30.15
CA SER D 119 16.93 15.03 30.44
C SER D 119 16.24 15.17 31.80
N SER D 120 16.23 16.40 32.30
CA SER D 120 15.65 16.66 33.62
C SER D 120 14.14 16.58 33.56
N HIS D 121 13.55 15.76 34.43
CA HIS D 121 12.10 15.62 34.49
C HIS D 121 11.45 16.97 34.77
N ALA D 122 10.50 17.35 33.91
CA ALA D 122 9.85 18.64 34.05
C ALA D 122 8.68 18.62 35.03
N GLY D 123 8.20 17.43 35.39
CA GLY D 123 6.98 17.33 36.16
C GLY D 123 5.93 16.49 35.45
N SER D 124 4.66 16.70 35.79
CA SER D 124 3.58 15.93 35.20
C SER D 124 2.30 16.76 35.27
N TRP D 125 1.51 16.68 34.19
CA TRP D 125 0.19 17.29 34.07
C TRP D 125 -0.87 16.20 33.98
N PRO D 126 -2.14 16.55 34.17
CA PRO D 126 -3.20 15.55 34.00
C PRO D 126 -3.13 14.83 32.66
N TYR D 127 -3.20 13.50 32.71
CA TYR D 127 -3.04 12.63 31.56
C TYR D 127 -4.31 12.63 30.70
N GLY D 128 -4.14 12.92 29.40
CA GLY D 128 -5.29 13.14 28.53
C GLY D 128 -5.95 11.88 28.01
N LEU D 129 -6.15 10.90 28.88
CA LEU D 129 -6.83 9.66 28.53
C LEU D 129 -8.08 9.56 29.40
N PRO D 130 -9.17 10.23 29.00
CA PRO D 130 -10.31 10.40 29.93
C PRO D 130 -10.96 9.10 30.36
N GLU D 131 -10.77 8.01 29.61
CA GLU D 131 -11.40 6.73 29.93
C GLU D 131 -10.66 5.98 31.03
N LEU D 132 -9.42 6.35 31.32
CA LEU D 132 -8.69 5.72 32.42
C LEU D 132 -9.37 6.04 33.74
N PRO D 133 -9.50 5.07 34.65
CA PRO D 133 -10.17 5.33 35.93
C PRO D 133 -9.52 6.49 36.67
N GLY D 134 -10.34 7.46 37.06
CA GLY D 134 -9.88 8.65 37.75
C GLY D 134 -9.45 9.78 36.85
N ALA D 135 -9.14 9.50 35.58
CA ALA D 135 -8.49 10.51 34.74
C ALA D 135 -9.46 11.59 34.31
N ARG D 136 -10.73 11.24 34.07
CA ARG D 136 -11.68 12.23 33.58
C ARG D 136 -11.85 13.37 34.57
N ASP D 137 -11.97 13.05 35.86
CA ASP D 137 -12.19 14.09 36.86
C ASP D 137 -11.04 15.08 36.93
N GLN D 138 -9.81 14.61 36.72
CA GLN D 138 -8.66 15.51 36.76
C GLN D 138 -8.60 16.47 35.58
N LEU D 139 -9.33 16.18 34.50
CA LEU D 139 -9.27 17.03 33.31
C LEU D 139 -10.33 18.12 33.29
N ARG D 140 -11.42 17.94 34.04
CA ARG D 140 -12.44 18.97 34.10
C ARG D 140 -11.86 20.26 34.67
N GLY D 141 -12.01 21.35 33.92
CA GLY D 141 -11.49 22.64 34.33
C GLY D 141 -9.98 22.78 34.38
N THR D 142 -9.20 21.75 34.01
CA THR D 142 -7.75 21.87 34.06
C THR D 142 -7.25 22.90 33.04
N ARG D 143 -6.06 23.43 33.30
CA ARG D 143 -5.38 24.33 32.39
C ARG D 143 -4.11 23.70 31.81
N ARG D 144 -3.88 22.42 32.10
CA ARG D 144 -2.67 21.72 31.66
C ARG D 144 -3.07 20.29 31.32
N ILE D 145 -2.73 19.84 30.11
CA ILE D 145 -2.99 18.47 29.68
C ILE D 145 -1.72 17.89 29.08
N ALA D 146 -1.35 16.70 29.51
CA ALA D 146 -0.34 15.88 28.84
C ALA D 146 -1.09 14.81 28.05
N VAL D 147 -1.06 14.93 26.73
CA VAL D 147 -1.77 13.97 25.87
C VAL D 147 -0.98 12.67 25.84
N PRO D 148 -1.62 11.51 25.96
CA PRO D 148 -0.87 10.25 25.94
C PRO D 148 -0.19 9.99 24.59
N GLY D 149 0.82 9.13 24.63
CA GLY D 149 1.38 8.59 23.39
C GLY D 149 0.41 7.62 22.73
N CYS D 150 0.64 7.32 21.46
CA CYS D 150 -0.37 6.56 20.72
C CYS D 150 -0.39 5.10 21.14
N TYR D 151 0.77 4.42 21.18
CA TYR D 151 0.79 3.04 21.62
C TYR D 151 0.24 2.83 23.04
N PRO D 152 0.61 3.64 24.04
CA PRO D 152 0.01 3.48 25.37
C PRO D 152 -1.51 3.58 25.36
N THR D 153 -2.07 4.47 24.55
CA THR D 153 -3.53 4.61 24.51
C THR D 153 -4.18 3.29 24.11
N ALA D 154 -3.67 2.66 23.05
CA ALA D 154 -4.21 1.39 22.59
C ALA D 154 -4.01 0.29 23.64
N ALA D 155 -2.79 0.22 24.21
CA ALA D 155 -2.46 -0.86 25.14
C ALA D 155 -3.26 -0.73 26.44
N LEU D 156 -3.42 0.48 26.95
CA LEU D 156 -4.12 0.68 28.22
C LEU D 156 -5.61 0.40 28.07
N LEU D 157 -6.21 0.84 26.96
CA LEU D 157 -7.62 0.54 26.72
C LEU D 157 -7.83 -0.97 26.59
N ALA D 158 -6.87 -1.68 25.99
CA ALA D 158 -6.99 -3.12 25.83
C ALA D 158 -6.90 -3.85 27.17
N LEU D 159 -6.09 -3.34 28.10
CA LEU D 159 -5.65 -4.12 29.24
C LEU D 159 -6.19 -3.68 30.59
N PHE D 160 -6.51 -2.39 30.78
CA PHE D 160 -6.77 -1.92 32.15
C PHE D 160 -8.02 -2.57 32.76
N PRO D 161 -9.13 -2.79 32.03
CA PRO D 161 -10.28 -3.42 32.70
C PRO D 161 -9.97 -4.80 33.26
N ALA D 162 -9.22 -5.63 32.53
CA ALA D 162 -8.87 -6.95 33.06
C ALA D 162 -7.99 -6.84 34.30
N LEU D 163 -7.00 -5.93 34.26
CA LEU D 163 -6.06 -5.82 35.36
C LEU D 163 -6.66 -5.13 36.57
N ALA D 164 -7.55 -4.16 36.35
CA ALA D 164 -8.21 -3.47 37.46
C ALA D 164 -9.07 -4.42 38.28
N ALA D 165 -9.69 -5.40 37.62
CA ALA D 165 -10.54 -6.38 38.28
C ALA D 165 -9.76 -7.61 38.72
N ASP D 166 -8.44 -7.56 38.67
CA ASP D 166 -7.57 -8.67 39.10
C ASP D 166 -7.90 -9.96 38.35
N LEU D 167 -8.16 -9.85 37.05
CA LEU D 167 -8.53 -11.02 36.26
C LEU D 167 -7.40 -11.54 35.38
N ILE D 168 -6.25 -10.87 35.38
CA ILE D 168 -5.05 -11.34 34.68
C ILE D 168 -3.84 -11.08 35.56
N GLU D 169 -2.76 -11.77 35.22
CA GLU D 169 -1.48 -11.52 35.86
C GLU D 169 -0.91 -10.16 35.43
N PRO D 170 -0.11 -9.51 36.27
CA PRO D 170 0.39 -8.18 35.95
C PRO D 170 1.61 -8.14 35.06
N ALA D 171 2.03 -9.27 34.50
CA ALA D 171 3.09 -9.31 33.49
C ALA D 171 2.41 -9.42 32.14
N VAL D 172 2.45 -8.34 31.36
CA VAL D 172 1.70 -8.25 30.11
C VAL D 172 2.65 -8.17 28.93
N THR D 173 2.17 -8.65 27.78
CA THR D 173 2.90 -8.59 26.53
C THR D 173 2.07 -7.80 25.53
N VAL D 174 2.70 -6.84 24.85
CA VAL D 174 2.01 -6.00 23.86
C VAL D 174 2.83 -6.03 22.58
N VAL D 175 2.22 -6.49 21.49
CA VAL D 175 2.81 -6.39 20.15
C VAL D 175 1.81 -5.56 19.34
N ALA D 176 2.23 -4.37 18.92
CA ALA D 176 1.33 -3.40 18.30
C ALA D 176 1.87 -3.03 16.92
N VAL D 177 1.03 -3.14 15.91
CA VAL D 177 1.40 -2.67 14.57
C VAL D 177 0.90 -1.25 14.41
N SER D 178 1.61 -0.47 13.62
CA SER D 178 1.27 0.94 13.50
C SER D 178 1.56 1.40 12.09
N GLY D 179 0.69 2.25 11.56
CA GLY D 179 1.02 2.99 10.36
C GLY D 179 2.15 3.97 10.59
N THR D 180 2.71 4.48 9.49
CA THR D 180 3.95 5.23 9.65
C THR D 180 3.77 6.70 10.00
N SER D 181 2.54 7.24 9.97
CA SER D 181 2.40 8.63 10.40
C SER D 181 2.73 8.83 11.88
N GLY D 182 2.75 7.76 12.67
CA GLY D 182 3.10 7.87 14.07
C GLY D 182 4.53 8.32 14.29
N ALA D 183 5.38 8.13 13.29
CA ALA D 183 6.80 8.49 13.42
C ALA D 183 7.03 9.97 13.14
N GLY D 184 6.00 10.70 12.72
CA GLY D 184 6.18 12.13 12.42
C GLY D 184 6.59 12.38 10.98
N ARG D 185 6.60 13.63 10.54
CA ARG D 185 6.91 13.91 9.11
C ARG D 185 8.35 14.38 8.88
N ALA D 186 9.20 14.31 9.89
CA ALA D 186 10.63 14.66 9.70
C ALA D 186 11.22 13.62 8.74
N ALA D 187 11.88 14.07 7.67
CA ALA D 187 12.36 13.13 6.64
C ALA D 187 13.56 12.29 7.07
N THR D 188 13.41 10.98 7.06
CA THR D 188 14.51 10.04 7.26
C THR D 188 14.43 8.98 6.16
N THR D 189 15.57 8.35 5.85
CA THR D 189 15.57 7.34 4.81
C THR D 189 14.74 6.12 5.20
N ASP D 190 14.70 5.80 6.50
CA ASP D 190 13.95 4.63 6.97
C ASP D 190 12.44 4.82 6.88
N LEU D 191 11.96 6.05 6.76
CA LEU D 191 10.53 6.33 6.64
C LEU D 191 10.13 6.62 5.20
N LEU D 192 11.06 6.52 4.27
CA LEU D 192 10.78 6.74 2.85
C LEU D 192 9.73 5.77 2.35
N GLY D 193 8.85 6.25 1.48
CA GLY D 193 7.78 5.42 0.94
C GLY D 193 8.25 4.12 0.33
N ALA D 194 9.31 4.17 -0.50
CA ALA D 194 9.76 2.94 -1.15
C ALA D 194 10.22 1.91 -0.13
N GLU D 195 10.80 2.36 0.99
CA GLU D 195 11.23 1.46 2.06
C GLU D 195 10.04 0.88 2.83
N VAL D 196 9.05 1.73 3.10
CA VAL D 196 7.94 1.33 3.97
C VAL D 196 6.93 0.47 3.21
N ILE D 197 6.66 0.81 1.95
CA ILE D 197 5.66 0.08 1.18
C ILE D 197 6.14 -1.35 0.97
N GLY D 198 5.24 -2.30 1.21
CA GLY D 198 5.55 -3.70 1.00
C GLY D 198 6.44 -4.31 2.06
N SER D 199 6.57 -3.68 3.22
CA SER D 199 7.45 -4.22 4.24
C SER D 199 6.89 -3.94 5.64
N ALA D 200 7.30 -4.79 6.56
CA ALA D 200 6.99 -4.70 7.98
C ALA D 200 8.27 -4.94 8.77
N ARG D 201 8.43 -4.22 9.89
CA ARG D 201 9.60 -4.43 10.73
C ARG D 201 9.28 -4.01 12.17
N ALA D 202 9.74 -4.83 13.11
CA ALA D 202 9.76 -4.40 14.50
C ALA D 202 10.92 -3.45 14.72
N TYR D 203 10.76 -2.56 15.70
CA TYR D 203 11.82 -1.60 15.99
C TYR D 203 11.80 -1.26 17.47
N ASN D 204 12.92 -0.73 17.97
CA ASN D 204 13.04 -0.34 19.38
C ASN D 204 12.52 -1.45 20.30
N ILE D 205 13.06 -2.65 20.13
CA ILE D 205 12.44 -3.80 20.80
C ILE D 205 13.05 -4.03 22.18
N ALA D 206 12.42 -4.94 22.94
CA ALA D 206 12.95 -5.48 24.20
C ALA D 206 13.14 -4.40 25.28
N GLY D 207 12.22 -3.44 25.32
CA GLY D 207 12.13 -2.52 26.42
C GLY D 207 12.74 -1.15 26.18
N VAL D 208 13.35 -0.92 25.01
CA VAL D 208 13.97 0.38 24.78
C VAL D 208 13.01 1.41 24.23
N HIS D 209 11.85 1.02 23.70
CA HIS D 209 10.89 2.03 23.26
C HIS D 209 10.36 2.80 24.46
N ARG D 210 10.34 4.13 24.33
CA ARG D 210 9.98 5.04 25.42
C ARG D 210 8.53 4.94 25.84
N HIS D 211 7.69 4.25 25.07
CA HIS D 211 6.31 4.07 25.51
C HIS D 211 6.16 2.91 26.49
N THR D 212 7.16 2.03 26.60
CA THR D 212 7.12 0.95 27.57
C THR D 212 6.84 1.46 28.99
N PRO D 213 7.57 2.44 29.53
CA PRO D 213 7.27 2.91 30.89
C PRO D 213 5.95 3.64 30.98
N GLU D 214 5.47 4.22 29.88
CA GLU D 214 4.18 4.91 29.90
C GLU D 214 3.05 3.90 29.99
N ILE D 215 3.19 2.74 29.34
CA ILE D 215 2.23 1.66 29.54
C ILE D 215 2.28 1.18 30.99
N ALA D 216 3.48 0.89 31.49
CA ALA D 216 3.63 0.45 32.88
C ALA D 216 2.98 1.42 33.84
N GLN D 217 3.25 2.72 33.68
CA GLN D 217 2.66 3.72 34.57
C GLN D 217 1.15 3.65 34.58
N GLY D 218 0.53 3.59 33.40
CA GLY D 218 -0.92 3.55 33.34
C GLY D 218 -1.50 2.31 33.99
N LEU D 219 -0.82 1.17 33.84
CA LEU D 219 -1.33 -0.07 34.43
C LEU D 219 -1.19 -0.05 35.94
N ARG D 220 -0.11 0.53 36.46
CA ARG D 220 0.09 0.60 37.91
C ARG D 220 -0.98 1.45 38.59
N ALA D 221 -1.64 2.34 37.85
CA ALA D 221 -2.73 3.12 38.41
C ALA D 221 -3.97 2.28 38.74
N VAL D 222 -4.05 1.02 38.30
CA VAL D 222 -5.25 0.23 38.56
C VAL D 222 -4.94 -1.08 39.28
N THR D 223 -3.71 -1.26 39.75
CA THR D 223 -3.40 -2.48 40.47
C THR D 223 -2.33 -2.23 41.52
N ASP D 224 -2.35 -3.11 42.54
CA ASP D 224 -1.31 -3.11 43.57
C ASP D 224 -0.06 -3.84 43.11
N ARG D 225 -0.22 -4.87 42.29
CA ARG D 225 0.86 -5.80 42.00
C ARG D 225 1.94 -5.12 41.16
N ASP D 226 3.12 -5.72 41.16
CA ASP D 226 4.21 -5.23 40.34
C ASP D 226 3.92 -5.52 38.88
N VAL D 227 3.96 -4.48 38.05
CA VAL D 227 3.65 -4.58 36.62
C VAL D 227 4.95 -4.70 35.84
N SER D 228 4.99 -5.64 34.91
CA SER D 228 6.03 -5.69 33.89
C SER D 228 5.37 -5.62 32.51
N VAL D 229 6.08 -5.03 31.56
CA VAL D 229 5.55 -4.82 30.21
C VAL D 229 6.59 -5.25 29.19
N SER D 230 6.23 -6.22 28.35
CA SER D 230 7.03 -6.56 27.17
C SER D 230 6.32 -5.93 25.98
N PHE D 231 6.93 -4.92 25.37
CA PHE D 231 6.27 -4.12 24.35
C PHE D 231 7.11 -4.11 23.08
N THR D 232 6.51 -4.56 21.98
CA THR D 232 7.17 -4.60 20.68
C THR D 232 6.33 -3.84 19.67
N PRO D 233 6.83 -2.72 19.13
CA PRO D 233 6.12 -2.03 18.05
C PRO D 233 6.61 -2.51 16.69
N VAL D 234 5.68 -2.56 15.73
CA VAL D 234 5.95 -3.08 14.39
C VAL D 234 5.37 -2.09 13.39
N LEU D 235 6.22 -1.59 12.50
CA LEU D 235 5.81 -0.64 11.46
C LEU D 235 5.24 -1.38 10.26
N ILE D 236 4.06 -0.98 9.80
CA ILE D 236 3.43 -1.69 8.68
C ILE D 236 3.12 -0.68 7.59
N PRO D 237 2.89 -1.15 6.33
CA PRO D 237 2.70 -0.22 5.19
C PRO D 237 1.30 0.38 5.11
N ALA D 238 0.93 1.17 6.11
CA ALA D 238 -0.27 1.98 6.14
C ALA D 238 0.13 3.35 6.67
N SER D 239 -0.67 4.37 6.35
CA SER D 239 -0.31 5.69 6.85
C SER D 239 -0.81 5.91 8.27
N ARG D 240 -1.97 5.38 8.62
CA ARG D 240 -2.55 5.54 9.95
C ARG D 240 -2.93 4.19 10.52
N GLY D 241 -3.11 4.17 11.84
CA GLY D 241 -3.76 3.06 12.52
C GLY D 241 -2.84 2.33 13.48
N ILE D 242 -3.37 1.90 14.62
CA ILE D 242 -2.65 1.02 15.54
C ILE D 242 -3.57 -0.15 15.86
N LEU D 243 -3.04 -1.36 15.72
CA LEU D 243 -3.70 -2.57 16.19
C LEU D 243 -2.81 -3.19 17.26
N ALA D 244 -3.24 -3.11 18.52
CA ALA D 244 -2.44 -3.64 19.62
C ALA D 244 -2.98 -5.01 20.02
N THR D 245 -2.11 -6.01 19.97
CA THR D 245 -2.43 -7.34 20.48
C THR D 245 -1.78 -7.44 21.85
N CYS D 246 -2.58 -7.70 22.87
CA CYS D 246 -2.11 -7.61 24.24
C CYS D 246 -2.47 -8.91 24.95
N THR D 247 -1.50 -9.52 25.61
CA THR D 247 -1.72 -10.80 26.25
C THR D 247 -1.19 -10.79 27.67
N ALA D 248 -1.75 -11.68 28.48
CA ALA D 248 -1.32 -11.87 29.86
C ALA D 248 -1.85 -13.21 30.32
N ARG D 249 -1.15 -13.82 31.27
CA ARG D 249 -1.63 -15.09 31.82
C ARG D 249 -2.89 -14.84 32.63
N THR D 250 -3.76 -15.84 32.67
CA THR D 250 -5.02 -15.72 33.40
C THR D 250 -5.50 -17.11 33.78
N ARG D 251 -6.32 -17.16 34.83
CA ARG D 251 -7.09 -18.34 35.16
C ARG D 251 -8.58 -18.03 35.29
N SER D 252 -8.98 -16.78 35.06
CA SER D 252 -10.37 -16.39 35.13
C SER D 252 -11.12 -16.84 33.86
N PRO D 253 -12.40 -17.15 34.00
CA PRO D 253 -13.17 -17.59 32.82
C PRO D 253 -13.50 -16.41 31.92
N LEU D 254 -13.66 -16.73 30.64
CA LEU D 254 -13.98 -15.71 29.64
C LEU D 254 -15.20 -14.88 30.05
N SER D 255 -16.23 -15.52 30.59
CA SER D 255 -17.47 -14.79 30.93
C SER D 255 -17.20 -13.68 31.94
N GLN D 256 -16.28 -13.92 32.87
CA GLN D 256 -15.92 -12.89 33.85
C GLN D 256 -15.16 -11.74 33.21
N LEU D 257 -14.19 -12.06 32.36
CA LEU D 257 -13.45 -11.01 31.66
C LEU D 257 -14.36 -10.20 30.76
N ARG D 258 -15.26 -10.85 30.03
CA ARG D 258 -16.20 -10.12 29.17
C ARG D 258 -17.03 -9.14 29.99
N ALA D 259 -17.57 -9.60 31.12
CA ALA D 259 -18.39 -8.72 31.96
C ALA D 259 -17.59 -7.54 32.48
N ALA D 260 -16.31 -7.75 32.82
CA ALA D 260 -15.48 -6.65 33.27
C ALA D 260 -15.28 -5.60 32.18
N TYR D 261 -15.17 -6.03 30.93
CA TYR D 261 -15.04 -5.05 29.84
C TYR D 261 -16.37 -4.36 29.57
N GLU D 262 -17.48 -5.10 29.63
CA GLU D 262 -18.79 -4.47 29.48
C GLU D 262 -19.02 -3.43 30.57
N LYS D 263 -18.61 -3.72 31.79
CA LYS D 263 -18.87 -2.78 32.89
C LYS D 263 -18.02 -1.53 32.76
N ALA D 264 -16.75 -1.70 32.42
CA ALA D 264 -15.85 -0.55 32.30
C ALA D 264 -16.23 0.35 31.12
N TYR D 265 -16.78 -0.24 30.05
CA TYR D 265 -16.94 0.47 28.79
C TYR D 265 -18.38 0.64 28.32
N HIS D 266 -19.39 0.20 29.07
CA HIS D 266 -20.75 0.35 28.57
C HIS D 266 -21.15 1.82 28.42
N ALA D 267 -20.63 2.70 29.27
CA ALA D 267 -20.98 4.11 29.23
C ALA D 267 -19.82 4.98 28.75
N GLU D 268 -18.95 4.43 27.89
CA GLU D 268 -17.83 5.20 27.36
C GLU D 268 -18.08 5.40 25.88
N PRO D 269 -18.40 6.61 25.43
CA PRO D 269 -18.89 6.77 24.05
C PRO D 269 -17.86 6.43 22.98
N PHE D 270 -16.57 6.56 23.25
CA PHE D 270 -15.58 6.31 22.22
C PHE D 270 -15.10 4.86 22.16
N ILE D 271 -15.46 4.04 23.14
CA ILE D 271 -14.99 2.66 23.18
C ILE D 271 -16.11 1.76 22.65
N TYR D 272 -15.79 0.91 21.68
CA TYR D 272 -16.77 0.01 21.08
C TYR D 272 -16.31 -1.43 21.26
N LEU D 273 -17.11 -2.23 21.97
CA LEU D 273 -16.80 -3.64 22.11
C LEU D 273 -17.40 -4.42 20.95
N MET D 274 -16.59 -5.26 20.33
CA MET D 274 -17.02 -5.94 19.11
C MET D 274 -18.14 -6.93 19.43
N PRO D 275 -19.20 -6.97 18.61
CA PRO D 275 -20.17 -8.06 18.74
C PRO D 275 -19.47 -9.42 18.65
N GLU D 276 -20.10 -10.43 19.24
CA GLU D 276 -19.55 -11.78 19.19
C GLU D 276 -19.34 -12.22 17.76
N GLY D 277 -18.16 -12.80 17.49
CA GLY D 277 -17.82 -13.21 16.15
C GLY D 277 -17.08 -12.19 15.33
N GLN D 278 -16.88 -10.98 15.85
CA GLN D 278 -16.20 -9.91 15.15
C GLN D 278 -14.96 -9.49 15.92
N LEU D 279 -13.96 -8.98 15.20
CA LEU D 279 -12.69 -8.52 15.75
C LEU D 279 -12.37 -7.14 15.20
N PRO D 280 -11.57 -6.35 15.92
CA PRO D 280 -11.30 -4.98 15.46
C PRO D 280 -10.44 -4.96 14.20
N ARG D 281 -10.57 -3.86 13.45
CA ARG D 281 -9.64 -3.61 12.35
C ARG D 281 -9.33 -2.11 12.32
N THR D 282 -8.08 -1.77 12.01
CA THR D 282 -7.75 -0.35 12.03
C THR D 282 -8.52 0.43 10.97
N GLY D 283 -8.83 -0.21 9.84
CA GLY D 283 -9.59 0.48 8.80
C GLY D 283 -10.93 0.99 9.27
N ALA D 284 -11.55 0.30 10.23
CA ALA D 284 -12.86 0.72 10.70
C ALA D 284 -12.83 1.95 11.60
N VAL D 285 -11.67 2.33 12.15
CA VAL D 285 -11.60 3.46 13.06
C VAL D 285 -10.84 4.65 12.47
N ILE D 286 -10.28 4.51 11.26
CA ILE D 286 -9.53 5.61 10.67
C ILE D 286 -10.39 6.86 10.56
N GLY D 287 -9.83 8.01 10.97
CA GLY D 287 -10.55 9.25 10.90
C GLY D 287 -11.62 9.43 11.96
N SER D 288 -11.72 8.50 12.90
CA SER D 288 -12.63 8.59 14.03
C SER D 288 -11.80 8.64 15.31
N ASN D 289 -12.46 9.07 16.39
CA ASN D 289 -11.87 9.05 17.72
C ASN D 289 -12.20 7.78 18.49
N ALA D 290 -12.59 6.72 17.79
CA ALA D 290 -13.04 5.50 18.45
C ALA D 290 -11.88 4.53 18.68
N ALA D 291 -12.10 3.64 19.65
CA ALA D 291 -11.30 2.45 19.85
C ALA D 291 -12.24 1.25 19.76
N HIS D 292 -11.87 0.26 18.97
CA HIS D 292 -12.63 -0.98 18.84
C HIS D 292 -11.85 -2.09 19.53
N ILE D 293 -12.54 -2.83 20.41
CA ILE D 293 -11.88 -3.73 21.35
C ILE D 293 -12.61 -5.08 21.36
N ALA D 294 -11.83 -6.15 21.39
CA ALA D 294 -12.36 -7.51 21.56
C ALA D 294 -11.44 -8.26 22.53
N VAL D 295 -12.02 -9.19 23.29
CA VAL D 295 -11.24 -9.99 24.22
C VAL D 295 -11.58 -11.47 24.04
N ALA D 296 -10.64 -12.32 24.45
CA ALA D 296 -10.79 -13.76 24.33
C ALA D 296 -9.85 -14.44 25.31
N VAL D 297 -10.06 -15.74 25.50
CA VAL D 297 -9.17 -16.55 26.35
C VAL D 297 -8.67 -17.74 25.54
N ASP D 298 -7.35 -17.89 25.51
CA ASP D 298 -6.70 -19.07 24.97
C ASP D 298 -6.58 -20.07 26.10
N GLU D 299 -7.51 -21.02 26.17
CA GLU D 299 -7.56 -21.92 27.32
C GLU D 299 -6.32 -22.80 27.40
N ASP D 300 -5.90 -23.37 26.26
CA ASP D 300 -4.72 -24.24 26.23
C ASP D 300 -3.47 -23.51 26.71
N ALA D 301 -3.33 -22.24 26.34
CA ALA D 301 -2.17 -21.45 26.75
C ALA D 301 -2.41 -20.68 28.05
N GLN D 302 -3.59 -20.81 28.64
CA GLN D 302 -3.99 -20.06 29.83
C GLN D 302 -3.66 -18.58 29.69
N THR D 303 -4.04 -18.01 28.54
CA THR D 303 -3.63 -16.65 28.19
C THR D 303 -4.85 -15.83 27.79
N PHE D 304 -4.97 -14.66 28.40
CA PHE D 304 -5.95 -13.66 28.00
C PHE D 304 -5.43 -12.92 26.78
N VAL D 305 -6.33 -12.60 25.84
CA VAL D 305 -5.97 -11.87 24.62
C VAL D 305 -6.94 -10.72 24.46
N ALA D 306 -6.42 -9.49 24.36
CA ALA D 306 -7.22 -8.31 24.06
C ALA D 306 -6.66 -7.63 22.82
N ILE D 307 -7.53 -7.35 21.86
CA ILE D 307 -7.19 -6.60 20.64
C ILE D 307 -7.82 -5.22 20.73
N ALA D 308 -7.03 -4.19 20.44
CA ALA D 308 -7.56 -2.83 20.38
C ALA D 308 -7.07 -2.18 19.09
N ALA D 309 -8.00 -1.54 18.38
CA ALA D 309 -7.68 -0.76 17.18
C ALA D 309 -8.06 0.71 17.41
N ILE D 310 -7.13 1.61 17.07
CA ILE D 310 -7.34 3.05 17.10
C ILE D 310 -6.68 3.67 15.87
N ASP D 311 -7.11 4.89 15.55
CA ASP D 311 -6.36 5.75 14.65
C ASP D 311 -5.28 6.45 15.48
N ASN D 312 -4.01 6.22 15.15
CA ASN D 312 -2.94 6.84 15.93
C ASN D 312 -3.00 8.36 15.92
N LEU D 313 -3.46 8.98 14.82
CA LEU D 313 -3.54 10.43 14.79
C LEU D 313 -4.78 10.99 15.48
N VAL D 314 -5.80 10.18 15.74
CA VAL D 314 -7.02 10.72 16.36
C VAL D 314 -7.05 10.29 17.82
N LYS D 315 -7.61 9.11 18.12
CA LYS D 315 -7.66 8.71 19.53
C LYS D 315 -6.25 8.59 20.12
N GLY D 316 -5.26 8.29 19.29
CA GLY D 316 -3.90 8.21 19.78
C GLY D 316 -3.15 9.54 19.93
N THR D 317 -3.70 10.66 19.43
CA THR D 317 -3.06 11.98 19.53
C THR D 317 -4.04 13.14 19.54
N ALA D 318 -4.41 13.60 18.33
CA ALA D 318 -5.14 14.86 18.20
C ALA D 318 -6.57 14.77 18.72
N GLY D 319 -7.21 13.61 18.54
CA GLY D 319 -8.55 13.44 19.09
C GLY D 319 -8.54 13.39 20.61
N ALA D 320 -7.56 12.68 21.18
CA ALA D 320 -7.36 12.74 22.63
C ALA D 320 -7.13 14.17 23.09
N ALA D 321 -6.32 14.94 22.36
CA ALA D 321 -6.08 16.33 22.72
C ALA D 321 -7.38 17.14 22.66
N VAL D 322 -8.16 16.98 21.59
CA VAL D 322 -9.40 17.75 21.48
C VAL D 322 -10.42 17.26 22.51
N GLN D 323 -10.45 15.95 22.76
CA GLN D 323 -11.34 15.40 23.78
C GLN D 323 -11.05 16.02 25.14
N SER D 324 -9.76 16.06 25.51
CA SER D 324 -9.35 16.64 26.78
C SER D 324 -9.59 18.15 26.80
N MET D 325 -9.37 18.83 25.66
CA MET D 325 -9.69 20.26 25.56
C MET D 325 -11.16 20.52 25.86
N ASN D 326 -12.05 19.67 25.35
CA ASN D 326 -13.48 19.80 25.64
C ASN D 326 -13.73 19.73 27.15
N LEU D 327 -13.17 18.71 27.81
CA LEU D 327 -13.35 18.58 29.25
C LEU D 327 -12.79 19.79 29.99
N ALA D 328 -11.61 20.26 29.59
CA ALA D 328 -10.99 21.39 30.25
C ALA D 328 -11.84 22.64 30.12
N LEU D 329 -12.48 22.83 28.97
CA LEU D 329 -13.29 24.01 28.73
C LEU D 329 -14.72 23.87 29.24
N GLY D 330 -15.10 22.68 29.70
CA GLY D 330 -16.47 22.45 30.13
C GLY D 330 -17.47 22.29 29.01
N TRP D 331 -17.01 21.86 27.83
CA TRP D 331 -17.87 21.57 26.68
C TRP D 331 -18.20 20.08 26.64
N PRO D 332 -19.25 19.68 25.94
CA PRO D 332 -19.52 18.25 25.76
C PRO D 332 -18.27 17.54 25.26
N GLU D 333 -17.94 16.43 25.92
CA GLU D 333 -16.67 15.74 25.66
C GLU D 333 -16.58 15.25 24.22
N THR D 334 -17.71 14.93 23.61
CA THR D 334 -17.76 14.37 22.27
C THR D 334 -17.78 15.43 21.17
N ASP D 335 -17.82 16.71 21.52
CA ASP D 335 -17.89 17.76 20.50
C ASP D 335 -16.73 17.65 19.53
N GLY D 336 -17.06 17.57 18.24
CA GLY D 336 -16.07 17.51 17.18
C GLY D 336 -15.41 16.18 16.99
N LEU D 337 -15.87 15.13 17.67
CA LEU D 337 -15.17 13.84 17.71
C LEU D 337 -16.14 12.71 17.35
N SER D 338 -16.14 12.36 16.07
CA SER D 338 -17.01 11.32 15.55
C SER D 338 -16.48 9.93 15.93
N VAL D 339 -17.41 8.99 16.13
CA VAL D 339 -17.05 7.58 16.30
C VAL D 339 -17.09 6.82 14.97
N VAL D 340 -17.43 7.49 13.88
CA VAL D 340 -17.66 6.85 12.59
C VAL D 340 -16.37 6.89 11.79
N GLY D 341 -15.89 5.71 11.36
CA GLY D 341 -14.69 5.64 10.56
C GLY D 341 -14.88 5.98 9.08
N VAL D 342 -13.77 6.29 8.43
CA VAL D 342 -13.75 6.56 7.00
C VAL D 342 -13.12 5.36 6.31
N ALA D 343 -13.96 4.41 5.90
CA ALA D 343 -13.61 3.14 5.28
C ALA D 343 -14.45 2.98 4.02
N PRO D 344 -13.98 2.22 3.01
CA PRO D 344 -12.70 1.51 2.97
C PRO D 344 -11.55 2.46 2.67
PA NAP E . -20.93 -3.00 -4.36
O1A NAP E . -19.99 -2.48 -3.33
O2A NAP E . -20.44 -4.29 -4.84
O5B NAP E . -22.46 -3.20 -3.68
C5B NAP E . -23.57 -3.23 -4.52
C4B NAP E . -24.88 -3.20 -3.66
O4B NAP E . -25.91 -3.41 -4.42
C3B NAP E . -24.85 -4.35 -2.61
O3B NAP E . -25.24 -3.90 -1.39
C2B NAP E . -25.87 -5.38 -3.15
O2B NAP E . -26.50 -6.11 -2.04
C1B NAP E . -26.74 -4.66 -3.79
N9A NAP E . -27.35 -5.44 -4.85
C8A NAP E . -26.71 -6.09 -5.84
N7A NAP E . -27.65 -6.68 -6.60
C5A NAP E . -28.85 -6.40 -6.08
C6A NAP E . -30.13 -6.75 -6.46
N6A NAP E . -30.83 -7.51 -7.47
N1A NAP E . -31.16 -6.32 -5.74
C2A NAP E . -30.95 -5.55 -4.65
N3A NAP E . -29.71 -5.21 -4.28
C4A NAP E . -28.66 -5.63 -4.99
O3 NAP E . -21.02 -1.92 -5.65
PN NAP E . -20.83 -0.30 -5.50
O1N NAP E . -21.37 0.14 -4.16
O2N NAP E . -19.33 0.05 -5.59
O5D NAP E . -21.66 0.47 -6.72
C5D NAP E . -23.04 0.77 -6.52
C4D NAP E . -23.55 1.71 -7.69
O4D NAP E . -23.06 2.92 -7.53
C3D NAP E . -23.03 1.19 -9.03
O3D NAP E . -24.04 1.22 -9.97
C2D NAP E . -21.90 2.18 -9.41
O2D NAP E . -21.83 2.32 -10.90
C1D NAP E . -22.25 3.29 -8.88
N1N NAP E . -21.07 4.05 -8.53
C2N NAP E . -20.09 3.50 -7.76
C3N NAP E . -18.98 4.22 -7.44
C7N NAP E . -17.89 3.58 -6.56
O7N NAP E . -16.80 4.15 -6.44
N7N NAP E . -18.12 2.36 -5.91
C4N NAP E . -18.85 5.53 -7.89
C5N NAP E . -19.81 6.09 -8.65
C6N NAP E . -20.95 5.35 -8.98
P2B NAP E . -25.81 -7.51 -1.51
O1X NAP E . -26.85 -8.40 -0.91
O2X NAP E . -24.76 -7.19 -0.48
O3X NAP E . -25.17 -8.20 -2.66
PA NAP F . 19.54 7.52 -4.62
O1A NAP F . 19.15 8.68 -3.75
O2A NAP F . 18.77 6.35 -4.22
O5B NAP F . 21.18 7.20 -4.44
C5B NAP F . 22.09 8.04 -5.06
C4B NAP F . 23.55 7.47 -4.87
O4B NAP F . 24.42 8.31 -5.36
C3B NAP F . 23.87 7.35 -3.35
O3B NAP F . 24.44 6.13 -3.11
C2B NAP F . 24.86 8.48 -3.07
O2B NAP F . 25.80 8.10 -2.00
C1B NAP F . 25.49 8.63 -4.20
N9A NAP F . 25.96 10.00 -4.32
C8A NAP F . 25.21 11.11 -4.28
N7A NAP F . 26.02 12.16 -4.45
C5A NAP F . 27.28 11.70 -4.58
C6A NAP F . 28.48 12.33 -4.77
N6A NAP F . 29.05 13.67 -4.91
N1A NAP F . 29.58 11.61 -4.88
C2A NAP F . 29.54 10.26 -4.80
N3A NAP F . 28.34 9.64 -4.62
C4A NAP F . 27.23 10.36 -4.51
O3 NAP F . 19.21 7.89 -6.24
PN NAP F . 18.85 6.78 -7.37
O1N NAP F . 19.56 5.49 -7.04
O2N NAP F . 17.33 6.52 -7.40
O5D NAP F . 19.36 7.31 -8.86
C5D NAP F . 20.69 7.05 -9.27
C4D NAP F . 20.89 7.47 -10.78
O4D NAP F . 20.34 6.59 -11.57
C3D NAP F . 20.17 8.80 -11.04
O3D NAP F . 20.95 9.62 -11.82
C2D NAP F . 18.88 8.39 -11.80
O2D NAP F . 18.48 9.49 -12.74
C1D NAP F . 19.21 7.34 -12.45
N1N NAP F . 18.05 6.48 -12.60
C2N NAP F . 17.35 6.09 -11.51
C3N NAP F . 16.26 5.28 -11.65
C7N NAP F . 15.46 4.83 -10.40
O7N NAP F . 14.39 4.25 -10.53
N7N NAP F . 15.98 5.10 -9.11
C4N NAP F . 15.87 4.85 -12.91
C5N NAP F . 16.57 5.24 -14.00
C6N NAP F . 17.67 6.06 -13.85
P2B NAP F . 25.40 8.47 -0.44
O1X NAP F . 24.69 9.79 -0.41
O2X NAP F . 24.50 7.41 0.12
O3X NAP F . 26.64 8.56 0.38
C1 BTB G . 29.74 -16.67 -17.33
O1 BTB G . 31.11 -16.46 -17.08
C2 BTB G . 29.41 -16.44 -18.81
C3 BTB G . 28.09 -17.15 -19.18
O3 BTB G . 27.69 -16.82 -20.49
C4 BTB G . 29.29 -14.94 -19.07
O4 BTB G . 28.20 -14.37 -18.37
N BTB G . 30.54 -16.97 -19.61
C5 BTB G . 30.61 -18.45 -19.55
C6 BTB G . 32.00 -19.00 -19.65
O6 BTB G . 32.74 -18.70 -18.49
C7 BTB G . 30.56 -16.45 -20.98
C8 BTB G . 31.80 -15.62 -21.26
O8 BTB G . 32.85 -16.01 -20.41
PA NAP H . -5.08 -20.51 -3.75
O1A NAP H . -4.26 -19.34 -4.19
O2A NAP H . -6.47 -20.09 -3.59
O5B NAP H . -4.98 -21.74 -4.89
C5B NAP H . -5.48 -22.98 -4.57
C4B NAP H . -5.19 -23.99 -5.77
O4B NAP H . -5.71 -25.16 -5.50
C3B NAP H . -5.90 -23.49 -7.05
O3B NAP H . -5.06 -23.61 -8.13
C2B NAP H . -7.12 -24.39 -7.21
O2B NAP H . -7.47 -24.59 -8.63
C1B NAP H . -6.74 -25.54 -6.68
N9A NAP H . -7.88 -26.24 -6.14
C8A NAP H . -8.77 -25.78 -5.25
N7A NAP H . -9.66 -26.76 -5.03
C5A NAP H . -9.32 -27.81 -5.76
C6A NAP H . -9.88 -29.05 -5.92
N6A NAP H . -11.01 -29.85 -5.43
N1A NAP H . -9.33 -29.93 -6.74
C2A NAP H . -8.21 -29.61 -7.43
N3A NAP H . -7.67 -28.38 -7.29
C4A NAP H . -8.21 -27.49 -6.46
O3 NAP H . -4.50 -21.09 -2.27
PN NAP H . -2.91 -21.20 -1.90
O1N NAP H . -2.46 -19.96 -1.20
O2N NAP H . -2.09 -21.39 -3.21
O5D NAP H . -2.67 -22.51 -0.90
C5D NAP H . -2.29 -23.76 -1.49
C4D NAP H . -1.80 -24.76 -0.36
O4D NAP H . -0.59 -24.41 0.03
C3D NAP H . -2.70 -24.64 0.86
O3D NAP H . -2.99 -25.89 1.36
C2D NAP H . -1.88 -23.83 1.89
O2D NAP H . -2.22 -24.25 3.28
C1D NAP H . -0.66 -24.12 1.62
N1N NAP H . 0.19 -22.99 1.94
C2N NAP H . -0.08 -21.76 1.41
C3N NAP H . 0.72 -20.70 1.71
C7N NAP H . 0.42 -19.32 1.11
O7N NAP H . 1.05 -18.32 1.50
N7N NAP H . -0.58 -19.18 0.13
C4N NAP H . 1.82 -20.88 2.56
C5N NAP H . 2.08 -22.08 3.09
C6N NAP H . 1.27 -23.16 2.78
P2B NAP H . -8.64 -23.62 -9.28
O1X NAP H . -9.35 -24.36 -10.37
O2X NAP H . -9.63 -23.24 -8.21
O3X NAP H . -8.02 -22.39 -9.84
C1 BTB I . 22.79 -28.47 -10.85
O1 BTB I . 23.23 -28.64 -9.52
C2 BTB I . 21.94 -29.64 -11.35
C3 BTB I . 20.89 -30.04 -10.30
O3 BTB I . 20.08 -28.96 -9.86
C4 BTB I . 21.24 -29.23 -12.64
O4 BTB I . 20.82 -30.37 -13.36
N BTB I . 22.86 -30.80 -11.66
C5 BTB I . 23.42 -31.46 -10.46
C6 BTB I . 22.74 -32.76 -10.09
O6 BTB I . 22.44 -33.54 -11.22
C7 BTB I . 23.95 -30.37 -12.57
C8 BTB I . 24.35 -31.45 -13.54
O8 BTB I . 23.20 -31.92 -14.22
PA NAP J . 6.10 16.06 12.86
O1A NAP J . 7.46 15.91 12.25
O2A NAP J . 5.10 15.62 11.92
O5B NAP J . 5.84 17.69 13.26
C5B NAP J . 6.71 18.30 14.14
C4B NAP J . 6.32 19.82 14.30
O4B NAP J . 6.97 20.35 15.29
C3B NAP J . 6.73 20.61 13.02
O3B NAP J . 5.71 21.40 12.60
C2B NAP J . 7.94 21.44 13.45
O2B NAP J . 8.00 22.71 12.70
C1B NAP J . 7.73 21.67 14.72
N9A NAP J . 8.99 21.84 15.41
C8A NAP J . 10.02 20.98 15.45
N7A NAP J . 10.98 21.54 16.19
C5A NAP J . 10.56 22.74 16.61
C6A NAP J . 11.14 23.71 17.38
N6A NAP J . 12.37 24.00 18.11
N1A NAP J . 10.48 24.82 17.65
C2A NAP J . 9.23 25.01 17.15
N3A NAP J . 8.66 24.05 16.38
C4A NAP J . 9.32 22.92 16.12
O3 NAP J . 6.01 15.12 14.27
PN NAP J . 4.60 14.66 14.96
O1N NAP J . 3.52 15.62 14.56
O2N NAP J . 4.23 13.23 14.48
O5D NAP J . 4.77 14.66 16.61
C5D NAP J . 4.36 15.81 17.34
C4D NAP J . 4.21 15.45 18.87
O4D NAP J . 3.09 14.79 19.07
C3D NAP J . 5.35 14.53 19.30
O3D NAP J . 5.91 14.98 20.47
C2D NAP J . 4.69 13.14 19.51
O2D NAP J . 5.38 12.39 20.61
C1D NAP J . 3.48 13.41 19.84
N1N NAP J . 2.60 12.35 19.40
C2N NAP J . 2.50 12.05 18.07
C3N NAP J . 1.67 11.06 17.65
C7N NAP J . 1.55 10.72 16.16
O7N NAP J . 0.88 9.77 15.78
N7N NAP J . 2.23 11.52 15.20
C4N NAP J . 0.94 10.32 18.59
C5N NAP J . 1.03 10.62 19.90
C6N NAP J . 1.88 11.63 20.32
P2B NAP J . 8.79 22.74 11.25
O1X NAP J . 7.85 22.29 10.17
O2X NAP J . 9.27 24.12 10.96
O3X NAP J . 9.94 21.81 11.31
C1 BTB K . -21.37 23.21 21.39
O1 BTB K . -21.40 22.29 22.48
C2 BTB K . -20.61 24.48 21.75
C3 BTB K . -20.41 25.30 20.46
O3 BTB K . -19.81 26.54 20.77
C4 BTB K . -19.26 24.17 22.40
O4 BTB K . -18.51 23.21 21.70
N BTB K . -21.40 25.37 22.69
C5 BTB K . -21.34 24.96 24.12
C6 BTB K . -20.50 25.86 24.96
O6 BTB K . -20.33 27.11 24.36
C7 BTB K . -22.82 25.59 22.27
C8 BTB K . -23.19 27.03 22.46
O8 BTB K . -22.14 27.86 22.03
#